data_2CIA
# 
_entry.id   2CIA 
# 
_audit_conform.dict_name       mmcif_pdbx.dic 
_audit_conform.dict_version    5.397 
_audit_conform.dict_location   http://mmcif.pdb.org/dictionaries/ascii/mmcif_pdbx.dic 
# 
loop_
_database_2.database_id 
_database_2.database_code 
_database_2.pdbx_database_accession 
_database_2.pdbx_DOI 
PDB   2CIA         pdb_00002cia 10.2210/pdb2cia/pdb 
PDBE  EBI-28216    ?            ?                   
WWPDB D_1290028216 ?            ?                   
# 
loop_
_pdbx_audit_revision_history.ordinal 
_pdbx_audit_revision_history.data_content_type 
_pdbx_audit_revision_history.major_revision 
_pdbx_audit_revision_history.minor_revision 
_pdbx_audit_revision_history.revision_date 
1 'Structure model' 1 0 2006-04-24 
2 'Structure model' 1 1 2011-07-13 
3 'Structure model' 1 2 2019-05-29 
4 'Structure model' 1 3 2024-05-01 
5 'Structure model' 1 4 2024-10-23 
# 
_pdbx_audit_revision_details.ordinal             1 
_pdbx_audit_revision_details.revision_ordinal    1 
_pdbx_audit_revision_details.data_content_type   'Structure model' 
_pdbx_audit_revision_details.provider            repository 
_pdbx_audit_revision_details.type                'Initial release' 
_pdbx_audit_revision_details.description         ? 
_pdbx_audit_revision_details.details             ? 
# 
loop_
_pdbx_audit_revision_group.ordinal 
_pdbx_audit_revision_group.revision_ordinal 
_pdbx_audit_revision_group.data_content_type 
_pdbx_audit_revision_group.group 
1  2 'Structure model' Advisory                    
2  2 'Structure model' 'Version format compliance' 
3  3 'Structure model' 'Data collection'           
4  3 'Structure model' 'Derived calculations'      
5  3 'Structure model' 'Experimental preparation'  
6  3 'Structure model' Other                       
7  4 'Structure model' 'Data collection'           
8  4 'Structure model' 'Database references'       
9  4 'Structure model' Other                       
10 4 'Structure model' 'Refinement description'    
11 5 'Structure model' 'Structure summary'         
# 
loop_
_pdbx_audit_revision_category.ordinal 
_pdbx_audit_revision_category.revision_ordinal 
_pdbx_audit_revision_category.data_content_type 
_pdbx_audit_revision_category.category 
1  3 'Structure model' exptl_crystal_grow            
2  3 'Structure model' pdbx_database_proc            
3  3 'Structure model' pdbx_database_status          
4  3 'Structure model' struct_biol                   
5  3 'Structure model' struct_conn                   
6  4 'Structure model' chem_comp_atom                
7  4 'Structure model' chem_comp_bond                
8  4 'Structure model' database_2                    
9  4 'Structure model' pdbx_database_status          
10 4 'Structure model' pdbx_initial_refinement_model 
11 5 'Structure model' pdbx_entry_details            
12 5 'Structure model' pdbx_modification_feature     
# 
loop_
_pdbx_audit_revision_item.ordinal 
_pdbx_audit_revision_item.revision_ordinal 
_pdbx_audit_revision_item.data_content_type 
_pdbx_audit_revision_item.item 
1 3 'Structure model' '_exptl_crystal_grow.method'                   
2 3 'Structure model' '_pdbx_database_status.recvd_author_approval'  
3 3 'Structure model' '_struct_conn.pdbx_leaving_atom_flag'          
4 4 'Structure model' '_database_2.pdbx_DOI'                         
5 4 'Structure model' '_database_2.pdbx_database_accession'          
6 4 'Structure model' '_pdbx_database_status.status_code_sf'         
7 5 'Structure model' '_pdbx_entry_details.has_protein_modification' 
# 
_pdbx_database_status.status_code                     REL 
_pdbx_database_status.entry_id                        2CIA 
_pdbx_database_status.deposit_site                    PDBE 
_pdbx_database_status.process_site                    PDBE 
_pdbx_database_status.SG_entry                        . 
_pdbx_database_status.recvd_initial_deposition_date   2006-03-17 
_pdbx_database_status.pdb_format_compatible           Y 
_pdbx_database_status.status_code_sf                  REL 
_pdbx_database_status.status_code_mr                  ? 
_pdbx_database_status.status_code_cs                  ? 
_pdbx_database_status.methods_development_category    ? 
_pdbx_database_status.status_code_nmr_data            ? 
# 
loop_
_pdbx_database_related.db_name 
_pdbx_database_related.db_id 
_pdbx_database_related.content_type 
_pdbx_database_related.details 
PDB 1WX6 unspecified 'SOLUTION STRUCTURE OF THE SH3 DOMAIN OF THE HUMANCYTOPLASMIC PROTEIN NCK2' 
PDB 1Z3K unspecified 
'STRUCTURAL INSIGHT INTO THE BINDING DIVERSITY BETWEEN THETYR-PHOSPHORYLATED HUMAN EPHRINBS AND NCK2 SH2 DOMAIN' 
PDB 2CI9 unspecified 'NCK1 SH2-DOMAIN IN COMPLEX WITH A DODECAPHOSPHOPEPTIDE FROM EPEC PROTEIN TIR' 
# 
loop_
_audit_author.name 
_audit_author.pdbx_ordinal 
'Frese, S.'       1 
'Schubert, W.-D.' 2 
'Findeis, A.C.'   3 
'Marquardt, T.'   4 
'Roske, Y.S.'     5 
'Stradal, T.E.B.' 6 
'Heinz, D.W.'     7 
# 
_citation.id                        primary 
_citation.title                     'The Phosphotyrosine Peptide Binding Specificity of Nck1 and Nck2 Src Homology 2 Domains.' 
_citation.journal_abbrev            J.Biol.Chem. 
_citation.journal_volume            281 
_citation.page_first                18236 
_citation.page_last                 ? 
_citation.year                      2006 
_citation.journal_id_ASTM           JBCHA3 
_citation.country                   US 
_citation.journal_id_ISSN           0021-9258 
_citation.journal_id_CSD            0071 
_citation.book_publisher            ? 
_citation.pdbx_database_id_PubMed   16636066 
_citation.pdbx_database_id_DOI      10.1074/JBC.M512917200 
# 
loop_
_citation_author.citation_id 
_citation_author.name 
_citation_author.ordinal 
_citation_author.identifier_ORCID 
primary 'Frese, S.'       1 ? 
primary 'Schubert, W.-D.' 2 ? 
primary 'Findeis, A.C.'   3 ? 
primary 'Marquardt, T.'   4 ? 
primary 'Roske, Y.S.'     5 ? 
primary 'Stradal, T.E.B.' 6 ? 
primary 'Heinz, D.W.'     7 ? 
# 
loop_
_entity.id 
_entity.type 
_entity.src_method 
_entity.pdbx_description 
_entity.formula_weight 
_entity.pdbx_number_of_molecules 
_entity.pdbx_ec 
_entity.pdbx_mutation 
_entity.pdbx_fragment 
_entity.details 
1 polymer     man 'CYTOPLASMIC PROTEIN NCK2'      11679.088 1   ? ? 'SH2-DOMAIN, RESIDUES 284-380'                       ? 
2 polymer     syn 'TRANSLOCATED INTIMIN RECEPTOR' 1236.201  1   ? ? 'PHOSPHOPEPTIDE LIGAND OF NCK-SH2, RESIDUES 471-480' 
'THE PEPTIDE WAS SYNTHESIZED CHEMICALLY' 
3 non-polymer syn '(4S)-2-METHYL-2,4-PENTANEDIOL' 118.174   1   ? ? ?                                                    ? 
4 non-polymer syn 'ISOPROPYL ALCOHOL'             60.095    1   ? ? ?                                                    ? 
5 water       nat water                           18.015    103 ? ? ?                                                    ? 
# 
_entity_name_com.entity_id   1 
_entity_name_com.name        'NCK ADAPTOR PROTEIN 2, SH2/SH3 ADAPTOR PROTEIN NCK-BETA, NCK-2' 
# 
loop_
_entity_poly.entity_id 
_entity_poly.type 
_entity_poly.nstd_linkage 
_entity_poly.nstd_monomer 
_entity_poly.pdbx_seq_one_letter_code 
_entity_poly.pdbx_seq_one_letter_code_can 
_entity_poly.pdbx_strand_id 
_entity_poly.pdbx_target_identifier 
1 'polypeptide(L)' no no  
;GPLGSEWYYGNVTRHQAECALNERGVEGDFLIRDSESSPSDFSVSLKASGKNKHFKVQLVDNVYCIGQRRFHTMDELVEH
YKKAPIFTSEHGEKLYLVRALQ
;
;GPLGSEWYYGNVTRHQAECALNERGVEGDFLIRDSESSPSDFSVSLKASGKNKHFKVQLVDNVYCIGQRRFHTMDELVEH
YKKAPIFTSEHGEKLYLVRALQ
;
A ? 
2 'polypeptide(L)' no yes '(ACE)HI(PTR)DEVAADP' XHIYDEVAADP L ? 
# 
loop_
_pdbx_entity_nonpoly.entity_id 
_pdbx_entity_nonpoly.name 
_pdbx_entity_nonpoly.comp_id 
3 '(4S)-2-METHYL-2,4-PENTANEDIOL' MPD 
4 'ISOPROPYL ALCOHOL'             IPA 
5 water                           HOH 
# 
loop_
_entity_poly_seq.entity_id 
_entity_poly_seq.num 
_entity_poly_seq.mon_id 
_entity_poly_seq.hetero 
1 1   GLY n 
1 2   PRO n 
1 3   LEU n 
1 4   GLY n 
1 5   SER n 
1 6   GLU n 
1 7   TRP n 
1 8   TYR n 
1 9   TYR n 
1 10  GLY n 
1 11  ASN n 
1 12  VAL n 
1 13  THR n 
1 14  ARG n 
1 15  HIS n 
1 16  GLN n 
1 17  ALA n 
1 18  GLU n 
1 19  CYS n 
1 20  ALA n 
1 21  LEU n 
1 22  ASN n 
1 23  GLU n 
1 24  ARG n 
1 25  GLY n 
1 26  VAL n 
1 27  GLU n 
1 28  GLY n 
1 29  ASP n 
1 30  PHE n 
1 31  LEU n 
1 32  ILE n 
1 33  ARG n 
1 34  ASP n 
1 35  SER n 
1 36  GLU n 
1 37  SER n 
1 38  SER n 
1 39  PRO n 
1 40  SER n 
1 41  ASP n 
1 42  PHE n 
1 43  SER n 
1 44  VAL n 
1 45  SER n 
1 46  LEU n 
1 47  LYS n 
1 48  ALA n 
1 49  SER n 
1 50  GLY n 
1 51  LYS n 
1 52  ASN n 
1 53  LYS n 
1 54  HIS n 
1 55  PHE n 
1 56  LYS n 
1 57  VAL n 
1 58  GLN n 
1 59  LEU n 
1 60  VAL n 
1 61  ASP n 
1 62  ASN n 
1 63  VAL n 
1 64  TYR n 
1 65  CYS n 
1 66  ILE n 
1 67  GLY n 
1 68  GLN n 
1 69  ARG n 
1 70  ARG n 
1 71  PHE n 
1 72  HIS n 
1 73  THR n 
1 74  MET n 
1 75  ASP n 
1 76  GLU n 
1 77  LEU n 
1 78  VAL n 
1 79  GLU n 
1 80  HIS n 
1 81  TYR n 
1 82  LYS n 
1 83  LYS n 
1 84  ALA n 
1 85  PRO n 
1 86  ILE n 
1 87  PHE n 
1 88  THR n 
1 89  SER n 
1 90  GLU n 
1 91  HIS n 
1 92  GLY n 
1 93  GLU n 
1 94  LYS n 
1 95  LEU n 
1 96  TYR n 
1 97  LEU n 
1 98  VAL n 
1 99  ARG n 
1 100 ALA n 
1 101 LEU n 
1 102 GLN n 
2 1   ACE n 
2 2   HIS n 
2 3   ILE n 
2 4   PTR n 
2 5   ASP n 
2 6   GLU n 
2 7   VAL n 
2 8   ALA n 
2 9   ALA n 
2 10  ASP n 
2 11  PRO n 
# 
_entity_src_gen.entity_id                          1 
_entity_src_gen.pdbx_src_id                        1 
_entity_src_gen.pdbx_alt_source_flag               sample 
_entity_src_gen.pdbx_seq_type                      ? 
_entity_src_gen.pdbx_beg_seq_num                   ? 
_entity_src_gen.pdbx_end_seq_num                   ? 
_entity_src_gen.gene_src_common_name               HUMAN 
_entity_src_gen.gene_src_genus                     ? 
_entity_src_gen.pdbx_gene_src_gene                 ? 
_entity_src_gen.gene_src_species                   ? 
_entity_src_gen.gene_src_strain                    ? 
_entity_src_gen.gene_src_tissue                    ? 
_entity_src_gen.gene_src_tissue_fraction           ? 
_entity_src_gen.gene_src_details                   ? 
_entity_src_gen.pdbx_gene_src_fragment             ? 
_entity_src_gen.pdbx_gene_src_scientific_name      'HOMO SAPIENS' 
_entity_src_gen.pdbx_gene_src_ncbi_taxonomy_id     9606 
_entity_src_gen.pdbx_gene_src_variant              ? 
_entity_src_gen.pdbx_gene_src_cell_line            ? 
_entity_src_gen.pdbx_gene_src_atcc                 ? 
_entity_src_gen.pdbx_gene_src_organ                ? 
_entity_src_gen.pdbx_gene_src_organelle            ? 
_entity_src_gen.pdbx_gene_src_cell                 ? 
_entity_src_gen.pdbx_gene_src_cellular_location    ? 
_entity_src_gen.host_org_common_name               ? 
_entity_src_gen.pdbx_host_org_scientific_name      'ESCHERICHIA COLI' 
_entity_src_gen.pdbx_host_org_ncbi_taxonomy_id     511693 
_entity_src_gen.host_org_genus                     ? 
_entity_src_gen.pdbx_host_org_gene                 ? 
_entity_src_gen.pdbx_host_org_organ                ? 
_entity_src_gen.host_org_species                   ? 
_entity_src_gen.pdbx_host_org_tissue               ? 
_entity_src_gen.pdbx_host_org_tissue_fraction      ? 
_entity_src_gen.pdbx_host_org_strain               BL21 
_entity_src_gen.pdbx_host_org_variant              ? 
_entity_src_gen.pdbx_host_org_cell_line            ? 
_entity_src_gen.pdbx_host_org_atcc                 ? 
_entity_src_gen.pdbx_host_org_culture_collection   ? 
_entity_src_gen.pdbx_host_org_cell                 ? 
_entity_src_gen.pdbx_host_org_organelle            ? 
_entity_src_gen.pdbx_host_org_cellular_location    ? 
_entity_src_gen.pdbx_host_org_vector_type          ? 
_entity_src_gen.pdbx_host_org_vector               ? 
_entity_src_gen.host_org_details                   ? 
_entity_src_gen.expression_system_id               ? 
_entity_src_gen.plasmid_name                       'PGEX-6P-1 (AMERSHAM BIOSCIENCES)' 
_entity_src_gen.plasmid_details                    ? 
_entity_src_gen.pdbx_description                   ? 
# 
_pdbx_entity_src_syn.entity_id              2 
_pdbx_entity_src_syn.pdbx_src_id            1 
_pdbx_entity_src_syn.pdbx_alt_source_flag   sample 
_pdbx_entity_src_syn.pdbx_beg_seq_num       ? 
_pdbx_entity_src_syn.pdbx_end_seq_num       ? 
_pdbx_entity_src_syn.organism_scientific    'ESCHERICHIA COLI' 
_pdbx_entity_src_syn.organism_common_name   ? 
_pdbx_entity_src_syn.ncbi_taxonomy_id       562 
_pdbx_entity_src_syn.details                ? 
# 
loop_
_chem_comp.id 
_chem_comp.type 
_chem_comp.mon_nstd_flag 
_chem_comp.name 
_chem_comp.pdbx_synonyms 
_chem_comp.formula 
_chem_comp.formula_weight 
ACE non-polymer         . 'ACETYL GROUP'                  ?                 'C2 H4 O'        44.053  
ALA 'L-peptide linking' y ALANINE                         ?                 'C3 H7 N O2'     89.093  
ARG 'L-peptide linking' y ARGININE                        ?                 'C6 H15 N4 O2 1' 175.209 
ASN 'L-peptide linking' y ASPARAGINE                      ?                 'C4 H8 N2 O3'    132.118 
ASP 'L-peptide linking' y 'ASPARTIC ACID'                 ?                 'C4 H7 N O4'     133.103 
CYS 'L-peptide linking' y CYSTEINE                        ?                 'C3 H7 N O2 S'   121.158 
GLN 'L-peptide linking' y GLUTAMINE                       ?                 'C5 H10 N2 O3'   146.144 
GLU 'L-peptide linking' y 'GLUTAMIC ACID'                 ?                 'C5 H9 N O4'     147.129 
GLY 'peptide linking'   y GLYCINE                         ?                 'C2 H5 N O2'     75.067  
HIS 'L-peptide linking' y HISTIDINE                       ?                 'C6 H10 N3 O2 1' 156.162 
HOH non-polymer         . WATER                           ?                 'H2 O'           18.015  
ILE 'L-peptide linking' y ISOLEUCINE                      ?                 'C6 H13 N O2'    131.173 
IPA non-polymer         . 'ISOPROPYL ALCOHOL'             2-PROPANOL        'C3 H8 O'        60.095  
LEU 'L-peptide linking' y LEUCINE                         ?                 'C6 H13 N O2'    131.173 
LYS 'L-peptide linking' y LYSINE                          ?                 'C6 H15 N2 O2 1' 147.195 
MET 'L-peptide linking' y METHIONINE                      ?                 'C5 H11 N O2 S'  149.211 
MPD non-polymer         . '(4S)-2-METHYL-2,4-PENTANEDIOL' ?                 'C6 H14 O2'      118.174 
PHE 'L-peptide linking' y PHENYLALANINE                   ?                 'C9 H11 N O2'    165.189 
PRO 'L-peptide linking' y PROLINE                         ?                 'C5 H9 N O2'     115.130 
PTR 'L-peptide linking' n O-PHOSPHOTYROSINE               PHOSPHONOTYROSINE 'C9 H12 N O6 P'  261.168 
SER 'L-peptide linking' y SERINE                          ?                 'C3 H7 N O3'     105.093 
THR 'L-peptide linking' y THREONINE                       ?                 'C4 H9 N O3'     119.119 
TRP 'L-peptide linking' y TRYPTOPHAN                      ?                 'C11 H12 N2 O2'  204.225 
TYR 'L-peptide linking' y TYROSINE                        ?                 'C9 H11 N O3'    181.189 
VAL 'L-peptide linking' y VALINE                          ?                 'C5 H11 N O2'    117.146 
# 
loop_
_pdbx_poly_seq_scheme.asym_id 
_pdbx_poly_seq_scheme.entity_id 
_pdbx_poly_seq_scheme.seq_id 
_pdbx_poly_seq_scheme.mon_id 
_pdbx_poly_seq_scheme.ndb_seq_num 
_pdbx_poly_seq_scheme.pdb_seq_num 
_pdbx_poly_seq_scheme.auth_seq_num 
_pdbx_poly_seq_scheme.pdb_mon_id 
_pdbx_poly_seq_scheme.auth_mon_id 
_pdbx_poly_seq_scheme.pdb_strand_id 
_pdbx_poly_seq_scheme.pdb_ins_code 
_pdbx_poly_seq_scheme.hetero 
A 1 1   GLY 1   279 ?   ?   ?   A . n 
A 1 2   PRO 2   280 ?   ?   ?   A . n 
A 1 3   LEU 3   281 ?   ?   ?   A . n 
A 1 4   GLY 4   282 ?   ?   ?   A . n 
A 1 5   SER 5   283 283 SER SER A . n 
A 1 6   GLU 6   284 284 GLU GLU A . n 
A 1 7   TRP 7   285 285 TRP TRP A . n 
A 1 8   TYR 8   286 286 TYR TYR A . n 
A 1 9   TYR 9   287 287 TYR TYR A . n 
A 1 10  GLY 10  288 288 GLY GLY A . n 
A 1 11  ASN 11  289 289 ASN ASN A . n 
A 1 12  VAL 12  290 290 VAL VAL A . n 
A 1 13  THR 13  291 291 THR THR A . n 
A 1 14  ARG 14  292 292 ARG ARG A . n 
A 1 15  HIS 15  293 293 HIS HIS A . n 
A 1 16  GLN 16  294 294 GLN GLN A . n 
A 1 17  ALA 17  295 295 ALA ALA A . n 
A 1 18  GLU 18  296 296 GLU GLU A . n 
A 1 19  CYS 19  297 297 CYS CYS A . n 
A 1 20  ALA 20  298 298 ALA ALA A . n 
A 1 21  LEU 21  299 299 LEU LEU A . n 
A 1 22  ASN 22  300 300 ASN ASN A . n 
A 1 23  GLU 23  301 301 GLU GLU A . n 
A 1 24  ARG 24  302 302 ARG ARG A . n 
A 1 25  GLY 25  303 303 GLY GLY A . n 
A 1 26  VAL 26  304 304 VAL VAL A . n 
A 1 27  GLU 27  305 305 GLU GLU A . n 
A 1 28  GLY 28  306 306 GLY GLY A . n 
A 1 29  ASP 29  307 307 ASP ASP A . n 
A 1 30  PHE 30  308 308 PHE PHE A . n 
A 1 31  LEU 31  309 309 LEU LEU A . n 
A 1 32  ILE 32  310 310 ILE ILE A . n 
A 1 33  ARG 33  311 311 ARG ARG A . n 
A 1 34  ASP 34  312 312 ASP ASP A . n 
A 1 35  SER 35  313 313 SER SER A . n 
A 1 36  GLU 36  314 314 GLU GLU A . n 
A 1 37  SER 37  315 315 SER SER A . n 
A 1 38  SER 38  316 316 SER SER A . n 
A 1 39  PRO 39  317 317 PRO PRO A . n 
A 1 40  SER 40  318 318 SER SER A . n 
A 1 41  ASP 41  319 319 ASP ASP A . n 
A 1 42  PHE 42  320 320 PHE PHE A . n 
A 1 43  SER 43  321 321 SER SER A . n 
A 1 44  VAL 44  322 322 VAL VAL A . n 
A 1 45  SER 45  323 323 SER SER A . n 
A 1 46  LEU 46  324 324 LEU LEU A . n 
A 1 47  LYS 47  325 325 LYS LYS A . n 
A 1 48  ALA 48  326 326 ALA ALA A . n 
A 1 49  SER 49  327 327 SER SER A . n 
A 1 50  GLY 50  328 328 GLY GLY A . n 
A 1 51  LYS 51  329 329 LYS LYS A . n 
A 1 52  ASN 52  330 330 ASN ASN A . n 
A 1 53  LYS 53  331 331 LYS LYS A . n 
A 1 54  HIS 54  332 332 HIS HIS A . n 
A 1 55  PHE 55  333 333 PHE PHE A . n 
A 1 56  LYS 56  334 334 LYS LYS A . n 
A 1 57  VAL 57  335 335 VAL VAL A . n 
A 1 58  GLN 58  336 336 GLN GLN A . n 
A 1 59  LEU 59  337 337 LEU LEU A . n 
A 1 60  VAL 60  338 338 VAL VAL A . n 
A 1 61  ASP 61  339 339 ASP ASP A . n 
A 1 62  ASN 62  340 340 ASN ASN A . n 
A 1 63  VAL 63  341 341 VAL VAL A . n 
A 1 64  TYR 64  342 342 TYR TYR A . n 
A 1 65  CYS 65  343 343 CYS CYS A . n 
A 1 66  ILE 66  344 344 ILE ILE A . n 
A 1 67  GLY 67  345 345 GLY GLY A . n 
A 1 68  GLN 68  346 346 GLN GLN A . n 
A 1 69  ARG 69  347 347 ARG ARG A . n 
A 1 70  ARG 70  348 348 ARG ARG A . n 
A 1 71  PHE 71  349 349 PHE PHE A . n 
A 1 72  HIS 72  350 350 HIS HIS A . n 
A 1 73  THR 73  351 351 THR THR A . n 
A 1 74  MET 74  352 352 MET MET A . n 
A 1 75  ASP 75  353 353 ASP ASP A . n 
A 1 76  GLU 76  354 354 GLU GLU A . n 
A 1 77  LEU 77  355 355 LEU LEU A . n 
A 1 78  VAL 78  356 356 VAL VAL A . n 
A 1 79  GLU 79  357 357 GLU GLU A . n 
A 1 80  HIS 80  358 358 HIS HIS A . n 
A 1 81  TYR 81  359 359 TYR TYR A . n 
A 1 82  LYS 82  360 360 LYS LYS A . n 
A 1 83  LYS 83  361 361 LYS LYS A . n 
A 1 84  ALA 84  362 362 ALA ALA A . n 
A 1 85  PRO 85  363 363 PRO PRO A . n 
A 1 86  ILE 86  364 364 ILE ILE A . n 
A 1 87  PHE 87  365 365 PHE PHE A . n 
A 1 88  THR 88  366 366 THR THR A . n 
A 1 89  SER 89  367 367 SER SER A . n 
A 1 90  GLU 90  368 368 GLU GLU A . n 
A 1 91  HIS 91  369 369 HIS HIS A . n 
A 1 92  GLY 92  370 370 GLY GLY A . n 
A 1 93  GLU 93  371 371 GLU GLU A . n 
A 1 94  LYS 94  372 372 LYS LYS A . n 
A 1 95  LEU 95  373 373 LEU LEU A . n 
A 1 96  TYR 96  374 374 TYR TYR A . n 
A 1 97  LEU 97  375 375 LEU LEU A . n 
A 1 98  VAL 98  376 376 VAL VAL A . n 
A 1 99  ARG 99  377 377 ARG ARG A . n 
A 1 100 ALA 100 378 378 ALA ALA A . n 
A 1 101 LEU 101 379 379 LEU LEU A . n 
A 1 102 GLN 102 380 380 GLN GLN A . n 
B 2 1   ACE 1   471 471 ACE ACE L . n 
B 2 2   HIS 2   472 472 HIS HIS L . n 
B 2 3   ILE 3   473 473 ILE ILE L . n 
B 2 4   PTR 4   474 474 PTR PTR L . n 
B 2 5   ASP 5   475 475 ASP ASP L . n 
B 2 6   GLU 6   476 476 GLU GLU L . n 
B 2 7   VAL 7   477 477 VAL VAL L . n 
B 2 8   ALA 8   478 478 ALA ALA L . n 
B 2 9   ALA 9   479 479 ALA ALA L . n 
B 2 10  ASP 10  480 480 ASP ASP L . n 
B 2 11  PRO 11  481 ?   ?   ?   L . n 
# 
loop_
_pdbx_nonpoly_scheme.asym_id 
_pdbx_nonpoly_scheme.entity_id 
_pdbx_nonpoly_scheme.mon_id 
_pdbx_nonpoly_scheme.ndb_seq_num 
_pdbx_nonpoly_scheme.pdb_seq_num 
_pdbx_nonpoly_scheme.auth_seq_num 
_pdbx_nonpoly_scheme.pdb_mon_id 
_pdbx_nonpoly_scheme.auth_mon_id 
_pdbx_nonpoly_scheme.pdb_strand_id 
_pdbx_nonpoly_scheme.pdb_ins_code 
C 3 MPD 1  1381 1381 MPD MPD A . 
D 4 IPA 1  1382 1382 IPA IPA A . 
E 5 HOH 1  2001 2001 HOH HOH A . 
E 5 HOH 2  2002 2002 HOH HOH A . 
E 5 HOH 3  2003 2003 HOH HOH A . 
E 5 HOH 4  2004 2004 HOH HOH A . 
E 5 HOH 5  2005 2005 HOH HOH A . 
E 5 HOH 6  2006 2006 HOH HOH A . 
E 5 HOH 7  2007 2007 HOH HOH A . 
E 5 HOH 8  2008 2008 HOH HOH A . 
E 5 HOH 9  2009 2009 HOH HOH A . 
E 5 HOH 10 2010 2010 HOH HOH A . 
E 5 HOH 11 2011 2011 HOH HOH A . 
E 5 HOH 12 2012 2012 HOH HOH A . 
E 5 HOH 13 2013 2013 HOH HOH A . 
E 5 HOH 14 2014 2014 HOH HOH A . 
E 5 HOH 15 2015 2015 HOH HOH A . 
E 5 HOH 16 2016 2016 HOH HOH A . 
E 5 HOH 17 2017 2017 HOH HOH A . 
E 5 HOH 18 2018 2018 HOH HOH A . 
E 5 HOH 19 2019 2019 HOH HOH A . 
E 5 HOH 20 2020 2020 HOH HOH A . 
E 5 HOH 21 2021 2021 HOH HOH A . 
E 5 HOH 22 2022 2022 HOH HOH A . 
E 5 HOH 23 2023 2023 HOH HOH A . 
E 5 HOH 24 2024 2024 HOH HOH A . 
E 5 HOH 25 2025 2025 HOH HOH A . 
E 5 HOH 26 2026 2026 HOH HOH A . 
E 5 HOH 27 2027 2027 HOH HOH A . 
E 5 HOH 28 2028 2028 HOH HOH A . 
E 5 HOH 29 2029 2029 HOH HOH A . 
E 5 HOH 30 2030 2030 HOH HOH A . 
E 5 HOH 31 2031 2031 HOH HOH A . 
E 5 HOH 32 2032 2032 HOH HOH A . 
E 5 HOH 33 2033 2033 HOH HOH A . 
E 5 HOH 34 2034 2034 HOH HOH A . 
E 5 HOH 35 2035 2035 HOH HOH A . 
E 5 HOH 36 2036 2036 HOH HOH A . 
E 5 HOH 37 2037 2037 HOH HOH A . 
E 5 HOH 38 2038 2038 HOH HOH A . 
E 5 HOH 39 2039 2039 HOH HOH A . 
E 5 HOH 40 2040 2040 HOH HOH A . 
E 5 HOH 41 2041 2041 HOH HOH A . 
E 5 HOH 42 2042 2042 HOH HOH A . 
E 5 HOH 43 2043 2043 HOH HOH A . 
E 5 HOH 44 2044 2044 HOH HOH A . 
E 5 HOH 45 2045 2045 HOH HOH A . 
E 5 HOH 46 2046 2046 HOH HOH A . 
E 5 HOH 47 2047 2047 HOH HOH A . 
E 5 HOH 48 2048 2048 HOH HOH A . 
E 5 HOH 49 2049 2049 HOH HOH A . 
E 5 HOH 50 2050 2050 HOH HOH A . 
E 5 HOH 51 2051 2051 HOH HOH A . 
E 5 HOH 52 2052 2052 HOH HOH A . 
E 5 HOH 53 2053 2053 HOH HOH A . 
E 5 HOH 54 2054 2054 HOH HOH A . 
E 5 HOH 55 2055 2055 HOH HOH A . 
E 5 HOH 56 2056 2056 HOH HOH A . 
E 5 HOH 57 2057 2057 HOH HOH A . 
E 5 HOH 58 2058 2058 HOH HOH A . 
E 5 HOH 59 2059 2059 HOH HOH A . 
E 5 HOH 60 2060 2060 HOH HOH A . 
E 5 HOH 61 2061 2061 HOH HOH A . 
E 5 HOH 62 2062 2062 HOH HOH A . 
E 5 HOH 63 2063 2063 HOH HOH A . 
E 5 HOH 64 2064 2064 HOH HOH A . 
E 5 HOH 65 2065 2065 HOH HOH A . 
E 5 HOH 66 2066 2066 HOH HOH A . 
E 5 HOH 67 2067 2067 HOH HOH A . 
E 5 HOH 68 2068 2068 HOH HOH A . 
E 5 HOH 69 2069 2069 HOH HOH A . 
E 5 HOH 70 2070 2070 HOH HOH A . 
E 5 HOH 71 2071 2071 HOH HOH A . 
E 5 HOH 72 2072 2072 HOH HOH A . 
E 5 HOH 73 2073 2073 HOH HOH A . 
E 5 HOH 74 2074 2074 HOH HOH A . 
E 5 HOH 75 2075 2075 HOH HOH A . 
E 5 HOH 76 2076 2076 HOH HOH A . 
E 5 HOH 77 2077 2077 HOH HOH A . 
E 5 HOH 78 2078 2078 HOH HOH A . 
E 5 HOH 79 2079 2079 HOH HOH A . 
E 5 HOH 80 2080 2080 HOH HOH A . 
E 5 HOH 81 2081 2081 HOH HOH A . 
E 5 HOH 82 2082 2082 HOH HOH A . 
E 5 HOH 83 2083 2083 HOH HOH A . 
E 5 HOH 84 2084 2084 HOH HOH A . 
E 5 HOH 85 2085 2085 HOH HOH A . 
E 5 HOH 86 2086 2086 HOH HOH A . 
E 5 HOH 87 2087 2087 HOH HOH A . 
E 5 HOH 88 2088 2088 HOH HOH A . 
E 5 HOH 89 2089 2089 HOH HOH A . 
E 5 HOH 90 2090 2090 HOH HOH A . 
E 5 HOH 91 2091 2091 HOH HOH A . 
E 5 HOH 92 2092 2092 HOH HOH A . 
F 5 HOH 1  2001 2001 HOH HOH L . 
F 5 HOH 2  2002 2002 HOH HOH L . 
F 5 HOH 3  2003 2003 HOH HOH L . 
F 5 HOH 4  2004 2004 HOH HOH L . 
F 5 HOH 5  2005 2005 HOH HOH L . 
F 5 HOH 6  2006 2006 HOH HOH L . 
F 5 HOH 7  2007 2007 HOH HOH L . 
F 5 HOH 8  2008 2008 HOH HOH L . 
F 5 HOH 9  2009 2009 HOH HOH L . 
F 5 HOH 10 2010 2010 HOH HOH L . 
F 5 HOH 11 2011 2011 HOH HOH L . 
# 
loop_
_pdbx_unobs_or_zero_occ_atoms.id 
_pdbx_unobs_or_zero_occ_atoms.PDB_model_num 
_pdbx_unobs_or_zero_occ_atoms.polymer_flag 
_pdbx_unobs_or_zero_occ_atoms.occupancy_flag 
_pdbx_unobs_or_zero_occ_atoms.auth_asym_id 
_pdbx_unobs_or_zero_occ_atoms.auth_comp_id 
_pdbx_unobs_or_zero_occ_atoms.auth_seq_id 
_pdbx_unobs_or_zero_occ_atoms.PDB_ins_code 
_pdbx_unobs_or_zero_occ_atoms.auth_atom_id 
_pdbx_unobs_or_zero_occ_atoms.label_alt_id 
_pdbx_unobs_or_zero_occ_atoms.label_asym_id 
_pdbx_unobs_or_zero_occ_atoms.label_comp_id 
_pdbx_unobs_or_zero_occ_atoms.label_seq_id 
_pdbx_unobs_or_zero_occ_atoms.label_atom_id 
1  1 Y 1 A SER 283  ? OG  ? A SER 5  OG  
2  1 Y 1 L ASP 480  ? CA  ? B ASP 10 CA  
3  1 Y 1 L ASP 480  ? C   ? B ASP 10 C   
4  1 Y 1 L ASP 480  ? O   ? B ASP 10 O   
5  1 Y 1 L ASP 480  ? CB  ? B ASP 10 CB  
6  1 Y 1 L ASP 480  ? CG  ? B ASP 10 CG  
7  1 Y 1 L ASP 480  ? OD1 ? B ASP 10 OD1 
8  1 Y 1 L ASP 480  ? OD2 ? B ASP 10 OD2 
9  1 N 1 A MPD 1381 ? CM  ? C MPD 1  CM  
10 1 N 1 A MPD 1381 ? O4  ? C MPD 1  O4  
# 
loop_
_software.name 
_software.classification 
_software.version 
_software.citation_id 
_software.pdbx_ordinal 
_software.date 
_software.type 
_software.location 
_software.language 
REFMAC    refinement       5.2.0019 ? 1 ? ? ? ? 
DENZO     'data reduction' .        ? 2 ? ? ? ? 
SCALEPACK 'data scaling'   .        ? 3 ? ? ? ? 
EPMR      phasing          .        ? 4 ? ? ? ? 
# 
_cell.entry_id           2CIA 
_cell.length_a           31.244 
_cell.length_b           52.188 
_cell.length_c           58.100 
_cell.angle_alpha        90.00 
_cell.angle_beta         90.00 
_cell.angle_gamma        90.00 
_cell.Z_PDB              4 
_cell.pdbx_unique_axis   ? 
# 
_symmetry.entry_id                         2CIA 
_symmetry.space_group_name_H-M             'P 21 21 21' 
_symmetry.pdbx_full_space_group_name_H-M   ? 
_symmetry.cell_setting                     ? 
_symmetry.Int_Tables_number                19 
# 
_exptl.entry_id          2CIA 
_exptl.method            'X-RAY DIFFRACTION' 
_exptl.crystals_number   1 
# 
_exptl_crystal.id                    1 
_exptl_crystal.density_meas          ? 
_exptl_crystal.density_Matthews      1.98 
_exptl_crystal.density_percent_sol   37.4 
_exptl_crystal.description           ? 
_exptl_crystal.preparation           ? 
# 
_exptl_crystal_grow.crystal_id      1 
_exptl_crystal_grow.method          'VAPOR DIFFUSION, HANGING DROP' 
_exptl_crystal_grow.temp            ? 
_exptl_crystal_grow.temp_details    ? 
_exptl_crystal_grow.pH              7.00 
_exptl_crystal_grow.pdbx_pH_range   ? 
_exptl_crystal_grow.pdbx_details    
;METHOD: HANGING-DROP, VAPOUR-DIFFUSION PROTEIN CONCENTRATION: 8 MG/ML PROTEIN:LIGAND = 1:1.1 RESERVOIRE: 50% MPD, 15% ETHANOL, 0.01 M NA2 ACETATE, pH 7.00
;
# 
_diffrn.id                               1 
_diffrn.ambient_temp                     100.0 
_diffrn.ambient_temp_details             ? 
_diffrn.crystal_id                       1 
_diffrn.pdbx_serial_crystal_experiment   ? 
# 
_diffrn_detector.diffrn_id              1 
_diffrn_detector.detector               CCD 
_diffrn_detector.type                   MARRESEARCH 
_diffrn_detector.pdbx_collection_date   2004-05-17 
_diffrn_detector.details                '2 AU COATED X-RAY MIRRORS' 
# 
_diffrn_radiation.diffrn_id                        1 
_diffrn_radiation.wavelength_id                    1 
_diffrn_radiation.pdbx_monochromatic_or_laue_m_l   M 
_diffrn_radiation.monochromator                    'ROEMO TYPE DOUBLE CRYSTAL MONOCHROMATOR' 
_diffrn_radiation.pdbx_diffrn_protocol             'SINGLE WAVELENGTH' 
_diffrn_radiation.pdbx_scattering_type             x-ray 
# 
_diffrn_radiation_wavelength.id           1 
_diffrn_radiation_wavelength.wavelength   1.050 
_diffrn_radiation_wavelength.wt           1.0 
# 
_diffrn_source.diffrn_id                   1 
_diffrn_source.source                      SYNCHROTRON 
_diffrn_source.type                        'MPG/DESY, HAMBURG BEAMLINE BW6' 
_diffrn_source.pdbx_synchrotron_site       'MPG/DESY, HAMBURG' 
_diffrn_source.pdbx_synchrotron_beamline   BW6 
_diffrn_source.pdbx_wavelength             1.050 
_diffrn_source.pdbx_wavelength_list        ? 
# 
_reflns.pdbx_diffrn_id               1 
_reflns.pdbx_ordinal                 1 
_reflns.entry_id                     2CIA 
_reflns.observed_criterion_sigma_I   0.000 
_reflns.observed_criterion_sigma_F   ? 
_reflns.d_resolution_low             30.000 
_reflns.d_resolution_high            1.450 
_reflns.number_obs                   16143 
_reflns.number_all                   ? 
_reflns.percent_possible_obs         98.4 
_reflns.pdbx_Rmerge_I_obs            0.04000 
_reflns.pdbx_Rsym_value              ? 
_reflns.pdbx_netI_over_sigmaI        25.1000 
_reflns.B_iso_Wilson_estimate        ? 
_reflns.pdbx_redundancy              3.300 
# 
_reflns_shell.pdbx_diffrn_id         1 
_reflns_shell.pdbx_ordinal           1 
_reflns_shell.d_res_high             1.45 
_reflns_shell.d_res_low              1.48 
_reflns_shell.percent_possible_all   97.0 
_reflns_shell.Rmerge_I_obs           0.31000 
_reflns_shell.pdbx_Rsym_value        ? 
_reflns_shell.meanI_over_sigI_obs    3.700 
_reflns_shell.pdbx_redundancy        2.90 
# 
_refine.pdbx_refine_id                           'X-RAY DIFFRACTION' 
_refine.entry_id                                 2CIA 
_refine.pdbx_diffrn_id                           1 
_refine.pdbx_TLS_residual_ADP_flag               'LIKELY RESIDUAL' 
_refine.ls_number_reflns_obs                     16142 
_refine.ls_number_reflns_all                     ? 
_refine.pdbx_ls_sigma_I                          ? 
_refine.pdbx_ls_sigma_F                          ? 
_refine.pdbx_data_cutoff_high_absF               ? 
_refine.pdbx_data_cutoff_low_absF                ? 
_refine.pdbx_data_cutoff_high_rms_absF           ? 
_refine.ls_d_res_low                             20.03 
_refine.ls_d_res_high                            1.45 
_refine.ls_percent_reflns_obs                    98.5 
_refine.ls_R_factor_obs                          0.150 
_refine.ls_R_factor_all                          ? 
_refine.ls_R_factor_R_work                       0.149 
_refine.ls_R_factor_R_free                       0.170 
_refine.ls_R_factor_R_free_error                 ? 
_refine.ls_R_factor_R_free_error_details         ? 
_refine.ls_percent_reflns_R_free                 5.200 
_refine.ls_number_reflns_R_free                  879 
_refine.ls_number_parameters                     ? 
_refine.ls_number_restraints                     ? 
_refine.occupancy_min                            ? 
_refine.occupancy_max                            ? 
_refine.correlation_coeff_Fo_to_Fc               0.972 
_refine.correlation_coeff_Fo_to_Fc_free          0.966 
_refine.B_iso_mean                               14.30 
_refine.aniso_B[1][1]                            0.03000 
_refine.aniso_B[2][2]                            -0.01000 
_refine.aniso_B[3][3]                            -0.02000 
_refine.aniso_B[1][2]                            0.00000 
_refine.aniso_B[1][3]                            0.00000 
_refine.aniso_B[2][3]                            0.00000 
_refine.solvent_model_details                    'BABINET MODEL WITH MASK' 
_refine.solvent_model_param_ksol                 ? 
_refine.solvent_model_param_bsol                 ? 
_refine.pdbx_solvent_vdw_probe_radii             1.40 
_refine.pdbx_solvent_ion_probe_radii             0.80 
_refine.pdbx_solvent_shrinkage_radii             0.80 
_refine.pdbx_ls_cross_valid_method               THROUGHOUT 
_refine.details                                  'HYDROGENS HAVE BEEN ADDED IN THE RIDING POSITIONS' 
_refine.pdbx_starting_model                      NCK1-TIR 
_refine.pdbx_method_to_determine_struct          'MOLECULAR REPLACEMENT' 
_refine.pdbx_isotropic_thermal_model             ? 
_refine.pdbx_stereochemistry_target_values       'MAXIMUM LIKELIHOOD' 
_refine.pdbx_stereochem_target_val_spec_case     ? 
_refine.pdbx_R_Free_selection_details            RANDOM 
_refine.pdbx_overall_ESU_R                       0.068 
_refine.pdbx_overall_ESU_R_Free                  0.066 
_refine.overall_SU_ML                            0.041 
_refine.pdbx_overall_phase_error                 ? 
_refine.overall_SU_B                             2.162 
_refine.overall_SU_R_Cruickshank_DPI             ? 
_refine.pdbx_overall_SU_R_free_Cruickshank_DPI   ? 
_refine.pdbx_overall_SU_R_Blow_DPI               ? 
_refine.pdbx_overall_SU_R_free_Blow_DPI          ? 
# 
_refine_hist.pdbx_refine_id                   'X-RAY DIFFRACTION' 
_refine_hist.cycle_id                         LAST 
_refine_hist.pdbx_number_atoms_protein        871 
_refine_hist.pdbx_number_atoms_nucleic_acid   0 
_refine_hist.pdbx_number_atoms_ligand         10 
_refine_hist.number_atoms_solvent             103 
_refine_hist.number_atoms_total               984 
_refine_hist.d_res_high                       1.45 
_refine_hist.d_res_low                        20.03 
# 
loop_
_refine_ls_restr.type 
_refine_ls_restr.dev_ideal 
_refine_ls_restr.dev_ideal_target 
_refine_ls_restr.weight 
_refine_ls_restr.number 
_refine_ls_restr.pdbx_refine_id 
_refine_ls_restr.pdbx_restraint_function 
r_bond_refined_d             0.020  0.021  ? 1031 'X-RAY DIFFRACTION' ? 
r_bond_other_d               0.004  0.020  ? 706  'X-RAY DIFFRACTION' ? 
r_angle_refined_deg          1.742  1.965  ? 1410 'X-RAY DIFFRACTION' ? 
r_angle_other_deg            1.907  3.000  ? 1734 'X-RAY DIFFRACTION' ? 
r_dihedral_angle_1_deg       4.725  5.000  ? 135  'X-RAY DIFFRACTION' ? 
r_dihedral_angle_2_deg       35.841 24.182 ? 55   'X-RAY DIFFRACTION' ? 
r_dihedral_angle_3_deg       12.601 15.000 ? 189  'X-RAY DIFFRACTION' ? 
r_dihedral_angle_4_deg       19.188 15.000 ? 7    'X-RAY DIFFRACTION' ? 
r_chiral_restr               0.113  0.200  ? 148  'X-RAY DIFFRACTION' ? 
r_gen_planes_refined         0.007  0.020  ? 1184 'X-RAY DIFFRACTION' ? 
r_gen_planes_other           0.003  0.020  ? 218  'X-RAY DIFFRACTION' ? 
r_nbd_refined                0.217  0.200  ? 157  'X-RAY DIFFRACTION' ? 
r_nbd_other                  0.214  0.200  ? 732  'X-RAY DIFFRACTION' ? 
r_nbtor_refined              0.195  0.200  ? 484  'X-RAY DIFFRACTION' ? 
r_nbtor_other                0.130  0.200  ? 581  'X-RAY DIFFRACTION' ? 
r_xyhbond_nbd_refined        0.201  0.200  ? 75   'X-RAY DIFFRACTION' ? 
r_xyhbond_nbd_other          ?      ?      ? ?    'X-RAY DIFFRACTION' ? 
r_metal_ion_refined          ?      ?      ? ?    'X-RAY DIFFRACTION' ? 
r_metal_ion_other            ?      ?      ? ?    'X-RAY DIFFRACTION' ? 
r_symmetry_vdw_refined       0.197  0.200  ? 15   'X-RAY DIFFRACTION' ? 
r_symmetry_vdw_other         0.314  0.200  ? 51   'X-RAY DIFFRACTION' ? 
r_symmetry_hbond_refined     0.170  0.200  ? 19   'X-RAY DIFFRACTION' ? 
r_symmetry_hbond_other       ?      ?      ? ?    'X-RAY DIFFRACTION' ? 
r_symmetry_metal_ion_refined ?      ?      ? ?    'X-RAY DIFFRACTION' ? 
r_symmetry_metal_ion_other   ?      ?      ? ?    'X-RAY DIFFRACTION' ? 
r_mcbond_it                  2.285  2.000  ? 625  'X-RAY DIFFRACTION' ? 
r_mcbond_other               0.582  2.000  ? 239  'X-RAY DIFFRACTION' ? 
r_mcangle_it                 3.118  3.000  ? 989  'X-RAY DIFFRACTION' ? 
r_mcangle_other              ?      ?      ? ?    'X-RAY DIFFRACTION' ? 
r_scbond_it                  2.785  2.000  ? 465  'X-RAY DIFFRACTION' ? 
r_scbond_other               ?      ?      ? ?    'X-RAY DIFFRACTION' ? 
r_scangle_it                 3.958  3.000  ? 413  'X-RAY DIFFRACTION' ? 
r_scangle_other              ?      ?      ? ?    'X-RAY DIFFRACTION' ? 
r_long_range_B_refined       ?      ?      ? ?    'X-RAY DIFFRACTION' ? 
r_long_range_B_other         ?      ?      ? ?    'X-RAY DIFFRACTION' ? 
r_rigid_bond_restr           ?      ?      ? ?    'X-RAY DIFFRACTION' ? 
r_sphericity_free            ?      ?      ? ?    'X-RAY DIFFRACTION' ? 
r_sphericity_bonded          ?      ?      ? ?    'X-RAY DIFFRACTION' ? 
# 
_refine_ls_shell.pdbx_refine_id                   'X-RAY DIFFRACTION' 
_refine_ls_shell.pdbx_total_number_of_bins_used   20 
_refine_ls_shell.d_res_high                       1.45 
_refine_ls_shell.d_res_low                        1.49 
_refine_ls_shell.number_reflns_R_work             1069 
_refine_ls_shell.R_factor_R_work                  0.1760 
_refine_ls_shell.percent_reflns_obs               95.62 
_refine_ls_shell.R_factor_R_free                  0.2270 
_refine_ls_shell.R_factor_R_free_error            ? 
_refine_ls_shell.percent_reflns_R_free            ? 
_refine_ls_shell.number_reflns_R_free             67 
_refine_ls_shell.number_reflns_all                ? 
_refine_ls_shell.R_factor_all                     ? 
# 
_struct.entry_id                  2CIA 
_struct.title                     
'human nck2 sh2-domain in complex with a decaphosphopeptide from translocated intimin receptor (tir) of epec' 
_struct.pdbx_model_details        ? 
_struct.pdbx_CASP_flag            ? 
_struct.pdbx_model_type_details   ? 
# 
_struct_keywords.entry_id        2CIA 
_struct_keywords.pdbx_keywords   SH2-DOMAIN 
_struct_keywords.text            'SH2-DOMAIN, SH3 DOMAIN, PHOSPHORYLATION, BINDING SPECIFICITY' 
# 
loop_
_struct_asym.id 
_struct_asym.pdbx_blank_PDB_chainid_flag 
_struct_asym.pdbx_modified 
_struct_asym.entity_id 
_struct_asym.details 
A N N 1 ? 
B N N 2 ? 
C N N 3 ? 
D N N 4 ? 
E N N 5 ? 
F N N 5 ? 
# 
loop_
_struct_ref.id 
_struct_ref.db_name 
_struct_ref.db_code 
_struct_ref.entity_id 
_struct_ref.pdbx_seq_one_letter_code 
_struct_ref.pdbx_align_begin 
_struct_ref.pdbx_db_accession 
_struct_ref.pdbx_db_isoform 
1 PDB 2CIA         1 ? ? 2CIA   ? 
2 UNP NCK2_HUMAN   1 ? ? O43639 ? 
3 PDB 2CIA         2 ? ? 2CIA   ? 
4 UNP O50190_ECOLI 2 ? ? O50190 ? 
# 
loop_
_struct_ref_seq.align_id 
_struct_ref_seq.ref_id 
_struct_ref_seq.pdbx_PDB_id_code 
_struct_ref_seq.pdbx_strand_id 
_struct_ref_seq.seq_align_beg 
_struct_ref_seq.pdbx_seq_align_beg_ins_code 
_struct_ref_seq.seq_align_end 
_struct_ref_seq.pdbx_seq_align_end_ins_code 
_struct_ref_seq.pdbx_db_accession 
_struct_ref_seq.db_align_beg 
_struct_ref_seq.pdbx_db_align_beg_ins_code 
_struct_ref_seq.db_align_end 
_struct_ref_seq.pdbx_db_align_end_ins_code 
_struct_ref_seq.pdbx_auth_seq_align_beg 
_struct_ref_seq.pdbx_auth_seq_align_end 
1 1 2CIA A 1 ? 5   ? 2CIA   279 ? 283 ? 279 283 
2 2 2CIA A 6 ? 102 ? O43639 284 ? 380 ? 284 380 
3 3 2CIA L 1 ? 1   ? 2CIA   471 ? 471 ? 471 471 
4 4 2CIA L 2 ? 11  ? O50190 471 ? 480 ? 472 481 
# 
_pdbx_struct_assembly.id                   1 
_pdbx_struct_assembly.details              author_and_software_defined_assembly 
_pdbx_struct_assembly.method_details       PQS 
_pdbx_struct_assembly.oligomeric_details   dimeric 
_pdbx_struct_assembly.oligomeric_count     2 
# 
_pdbx_struct_assembly_gen.assembly_id       1 
_pdbx_struct_assembly_gen.oper_expression   1 
_pdbx_struct_assembly_gen.asym_id_list      A,B,C,D,E,F 
# 
_pdbx_struct_oper_list.id                   1 
_pdbx_struct_oper_list.type                 'identity operation' 
_pdbx_struct_oper_list.name                 1_555 
_pdbx_struct_oper_list.symmetry_operation   x,y,z 
_pdbx_struct_oper_list.matrix[1][1]         1.0000000000 
_pdbx_struct_oper_list.matrix[1][2]         0.0000000000 
_pdbx_struct_oper_list.matrix[1][3]         0.0000000000 
_pdbx_struct_oper_list.vector[1]            0.0000000000 
_pdbx_struct_oper_list.matrix[2][1]         0.0000000000 
_pdbx_struct_oper_list.matrix[2][2]         1.0000000000 
_pdbx_struct_oper_list.matrix[2][3]         0.0000000000 
_pdbx_struct_oper_list.vector[2]            0.0000000000 
_pdbx_struct_oper_list.matrix[3][1]         0.0000000000 
_pdbx_struct_oper_list.matrix[3][2]         0.0000000000 
_pdbx_struct_oper_list.matrix[3][3]         1.0000000000 
_pdbx_struct_oper_list.vector[3]            0.0000000000 
# 
loop_
_struct_conf.conf_type_id 
_struct_conf.id 
_struct_conf.pdbx_PDB_helix_id 
_struct_conf.beg_label_comp_id 
_struct_conf.beg_label_asym_id 
_struct_conf.beg_label_seq_id 
_struct_conf.pdbx_beg_PDB_ins_code 
_struct_conf.end_label_comp_id 
_struct_conf.end_label_asym_id 
_struct_conf.end_label_seq_id 
_struct_conf.pdbx_end_PDB_ins_code 
_struct_conf.beg_auth_comp_id 
_struct_conf.beg_auth_asym_id 
_struct_conf.beg_auth_seq_id 
_struct_conf.end_auth_comp_id 
_struct_conf.end_auth_asym_id 
_struct_conf.end_auth_seq_id 
_struct_conf.pdbx_PDB_helix_class 
_struct_conf.details 
_struct_conf.pdbx_PDB_helix_length 
HELX_P HELX_P1 1 THR A 13 ? ASN A 22 ? THR A 291 ASN A 300 1 ? 10 
HELX_P HELX_P2 2 THR A 73 ? ALA A 84 ? THR A 351 ALA A 362 1 ? 12 
# 
_struct_conf_type.id          HELX_P 
_struct_conf_type.criteria    ? 
_struct_conf_type.reference   ? 
# 
loop_
_struct_conn.id 
_struct_conn.conn_type_id 
_struct_conn.pdbx_leaving_atom_flag 
_struct_conn.pdbx_PDB_id 
_struct_conn.ptnr1_label_asym_id 
_struct_conn.ptnr1_label_comp_id 
_struct_conn.ptnr1_label_seq_id 
_struct_conn.ptnr1_label_atom_id 
_struct_conn.pdbx_ptnr1_label_alt_id 
_struct_conn.pdbx_ptnr1_PDB_ins_code 
_struct_conn.pdbx_ptnr1_standard_comp_id 
_struct_conn.ptnr1_symmetry 
_struct_conn.ptnr2_label_asym_id 
_struct_conn.ptnr2_label_comp_id 
_struct_conn.ptnr2_label_seq_id 
_struct_conn.ptnr2_label_atom_id 
_struct_conn.pdbx_ptnr2_label_alt_id 
_struct_conn.pdbx_ptnr2_PDB_ins_code 
_struct_conn.ptnr1_auth_asym_id 
_struct_conn.ptnr1_auth_comp_id 
_struct_conn.ptnr1_auth_seq_id 
_struct_conn.ptnr2_auth_asym_id 
_struct_conn.ptnr2_auth_comp_id 
_struct_conn.ptnr2_auth_seq_id 
_struct_conn.ptnr2_symmetry 
_struct_conn.pdbx_ptnr3_label_atom_id 
_struct_conn.pdbx_ptnr3_label_seq_id 
_struct_conn.pdbx_ptnr3_label_comp_id 
_struct_conn.pdbx_ptnr3_label_asym_id 
_struct_conn.pdbx_ptnr3_label_alt_id 
_struct_conn.pdbx_ptnr3_PDB_ins_code 
_struct_conn.details 
_struct_conn.pdbx_dist_value 
_struct_conn.pdbx_value_order 
_struct_conn.pdbx_role 
covale1 covale both ? B ACE 1 C ? ? ? 1_555 B HIS 2 N ? ? L ACE 471 L HIS 472 1_555 ? ? ? ? ? ? ? 1.364 ? ? 
covale2 covale both ? B ILE 3 C ? ? ? 1_555 B PTR 4 N ? ? L ILE 473 L PTR 474 1_555 ? ? ? ? ? ? ? 1.344 ? ? 
covale3 covale both ? B PTR 4 C ? ? ? 1_555 B ASP 5 N ? ? L PTR 474 L ASP 475 1_555 ? ? ? ? ? ? ? 1.331 ? ? 
# 
_struct_conn_type.id          covale 
_struct_conn_type.criteria    ? 
_struct_conn_type.reference   ? 
# 
loop_
_pdbx_modification_feature.ordinal 
_pdbx_modification_feature.label_comp_id 
_pdbx_modification_feature.label_asym_id 
_pdbx_modification_feature.label_seq_id 
_pdbx_modification_feature.label_alt_id 
_pdbx_modification_feature.modified_residue_label_comp_id 
_pdbx_modification_feature.modified_residue_label_asym_id 
_pdbx_modification_feature.modified_residue_label_seq_id 
_pdbx_modification_feature.modified_residue_label_alt_id 
_pdbx_modification_feature.auth_comp_id 
_pdbx_modification_feature.auth_asym_id 
_pdbx_modification_feature.auth_seq_id 
_pdbx_modification_feature.PDB_ins_code 
_pdbx_modification_feature.symmetry 
_pdbx_modification_feature.modified_residue_auth_comp_id 
_pdbx_modification_feature.modified_residue_auth_asym_id 
_pdbx_modification_feature.modified_residue_auth_seq_id 
_pdbx_modification_feature.modified_residue_PDB_ins_code 
_pdbx_modification_feature.modified_residue_symmetry 
_pdbx_modification_feature.comp_id_linking_atom 
_pdbx_modification_feature.modified_residue_id_linking_atom 
_pdbx_modification_feature.modified_residue_id 
_pdbx_modification_feature.ref_pcm_id 
_pdbx_modification_feature.ref_comp_id 
_pdbx_modification_feature.type 
_pdbx_modification_feature.category 
1 PTR B 4 ? .   . . . PTR L 474 ? 1_555 .   . .   . .     . . TYR 1  PTR Phosphorylation 'Named protein modification' 
2 ACE B 1 ? HIS B 2 ? ACE L 471 ? 1_555 HIS L 472 ? 1_555 . . HIS 19 ACE None            'Terminal acetylation'       
# 
loop_
_struct_sheet.id 
_struct_sheet.type 
_struct_sheet.number_strands 
_struct_sheet.details 
AA ? 6 ? 
AB ? 2 ? 
# 
loop_
_struct_sheet_order.sheet_id 
_struct_sheet_order.range_id_1 
_struct_sheet_order.range_id_2 
_struct_sheet_order.offset 
_struct_sheet_order.sense 
AA 1 2 ? anti-parallel 
AA 2 3 ? anti-parallel 
AA 3 4 ? anti-parallel 
AA 4 5 ? anti-parallel 
AA 5 6 ? parallel      
AB 1 2 ? anti-parallel 
# 
loop_
_struct_sheet_range.sheet_id 
_struct_sheet_range.id 
_struct_sheet_range.beg_label_comp_id 
_struct_sheet_range.beg_label_asym_id 
_struct_sheet_range.beg_label_seq_id 
_struct_sheet_range.pdbx_beg_PDB_ins_code 
_struct_sheet_range.end_label_comp_id 
_struct_sheet_range.end_label_asym_id 
_struct_sheet_range.end_label_seq_id 
_struct_sheet_range.pdbx_end_PDB_ins_code 
_struct_sheet_range.beg_auth_comp_id 
_struct_sheet_range.beg_auth_asym_id 
_struct_sheet_range.beg_auth_seq_id 
_struct_sheet_range.end_auth_comp_id 
_struct_sheet_range.end_auth_asym_id 
_struct_sheet_range.end_auth_seq_id 
AA 1 ARG A 69  ? PHE A 71  ? ARG A 347 PHE A 349 
AA 2 VAL A 63  ? ILE A 66  ? VAL A 341 ILE A 344 
AA 3 LYS A 51  ? VAL A 57  ? LYS A 329 VAL A 335 
AA 4 ASP A 41  ? ALA A 48  ? ASP A 319 ALA A 326 
AA 5 ASP A 29  ? SER A 35  ? ASP A 307 SER A 313 
AA 6 ALA A 100 ? ALA A 100 ? ALA A 378 ALA A 378 
AB 1 PHE A 87  ? SER A 89  ? PHE A 365 SER A 367 
AB 2 GLU A 93  ? LEU A 95  ? GLU A 371 LEU A 373 
# 
loop_
_pdbx_struct_sheet_hbond.sheet_id 
_pdbx_struct_sheet_hbond.range_id_1 
_pdbx_struct_sheet_hbond.range_id_2 
_pdbx_struct_sheet_hbond.range_1_label_atom_id 
_pdbx_struct_sheet_hbond.range_1_label_comp_id 
_pdbx_struct_sheet_hbond.range_1_label_asym_id 
_pdbx_struct_sheet_hbond.range_1_label_seq_id 
_pdbx_struct_sheet_hbond.range_1_PDB_ins_code 
_pdbx_struct_sheet_hbond.range_1_auth_atom_id 
_pdbx_struct_sheet_hbond.range_1_auth_comp_id 
_pdbx_struct_sheet_hbond.range_1_auth_asym_id 
_pdbx_struct_sheet_hbond.range_1_auth_seq_id 
_pdbx_struct_sheet_hbond.range_2_label_atom_id 
_pdbx_struct_sheet_hbond.range_2_label_comp_id 
_pdbx_struct_sheet_hbond.range_2_label_asym_id 
_pdbx_struct_sheet_hbond.range_2_label_seq_id 
_pdbx_struct_sheet_hbond.range_2_PDB_ins_code 
_pdbx_struct_sheet_hbond.range_2_auth_atom_id 
_pdbx_struct_sheet_hbond.range_2_auth_comp_id 
_pdbx_struct_sheet_hbond.range_2_auth_asym_id 
_pdbx_struct_sheet_hbond.range_2_auth_seq_id 
AA 1 2 N PHE A 71 ? N PHE A 349 O TYR A 64 ? O TYR A 342 
AA 2 3 N CYS A 65 ? N CYS A 343 O GLN A 58 ? O GLN A 336 
AA 3 4 N VAL A 57 ? N VAL A 335 O PHE A 42 ? O PHE A 320 
AA 4 5 N SER A 45 ? N SER A 323 O LEU A 31 ? O LEU A 309 
AA 5 6 N PHE A 30 ? N PHE A 308 O ARG A 99 ? O ARG A 377 
AB 1 2 O PHE A 87 ? O PHE A 365 N LEU A 95 ? N LEU A 373 
# 
loop_
_struct_site.id 
_struct_site.pdbx_evidence_code 
_struct_site.pdbx_auth_asym_id 
_struct_site.pdbx_auth_comp_id 
_struct_site.pdbx_auth_seq_id 
_struct_site.pdbx_auth_ins_code 
_struct_site.pdbx_num_residues 
_struct_site.details 
AC1 Software ? ? ? ? 2 'BINDING SITE FOR RESIDUE MPD A1381' 
AC2 Software ? ? ? ? 4 'BINDING SITE FOR RESIDUE IPA A1382' 
# 
loop_
_struct_site_gen.id 
_struct_site_gen.site_id 
_struct_site_gen.pdbx_num_res 
_struct_site_gen.label_comp_id 
_struct_site_gen.label_asym_id 
_struct_site_gen.label_seq_id 
_struct_site_gen.pdbx_auth_ins_code 
_struct_site_gen.auth_comp_id 
_struct_site_gen.auth_asym_id 
_struct_site_gen.auth_seq_id 
_struct_site_gen.label_atom_id 
_struct_site_gen.label_alt_id 
_struct_site_gen.symmetry 
_struct_site_gen.details 
1 AC1 2 GLN A 16 ? GLN A 294  . ? 1_555 ? 
2 AC1 2 HIS A 72 ? HIS A 350  . ? 1_555 ? 
3 AC2 4 PHE A 42 ? PHE A 320  . ? 1_555 ? 
4 AC2 4 TYR A 64 ? TYR A 342  . ? 1_555 ? 
5 AC2 4 HOH E .  ? HOH A 2054 . ? 1_555 ? 
6 AC2 4 ALA B 9  ? ALA L 479  . ? 1_555 ? 
# 
_pdbx_entry_details.entry_id                   2CIA 
_pdbx_entry_details.compound_details           ? 
_pdbx_entry_details.source_details             ? 
_pdbx_entry_details.nonpolymer_details         ? 
_pdbx_entry_details.sequence_details           
;N-TERMINALLY, RESIDUES GPLGS REMAIN ATTACHED TO NCK2-SH2
FOLLOWING CLEAVAGE OF THE GST-NCK2-SH2 FUSION PROTEIN
;
_pdbx_entry_details.has_ligand_of_interest     ? 
_pdbx_entry_details.has_protein_modification   Y 
# 
_pdbx_validate_rmsd_bond.id                        1 
_pdbx_validate_rmsd_bond.PDB_model_num             1 
_pdbx_validate_rmsd_bond.auth_atom_id_1            CB 
_pdbx_validate_rmsd_bond.auth_asym_id_1            A 
_pdbx_validate_rmsd_bond.auth_comp_id_1            CYS 
_pdbx_validate_rmsd_bond.auth_seq_id_1             297 
_pdbx_validate_rmsd_bond.PDB_ins_code_1            ? 
_pdbx_validate_rmsd_bond.label_alt_id_1            ? 
_pdbx_validate_rmsd_bond.auth_atom_id_2            SG 
_pdbx_validate_rmsd_bond.auth_asym_id_2            A 
_pdbx_validate_rmsd_bond.auth_comp_id_2            CYS 
_pdbx_validate_rmsd_bond.auth_seq_id_2             297 
_pdbx_validate_rmsd_bond.PDB_ins_code_2            ? 
_pdbx_validate_rmsd_bond.label_alt_id_2            B 
_pdbx_validate_rmsd_bond.bond_value                1.710 
_pdbx_validate_rmsd_bond.bond_target_value         1.812 
_pdbx_validate_rmsd_bond.bond_deviation            -0.102 
_pdbx_validate_rmsd_bond.bond_standard_deviation   0.016 
_pdbx_validate_rmsd_bond.linker_flag               N 
# 
_pdbx_validate_rmsd_angle.id                         1 
_pdbx_validate_rmsd_angle.PDB_model_num              1 
_pdbx_validate_rmsd_angle.auth_atom_id_1             CA 
_pdbx_validate_rmsd_angle.auth_asym_id_1             A 
_pdbx_validate_rmsd_angle.auth_comp_id_1             CYS 
_pdbx_validate_rmsd_angle.auth_seq_id_1              297 
_pdbx_validate_rmsd_angle.PDB_ins_code_1             ? 
_pdbx_validate_rmsd_angle.label_alt_id_1             ? 
_pdbx_validate_rmsd_angle.auth_atom_id_2             CB 
_pdbx_validate_rmsd_angle.auth_asym_id_2             A 
_pdbx_validate_rmsd_angle.auth_comp_id_2             CYS 
_pdbx_validate_rmsd_angle.auth_seq_id_2              297 
_pdbx_validate_rmsd_angle.PDB_ins_code_2             ? 
_pdbx_validate_rmsd_angle.label_alt_id_2             ? 
_pdbx_validate_rmsd_angle.auth_atom_id_3             SG 
_pdbx_validate_rmsd_angle.auth_asym_id_3             A 
_pdbx_validate_rmsd_angle.auth_comp_id_3             CYS 
_pdbx_validate_rmsd_angle.auth_seq_id_3              297 
_pdbx_validate_rmsd_angle.PDB_ins_code_3             ? 
_pdbx_validate_rmsd_angle.label_alt_id_3             B 
_pdbx_validate_rmsd_angle.angle_value                127.10 
_pdbx_validate_rmsd_angle.angle_target_value         114.20 
_pdbx_validate_rmsd_angle.angle_deviation            12.90 
_pdbx_validate_rmsd_angle.angle_standard_deviation   1.10 
_pdbx_validate_rmsd_angle.linker_flag                N 
# 
_pdbx_validate_torsion.id              1 
_pdbx_validate_torsion.PDB_model_num   1 
_pdbx_validate_torsion.auth_comp_id    ASN 
_pdbx_validate_torsion.auth_asym_id    A 
_pdbx_validate_torsion.auth_seq_id     289 
_pdbx_validate_torsion.PDB_ins_code    ? 
_pdbx_validate_torsion.label_alt_id    ? 
_pdbx_validate_torsion.phi             -91.13 
_pdbx_validate_torsion.psi             38.72 
# 
_pdbx_struct_mod_residue.id               1 
_pdbx_struct_mod_residue.label_asym_id    B 
_pdbx_struct_mod_residue.label_comp_id    PTR 
_pdbx_struct_mod_residue.label_seq_id     4 
_pdbx_struct_mod_residue.auth_asym_id     L 
_pdbx_struct_mod_residue.auth_comp_id     PTR 
_pdbx_struct_mod_residue.auth_seq_id      474 
_pdbx_struct_mod_residue.PDB_ins_code     ? 
_pdbx_struct_mod_residue.parent_comp_id   TYR 
_pdbx_struct_mod_residue.details          O-PHOSPHOTYROSINE 
# 
loop_
_pdbx_refine_tls.pdbx_refine_id 
_pdbx_refine_tls.id 
_pdbx_refine_tls.details 
_pdbx_refine_tls.method 
_pdbx_refine_tls.origin_x 
_pdbx_refine_tls.origin_y 
_pdbx_refine_tls.origin_z 
_pdbx_refine_tls.T[1][1] 
_pdbx_refine_tls.T[2][2] 
_pdbx_refine_tls.T[3][3] 
_pdbx_refine_tls.T[1][2] 
_pdbx_refine_tls.T[1][3] 
_pdbx_refine_tls.T[2][3] 
_pdbx_refine_tls.L[1][1] 
_pdbx_refine_tls.L[2][2] 
_pdbx_refine_tls.L[3][3] 
_pdbx_refine_tls.L[1][2] 
_pdbx_refine_tls.L[1][3] 
_pdbx_refine_tls.L[2][3] 
_pdbx_refine_tls.S[1][1] 
_pdbx_refine_tls.S[1][2] 
_pdbx_refine_tls.S[1][3] 
_pdbx_refine_tls.S[2][1] 
_pdbx_refine_tls.S[2][2] 
_pdbx_refine_tls.S[2][3] 
_pdbx_refine_tls.S[3][1] 
_pdbx_refine_tls.S[3][2] 
_pdbx_refine_tls.S[3][3] 
'X-RAY DIFFRACTION' 1 ? refined 1.0471  0.0273 0.0458  -0.0478 -0.0398 -0.0469 -0.0095 -0.0154 0.0109 1.0761 2.3044 1.2233  0.4059  -0.2945 0.6276  0.0086  -0.0115 0.0294  -0.0586 -0.0250 0.0142 -0.0673 -0.0249 0.0163  
'X-RAY DIFFRACTION' 2 ? refined -8.9794 1.6015 -1.3229 -0.1034 0.0242  0.0171  -0.0132 -0.0859 0.0105 3.5831 5.9851 11.4577 -1.1662 -2.4504 -0.3525 -0.0076 0.1843  -0.0321 -0.2474 0.0349  0.6023 -0.0647 -1.3085 -0.0273 
# 
loop_
_pdbx_refine_tls_group.pdbx_refine_id 
_pdbx_refine_tls_group.id 
_pdbx_refine_tls_group.refine_tls_id 
_pdbx_refine_tls_group.beg_auth_asym_id 
_pdbx_refine_tls_group.beg_auth_seq_id 
_pdbx_refine_tls_group.beg_label_asym_id 
_pdbx_refine_tls_group.beg_label_seq_id 
_pdbx_refine_tls_group.end_auth_asym_id 
_pdbx_refine_tls_group.end_auth_seq_id 
_pdbx_refine_tls_group.end_label_asym_id 
_pdbx_refine_tls_group.end_label_seq_id 
_pdbx_refine_tls_group.selection 
_pdbx_refine_tls_group.selection_details 
'X-RAY DIFFRACTION' 1 1 A 283 ? ? A 380 ? ? ? ? 
'X-RAY DIFFRACTION' 2 2 L 471 ? ? L 479 ? ? ? ? 
# 
loop_
_pdbx_database_remark.id 
_pdbx_database_remark.text 
650 
;
HELIX
DETERMINATION METHOD: AUTHOR PROVIDED.
;
700 
;
SHEET
DETERMINATION METHOD: AUTHOR PROVIDED.
;
# 
loop_
_pdbx_unobs_or_zero_occ_residues.id 
_pdbx_unobs_or_zero_occ_residues.PDB_model_num 
_pdbx_unobs_or_zero_occ_residues.polymer_flag 
_pdbx_unobs_or_zero_occ_residues.occupancy_flag 
_pdbx_unobs_or_zero_occ_residues.auth_asym_id 
_pdbx_unobs_or_zero_occ_residues.auth_comp_id 
_pdbx_unobs_or_zero_occ_residues.auth_seq_id 
_pdbx_unobs_or_zero_occ_residues.PDB_ins_code 
_pdbx_unobs_or_zero_occ_residues.label_asym_id 
_pdbx_unobs_or_zero_occ_residues.label_comp_id 
_pdbx_unobs_or_zero_occ_residues.label_seq_id 
1 1 Y 1 A GLY 279 ? A GLY 1  
2 1 Y 1 A PRO 280 ? A PRO 2  
3 1 Y 1 A LEU 281 ? A LEU 3  
4 1 Y 1 A GLY 282 ? A GLY 4  
5 1 Y 1 L PRO 481 ? B PRO 11 
# 
loop_
_chem_comp_atom.comp_id 
_chem_comp_atom.atom_id 
_chem_comp_atom.type_symbol 
_chem_comp_atom.pdbx_aromatic_flag 
_chem_comp_atom.pdbx_stereo_config 
_chem_comp_atom.pdbx_ordinal 
ACE C    C N N 1   
ACE O    O N N 2   
ACE CH3  C N N 3   
ACE H    H N N 4   
ACE H1   H N N 5   
ACE H2   H N N 6   
ACE H3   H N N 7   
ALA N    N N N 8   
ALA CA   C N S 9   
ALA C    C N N 10  
ALA O    O N N 11  
ALA CB   C N N 12  
ALA OXT  O N N 13  
ALA H    H N N 14  
ALA H2   H N N 15  
ALA HA   H N N 16  
ALA HB1  H N N 17  
ALA HB2  H N N 18  
ALA HB3  H N N 19  
ALA HXT  H N N 20  
ARG N    N N N 21  
ARG CA   C N S 22  
ARG C    C N N 23  
ARG O    O N N 24  
ARG CB   C N N 25  
ARG CG   C N N 26  
ARG CD   C N N 27  
ARG NE   N N N 28  
ARG CZ   C N N 29  
ARG NH1  N N N 30  
ARG NH2  N N N 31  
ARG OXT  O N N 32  
ARG H    H N N 33  
ARG H2   H N N 34  
ARG HA   H N N 35  
ARG HB2  H N N 36  
ARG HB3  H N N 37  
ARG HG2  H N N 38  
ARG HG3  H N N 39  
ARG HD2  H N N 40  
ARG HD3  H N N 41  
ARG HE   H N N 42  
ARG HH11 H N N 43  
ARG HH12 H N N 44  
ARG HH21 H N N 45  
ARG HH22 H N N 46  
ARG HXT  H N N 47  
ASN N    N N N 48  
ASN CA   C N S 49  
ASN C    C N N 50  
ASN O    O N N 51  
ASN CB   C N N 52  
ASN CG   C N N 53  
ASN OD1  O N N 54  
ASN ND2  N N N 55  
ASN OXT  O N N 56  
ASN H    H N N 57  
ASN H2   H N N 58  
ASN HA   H N N 59  
ASN HB2  H N N 60  
ASN HB3  H N N 61  
ASN HD21 H N N 62  
ASN HD22 H N N 63  
ASN HXT  H N N 64  
ASP N    N N N 65  
ASP CA   C N S 66  
ASP C    C N N 67  
ASP O    O N N 68  
ASP CB   C N N 69  
ASP CG   C N N 70  
ASP OD1  O N N 71  
ASP OD2  O N N 72  
ASP OXT  O N N 73  
ASP H    H N N 74  
ASP H2   H N N 75  
ASP HA   H N N 76  
ASP HB2  H N N 77  
ASP HB3  H N N 78  
ASP HD2  H N N 79  
ASP HXT  H N N 80  
CYS N    N N N 81  
CYS CA   C N R 82  
CYS C    C N N 83  
CYS O    O N N 84  
CYS CB   C N N 85  
CYS SG   S N N 86  
CYS OXT  O N N 87  
CYS H    H N N 88  
CYS H2   H N N 89  
CYS HA   H N N 90  
CYS HB2  H N N 91  
CYS HB3  H N N 92  
CYS HG   H N N 93  
CYS HXT  H N N 94  
GLN N    N N N 95  
GLN CA   C N S 96  
GLN C    C N N 97  
GLN O    O N N 98  
GLN CB   C N N 99  
GLN CG   C N N 100 
GLN CD   C N N 101 
GLN OE1  O N N 102 
GLN NE2  N N N 103 
GLN OXT  O N N 104 
GLN H    H N N 105 
GLN H2   H N N 106 
GLN HA   H N N 107 
GLN HB2  H N N 108 
GLN HB3  H N N 109 
GLN HG2  H N N 110 
GLN HG3  H N N 111 
GLN HE21 H N N 112 
GLN HE22 H N N 113 
GLN HXT  H N N 114 
GLU N    N N N 115 
GLU CA   C N S 116 
GLU C    C N N 117 
GLU O    O N N 118 
GLU CB   C N N 119 
GLU CG   C N N 120 
GLU CD   C N N 121 
GLU OE1  O N N 122 
GLU OE2  O N N 123 
GLU OXT  O N N 124 
GLU H    H N N 125 
GLU H2   H N N 126 
GLU HA   H N N 127 
GLU HB2  H N N 128 
GLU HB3  H N N 129 
GLU HG2  H N N 130 
GLU HG3  H N N 131 
GLU HE2  H N N 132 
GLU HXT  H N N 133 
GLY N    N N N 134 
GLY CA   C N N 135 
GLY C    C N N 136 
GLY O    O N N 137 
GLY OXT  O N N 138 
GLY H    H N N 139 
GLY H2   H N N 140 
GLY HA2  H N N 141 
GLY HA3  H N N 142 
GLY HXT  H N N 143 
HIS N    N N N 144 
HIS CA   C N S 145 
HIS C    C N N 146 
HIS O    O N N 147 
HIS CB   C N N 148 
HIS CG   C Y N 149 
HIS ND1  N Y N 150 
HIS CD2  C Y N 151 
HIS CE1  C Y N 152 
HIS NE2  N Y N 153 
HIS OXT  O N N 154 
HIS H    H N N 155 
HIS H2   H N N 156 
HIS HA   H N N 157 
HIS HB2  H N N 158 
HIS HB3  H N N 159 
HIS HD1  H N N 160 
HIS HD2  H N N 161 
HIS HE1  H N N 162 
HIS HE2  H N N 163 
HIS HXT  H N N 164 
HOH O    O N N 165 
HOH H1   H N N 166 
HOH H2   H N N 167 
ILE N    N N N 168 
ILE CA   C N S 169 
ILE C    C N N 170 
ILE O    O N N 171 
ILE CB   C N S 172 
ILE CG1  C N N 173 
ILE CG2  C N N 174 
ILE CD1  C N N 175 
ILE OXT  O N N 176 
ILE H    H N N 177 
ILE H2   H N N 178 
ILE HA   H N N 179 
ILE HB   H N N 180 
ILE HG12 H N N 181 
ILE HG13 H N N 182 
ILE HG21 H N N 183 
ILE HG22 H N N 184 
ILE HG23 H N N 185 
ILE HD11 H N N 186 
ILE HD12 H N N 187 
ILE HD13 H N N 188 
ILE HXT  H N N 189 
IPA C1   C N N 190 
IPA C2   C N N 191 
IPA C3   C N N 192 
IPA O2   O N N 193 
IPA H11  H N N 194 
IPA H12  H N N 195 
IPA H13  H N N 196 
IPA H2   H N N 197 
IPA H31  H N N 198 
IPA H32  H N N 199 
IPA H33  H N N 200 
IPA HO2  H N N 201 
LEU N    N N N 202 
LEU CA   C N S 203 
LEU C    C N N 204 
LEU O    O N N 205 
LEU CB   C N N 206 
LEU CG   C N N 207 
LEU CD1  C N N 208 
LEU CD2  C N N 209 
LEU OXT  O N N 210 
LEU H    H N N 211 
LEU H2   H N N 212 
LEU HA   H N N 213 
LEU HB2  H N N 214 
LEU HB3  H N N 215 
LEU HG   H N N 216 
LEU HD11 H N N 217 
LEU HD12 H N N 218 
LEU HD13 H N N 219 
LEU HD21 H N N 220 
LEU HD22 H N N 221 
LEU HD23 H N N 222 
LEU HXT  H N N 223 
LYS N    N N N 224 
LYS CA   C N S 225 
LYS C    C N N 226 
LYS O    O N N 227 
LYS CB   C N N 228 
LYS CG   C N N 229 
LYS CD   C N N 230 
LYS CE   C N N 231 
LYS NZ   N N N 232 
LYS OXT  O N N 233 
LYS H    H N N 234 
LYS H2   H N N 235 
LYS HA   H N N 236 
LYS HB2  H N N 237 
LYS HB3  H N N 238 
LYS HG2  H N N 239 
LYS HG3  H N N 240 
LYS HD2  H N N 241 
LYS HD3  H N N 242 
LYS HE2  H N N 243 
LYS HE3  H N N 244 
LYS HZ1  H N N 245 
LYS HZ2  H N N 246 
LYS HZ3  H N N 247 
LYS HXT  H N N 248 
MET N    N N N 249 
MET CA   C N S 250 
MET C    C N N 251 
MET O    O N N 252 
MET CB   C N N 253 
MET CG   C N N 254 
MET SD   S N N 255 
MET CE   C N N 256 
MET OXT  O N N 257 
MET H    H N N 258 
MET H2   H N N 259 
MET HA   H N N 260 
MET HB2  H N N 261 
MET HB3  H N N 262 
MET HG2  H N N 263 
MET HG3  H N N 264 
MET HE1  H N N 265 
MET HE2  H N N 266 
MET HE3  H N N 267 
MET HXT  H N N 268 
MPD C1   C N N 269 
MPD C2   C N N 270 
MPD O2   O N N 271 
MPD CM   C N N 272 
MPD C3   C N N 273 
MPD C4   C N S 274 
MPD O4   O N N 275 
MPD C5   C N N 276 
MPD H11  H N N 277 
MPD H12  H N N 278 
MPD H13  H N N 279 
MPD HO2  H N N 280 
MPD HM1  H N N 281 
MPD HM2  H N N 282 
MPD HM3  H N N 283 
MPD H31  H N N 284 
MPD H32  H N N 285 
MPD H4   H N N 286 
MPD HO4  H N N 287 
MPD H51  H N N 288 
MPD H52  H N N 289 
MPD H53  H N N 290 
PHE N    N N N 291 
PHE CA   C N S 292 
PHE C    C N N 293 
PHE O    O N N 294 
PHE CB   C N N 295 
PHE CG   C Y N 296 
PHE CD1  C Y N 297 
PHE CD2  C Y N 298 
PHE CE1  C Y N 299 
PHE CE2  C Y N 300 
PHE CZ   C Y N 301 
PHE OXT  O N N 302 
PHE H    H N N 303 
PHE H2   H N N 304 
PHE HA   H N N 305 
PHE HB2  H N N 306 
PHE HB3  H N N 307 
PHE HD1  H N N 308 
PHE HD2  H N N 309 
PHE HE1  H N N 310 
PHE HE2  H N N 311 
PHE HZ   H N N 312 
PHE HXT  H N N 313 
PRO N    N N N 314 
PRO CA   C N S 315 
PRO C    C N N 316 
PRO O    O N N 317 
PRO CB   C N N 318 
PRO CG   C N N 319 
PRO CD   C N N 320 
PRO OXT  O N N 321 
PRO H    H N N 322 
PRO HA   H N N 323 
PRO HB2  H N N 324 
PRO HB3  H N N 325 
PRO HG2  H N N 326 
PRO HG3  H N N 327 
PRO HD2  H N N 328 
PRO HD3  H N N 329 
PRO HXT  H N N 330 
PTR N    N N N 331 
PTR CA   C N S 332 
PTR C    C N N 333 
PTR O    O N N 334 
PTR OXT  O N N 335 
PTR CB   C N N 336 
PTR CG   C Y N 337 
PTR CD1  C Y N 338 
PTR CD2  C Y N 339 
PTR CE1  C Y N 340 
PTR CE2  C Y N 341 
PTR CZ   C Y N 342 
PTR OH   O N N 343 
PTR P    P N N 344 
PTR O1P  O N N 345 
PTR O2P  O N N 346 
PTR O3P  O N N 347 
PTR H    H N N 348 
PTR H2   H N N 349 
PTR HA   H N N 350 
PTR HXT  H N N 351 
PTR HB2  H N N 352 
PTR HB3  H N N 353 
PTR HD1  H N N 354 
PTR HD2  H N N 355 
PTR HE1  H N N 356 
PTR HE2  H N N 357 
PTR HO2P H N N 358 
PTR HO3P H N N 359 
SER N    N N N 360 
SER CA   C N S 361 
SER C    C N N 362 
SER O    O N N 363 
SER CB   C N N 364 
SER OG   O N N 365 
SER OXT  O N N 366 
SER H    H N N 367 
SER H2   H N N 368 
SER HA   H N N 369 
SER HB2  H N N 370 
SER HB3  H N N 371 
SER HG   H N N 372 
SER HXT  H N N 373 
THR N    N N N 374 
THR CA   C N S 375 
THR C    C N N 376 
THR O    O N N 377 
THR CB   C N R 378 
THR OG1  O N N 379 
THR CG2  C N N 380 
THR OXT  O N N 381 
THR H    H N N 382 
THR H2   H N N 383 
THR HA   H N N 384 
THR HB   H N N 385 
THR HG1  H N N 386 
THR HG21 H N N 387 
THR HG22 H N N 388 
THR HG23 H N N 389 
THR HXT  H N N 390 
TRP N    N N N 391 
TRP CA   C N S 392 
TRP C    C N N 393 
TRP O    O N N 394 
TRP CB   C N N 395 
TRP CG   C Y N 396 
TRP CD1  C Y N 397 
TRP CD2  C Y N 398 
TRP NE1  N Y N 399 
TRP CE2  C Y N 400 
TRP CE3  C Y N 401 
TRP CZ2  C Y N 402 
TRP CZ3  C Y N 403 
TRP CH2  C Y N 404 
TRP OXT  O N N 405 
TRP H    H N N 406 
TRP H2   H N N 407 
TRP HA   H N N 408 
TRP HB2  H N N 409 
TRP HB3  H N N 410 
TRP HD1  H N N 411 
TRP HE1  H N N 412 
TRP HE3  H N N 413 
TRP HZ2  H N N 414 
TRP HZ3  H N N 415 
TRP HH2  H N N 416 
TRP HXT  H N N 417 
TYR N    N N N 418 
TYR CA   C N S 419 
TYR C    C N N 420 
TYR O    O N N 421 
TYR CB   C N N 422 
TYR CG   C Y N 423 
TYR CD1  C Y N 424 
TYR CD2  C Y N 425 
TYR CE1  C Y N 426 
TYR CE2  C Y N 427 
TYR CZ   C Y N 428 
TYR OH   O N N 429 
TYR OXT  O N N 430 
TYR H    H N N 431 
TYR H2   H N N 432 
TYR HA   H N N 433 
TYR HB2  H N N 434 
TYR HB3  H N N 435 
TYR HD1  H N N 436 
TYR HD2  H N N 437 
TYR HE1  H N N 438 
TYR HE2  H N N 439 
TYR HH   H N N 440 
TYR HXT  H N N 441 
VAL N    N N N 442 
VAL CA   C N S 443 
VAL C    C N N 444 
VAL O    O N N 445 
VAL CB   C N N 446 
VAL CG1  C N N 447 
VAL CG2  C N N 448 
VAL OXT  O N N 449 
VAL H    H N N 450 
VAL H2   H N N 451 
VAL HA   H N N 452 
VAL HB   H N N 453 
VAL HG11 H N N 454 
VAL HG12 H N N 455 
VAL HG13 H N N 456 
VAL HG21 H N N 457 
VAL HG22 H N N 458 
VAL HG23 H N N 459 
VAL HXT  H N N 460 
# 
loop_
_chem_comp_bond.comp_id 
_chem_comp_bond.atom_id_1 
_chem_comp_bond.atom_id_2 
_chem_comp_bond.value_order 
_chem_comp_bond.pdbx_aromatic_flag 
_chem_comp_bond.pdbx_stereo_config 
_chem_comp_bond.pdbx_ordinal 
ACE C   O    doub N N 1   
ACE C   CH3  sing N N 2   
ACE C   H    sing N N 3   
ACE CH3 H1   sing N N 4   
ACE CH3 H2   sing N N 5   
ACE CH3 H3   sing N N 6   
ALA N   CA   sing N N 7   
ALA N   H    sing N N 8   
ALA N   H2   sing N N 9   
ALA CA  C    sing N N 10  
ALA CA  CB   sing N N 11  
ALA CA  HA   sing N N 12  
ALA C   O    doub N N 13  
ALA C   OXT  sing N N 14  
ALA CB  HB1  sing N N 15  
ALA CB  HB2  sing N N 16  
ALA CB  HB3  sing N N 17  
ALA OXT HXT  sing N N 18  
ARG N   CA   sing N N 19  
ARG N   H    sing N N 20  
ARG N   H2   sing N N 21  
ARG CA  C    sing N N 22  
ARG CA  CB   sing N N 23  
ARG CA  HA   sing N N 24  
ARG C   O    doub N N 25  
ARG C   OXT  sing N N 26  
ARG CB  CG   sing N N 27  
ARG CB  HB2  sing N N 28  
ARG CB  HB3  sing N N 29  
ARG CG  CD   sing N N 30  
ARG CG  HG2  sing N N 31  
ARG CG  HG3  sing N N 32  
ARG CD  NE   sing N N 33  
ARG CD  HD2  sing N N 34  
ARG CD  HD3  sing N N 35  
ARG NE  CZ   sing N N 36  
ARG NE  HE   sing N N 37  
ARG CZ  NH1  sing N N 38  
ARG CZ  NH2  doub N N 39  
ARG NH1 HH11 sing N N 40  
ARG NH1 HH12 sing N N 41  
ARG NH2 HH21 sing N N 42  
ARG NH2 HH22 sing N N 43  
ARG OXT HXT  sing N N 44  
ASN N   CA   sing N N 45  
ASN N   H    sing N N 46  
ASN N   H2   sing N N 47  
ASN CA  C    sing N N 48  
ASN CA  CB   sing N N 49  
ASN CA  HA   sing N N 50  
ASN C   O    doub N N 51  
ASN C   OXT  sing N N 52  
ASN CB  CG   sing N N 53  
ASN CB  HB2  sing N N 54  
ASN CB  HB3  sing N N 55  
ASN CG  OD1  doub N N 56  
ASN CG  ND2  sing N N 57  
ASN ND2 HD21 sing N N 58  
ASN ND2 HD22 sing N N 59  
ASN OXT HXT  sing N N 60  
ASP N   CA   sing N N 61  
ASP N   H    sing N N 62  
ASP N   H2   sing N N 63  
ASP CA  C    sing N N 64  
ASP CA  CB   sing N N 65  
ASP CA  HA   sing N N 66  
ASP C   O    doub N N 67  
ASP C   OXT  sing N N 68  
ASP CB  CG   sing N N 69  
ASP CB  HB2  sing N N 70  
ASP CB  HB3  sing N N 71  
ASP CG  OD1  doub N N 72  
ASP CG  OD2  sing N N 73  
ASP OD2 HD2  sing N N 74  
ASP OXT HXT  sing N N 75  
CYS N   CA   sing N N 76  
CYS N   H    sing N N 77  
CYS N   H2   sing N N 78  
CYS CA  C    sing N N 79  
CYS CA  CB   sing N N 80  
CYS CA  HA   sing N N 81  
CYS C   O    doub N N 82  
CYS C   OXT  sing N N 83  
CYS CB  SG   sing N N 84  
CYS CB  HB2  sing N N 85  
CYS CB  HB3  sing N N 86  
CYS SG  HG   sing N N 87  
CYS OXT HXT  sing N N 88  
GLN N   CA   sing N N 89  
GLN N   H    sing N N 90  
GLN N   H2   sing N N 91  
GLN CA  C    sing N N 92  
GLN CA  CB   sing N N 93  
GLN CA  HA   sing N N 94  
GLN C   O    doub N N 95  
GLN C   OXT  sing N N 96  
GLN CB  CG   sing N N 97  
GLN CB  HB2  sing N N 98  
GLN CB  HB3  sing N N 99  
GLN CG  CD   sing N N 100 
GLN CG  HG2  sing N N 101 
GLN CG  HG3  sing N N 102 
GLN CD  OE1  doub N N 103 
GLN CD  NE2  sing N N 104 
GLN NE2 HE21 sing N N 105 
GLN NE2 HE22 sing N N 106 
GLN OXT HXT  sing N N 107 
GLU N   CA   sing N N 108 
GLU N   H    sing N N 109 
GLU N   H2   sing N N 110 
GLU CA  C    sing N N 111 
GLU CA  CB   sing N N 112 
GLU CA  HA   sing N N 113 
GLU C   O    doub N N 114 
GLU C   OXT  sing N N 115 
GLU CB  CG   sing N N 116 
GLU CB  HB2  sing N N 117 
GLU CB  HB3  sing N N 118 
GLU CG  CD   sing N N 119 
GLU CG  HG2  sing N N 120 
GLU CG  HG3  sing N N 121 
GLU CD  OE1  doub N N 122 
GLU CD  OE2  sing N N 123 
GLU OE2 HE2  sing N N 124 
GLU OXT HXT  sing N N 125 
GLY N   CA   sing N N 126 
GLY N   H    sing N N 127 
GLY N   H2   sing N N 128 
GLY CA  C    sing N N 129 
GLY CA  HA2  sing N N 130 
GLY CA  HA3  sing N N 131 
GLY C   O    doub N N 132 
GLY C   OXT  sing N N 133 
GLY OXT HXT  sing N N 134 
HIS N   CA   sing N N 135 
HIS N   H    sing N N 136 
HIS N   H2   sing N N 137 
HIS CA  C    sing N N 138 
HIS CA  CB   sing N N 139 
HIS CA  HA   sing N N 140 
HIS C   O    doub N N 141 
HIS C   OXT  sing N N 142 
HIS CB  CG   sing N N 143 
HIS CB  HB2  sing N N 144 
HIS CB  HB3  sing N N 145 
HIS CG  ND1  sing Y N 146 
HIS CG  CD2  doub Y N 147 
HIS ND1 CE1  doub Y N 148 
HIS ND1 HD1  sing N N 149 
HIS CD2 NE2  sing Y N 150 
HIS CD2 HD2  sing N N 151 
HIS CE1 NE2  sing Y N 152 
HIS CE1 HE1  sing N N 153 
HIS NE2 HE2  sing N N 154 
HIS OXT HXT  sing N N 155 
HOH O   H1   sing N N 156 
HOH O   H2   sing N N 157 
ILE N   CA   sing N N 158 
ILE N   H    sing N N 159 
ILE N   H2   sing N N 160 
ILE CA  C    sing N N 161 
ILE CA  CB   sing N N 162 
ILE CA  HA   sing N N 163 
ILE C   O    doub N N 164 
ILE C   OXT  sing N N 165 
ILE CB  CG1  sing N N 166 
ILE CB  CG2  sing N N 167 
ILE CB  HB   sing N N 168 
ILE CG1 CD1  sing N N 169 
ILE CG1 HG12 sing N N 170 
ILE CG1 HG13 sing N N 171 
ILE CG2 HG21 sing N N 172 
ILE CG2 HG22 sing N N 173 
ILE CG2 HG23 sing N N 174 
ILE CD1 HD11 sing N N 175 
ILE CD1 HD12 sing N N 176 
ILE CD1 HD13 sing N N 177 
ILE OXT HXT  sing N N 178 
IPA C1  C2   sing N N 179 
IPA C1  H11  sing N N 180 
IPA C1  H12  sing N N 181 
IPA C1  H13  sing N N 182 
IPA C2  C3   sing N N 183 
IPA C2  O2   sing N N 184 
IPA C2  H2   sing N N 185 
IPA C3  H31  sing N N 186 
IPA C3  H32  sing N N 187 
IPA C3  H33  sing N N 188 
IPA O2  HO2  sing N N 189 
LEU N   CA   sing N N 190 
LEU N   H    sing N N 191 
LEU N   H2   sing N N 192 
LEU CA  C    sing N N 193 
LEU CA  CB   sing N N 194 
LEU CA  HA   sing N N 195 
LEU C   O    doub N N 196 
LEU C   OXT  sing N N 197 
LEU CB  CG   sing N N 198 
LEU CB  HB2  sing N N 199 
LEU CB  HB3  sing N N 200 
LEU CG  CD1  sing N N 201 
LEU CG  CD2  sing N N 202 
LEU CG  HG   sing N N 203 
LEU CD1 HD11 sing N N 204 
LEU CD1 HD12 sing N N 205 
LEU CD1 HD13 sing N N 206 
LEU CD2 HD21 sing N N 207 
LEU CD2 HD22 sing N N 208 
LEU CD2 HD23 sing N N 209 
LEU OXT HXT  sing N N 210 
LYS N   CA   sing N N 211 
LYS N   H    sing N N 212 
LYS N   H2   sing N N 213 
LYS CA  C    sing N N 214 
LYS CA  CB   sing N N 215 
LYS CA  HA   sing N N 216 
LYS C   O    doub N N 217 
LYS C   OXT  sing N N 218 
LYS CB  CG   sing N N 219 
LYS CB  HB2  sing N N 220 
LYS CB  HB3  sing N N 221 
LYS CG  CD   sing N N 222 
LYS CG  HG2  sing N N 223 
LYS CG  HG3  sing N N 224 
LYS CD  CE   sing N N 225 
LYS CD  HD2  sing N N 226 
LYS CD  HD3  sing N N 227 
LYS CE  NZ   sing N N 228 
LYS CE  HE2  sing N N 229 
LYS CE  HE3  sing N N 230 
LYS NZ  HZ1  sing N N 231 
LYS NZ  HZ2  sing N N 232 
LYS NZ  HZ3  sing N N 233 
LYS OXT HXT  sing N N 234 
MET N   CA   sing N N 235 
MET N   H    sing N N 236 
MET N   H2   sing N N 237 
MET CA  C    sing N N 238 
MET CA  CB   sing N N 239 
MET CA  HA   sing N N 240 
MET C   O    doub N N 241 
MET C   OXT  sing N N 242 
MET CB  CG   sing N N 243 
MET CB  HB2  sing N N 244 
MET CB  HB3  sing N N 245 
MET CG  SD   sing N N 246 
MET CG  HG2  sing N N 247 
MET CG  HG3  sing N N 248 
MET SD  CE   sing N N 249 
MET CE  HE1  sing N N 250 
MET CE  HE2  sing N N 251 
MET CE  HE3  sing N N 252 
MET OXT HXT  sing N N 253 
MPD C1  C2   sing N N 254 
MPD C1  H11  sing N N 255 
MPD C1  H12  sing N N 256 
MPD C1  H13  sing N N 257 
MPD C2  O2   sing N N 258 
MPD C2  CM   sing N N 259 
MPD C2  C3   sing N N 260 
MPD O2  HO2  sing N N 261 
MPD CM  HM1  sing N N 262 
MPD CM  HM2  sing N N 263 
MPD CM  HM3  sing N N 264 
MPD C3  C4   sing N N 265 
MPD C3  H31  sing N N 266 
MPD C3  H32  sing N N 267 
MPD C4  O4   sing N N 268 
MPD C4  C5   sing N N 269 
MPD C4  H4   sing N N 270 
MPD O4  HO4  sing N N 271 
MPD C5  H51  sing N N 272 
MPD C5  H52  sing N N 273 
MPD C5  H53  sing N N 274 
PHE N   CA   sing N N 275 
PHE N   H    sing N N 276 
PHE N   H2   sing N N 277 
PHE CA  C    sing N N 278 
PHE CA  CB   sing N N 279 
PHE CA  HA   sing N N 280 
PHE C   O    doub N N 281 
PHE C   OXT  sing N N 282 
PHE CB  CG   sing N N 283 
PHE CB  HB2  sing N N 284 
PHE CB  HB3  sing N N 285 
PHE CG  CD1  doub Y N 286 
PHE CG  CD2  sing Y N 287 
PHE CD1 CE1  sing Y N 288 
PHE CD1 HD1  sing N N 289 
PHE CD2 CE2  doub Y N 290 
PHE CD2 HD2  sing N N 291 
PHE CE1 CZ   doub Y N 292 
PHE CE1 HE1  sing N N 293 
PHE CE2 CZ   sing Y N 294 
PHE CE2 HE2  sing N N 295 
PHE CZ  HZ   sing N N 296 
PHE OXT HXT  sing N N 297 
PRO N   CA   sing N N 298 
PRO N   CD   sing N N 299 
PRO N   H    sing N N 300 
PRO CA  C    sing N N 301 
PRO CA  CB   sing N N 302 
PRO CA  HA   sing N N 303 
PRO C   O    doub N N 304 
PRO C   OXT  sing N N 305 
PRO CB  CG   sing N N 306 
PRO CB  HB2  sing N N 307 
PRO CB  HB3  sing N N 308 
PRO CG  CD   sing N N 309 
PRO CG  HG2  sing N N 310 
PRO CG  HG3  sing N N 311 
PRO CD  HD2  sing N N 312 
PRO CD  HD3  sing N N 313 
PRO OXT HXT  sing N N 314 
PTR N   CA   sing N N 315 
PTR N   H    sing N N 316 
PTR N   H2   sing N N 317 
PTR CA  C    sing N N 318 
PTR CA  CB   sing N N 319 
PTR CA  HA   sing N N 320 
PTR C   O    doub N N 321 
PTR C   OXT  sing N N 322 
PTR OXT HXT  sing N N 323 
PTR CB  CG   sing N N 324 
PTR CB  HB2  sing N N 325 
PTR CB  HB3  sing N N 326 
PTR CG  CD1  doub Y N 327 
PTR CG  CD2  sing Y N 328 
PTR CD1 CE1  sing Y N 329 
PTR CD1 HD1  sing N N 330 
PTR CD2 CE2  doub Y N 331 
PTR CD2 HD2  sing N N 332 
PTR CE1 CZ   doub Y N 333 
PTR CE1 HE1  sing N N 334 
PTR CE2 CZ   sing Y N 335 
PTR CE2 HE2  sing N N 336 
PTR CZ  OH   sing N N 337 
PTR OH  P    sing N N 338 
PTR P   O1P  doub N N 339 
PTR P   O2P  sing N N 340 
PTR P   O3P  sing N N 341 
PTR O2P HO2P sing N N 342 
PTR O3P HO3P sing N N 343 
SER N   CA   sing N N 344 
SER N   H    sing N N 345 
SER N   H2   sing N N 346 
SER CA  C    sing N N 347 
SER CA  CB   sing N N 348 
SER CA  HA   sing N N 349 
SER C   O    doub N N 350 
SER C   OXT  sing N N 351 
SER CB  OG   sing N N 352 
SER CB  HB2  sing N N 353 
SER CB  HB3  sing N N 354 
SER OG  HG   sing N N 355 
SER OXT HXT  sing N N 356 
THR N   CA   sing N N 357 
THR N   H    sing N N 358 
THR N   H2   sing N N 359 
THR CA  C    sing N N 360 
THR CA  CB   sing N N 361 
THR CA  HA   sing N N 362 
THR C   O    doub N N 363 
THR C   OXT  sing N N 364 
THR CB  OG1  sing N N 365 
THR CB  CG2  sing N N 366 
THR CB  HB   sing N N 367 
THR OG1 HG1  sing N N 368 
THR CG2 HG21 sing N N 369 
THR CG2 HG22 sing N N 370 
THR CG2 HG23 sing N N 371 
THR OXT HXT  sing N N 372 
TRP N   CA   sing N N 373 
TRP N   H    sing N N 374 
TRP N   H2   sing N N 375 
TRP CA  C    sing N N 376 
TRP CA  CB   sing N N 377 
TRP CA  HA   sing N N 378 
TRP C   O    doub N N 379 
TRP C   OXT  sing N N 380 
TRP CB  CG   sing N N 381 
TRP CB  HB2  sing N N 382 
TRP CB  HB3  sing N N 383 
TRP CG  CD1  doub Y N 384 
TRP CG  CD2  sing Y N 385 
TRP CD1 NE1  sing Y N 386 
TRP CD1 HD1  sing N N 387 
TRP CD2 CE2  doub Y N 388 
TRP CD2 CE3  sing Y N 389 
TRP NE1 CE2  sing Y N 390 
TRP NE1 HE1  sing N N 391 
TRP CE2 CZ2  sing Y N 392 
TRP CE3 CZ3  doub Y N 393 
TRP CE3 HE3  sing N N 394 
TRP CZ2 CH2  doub Y N 395 
TRP CZ2 HZ2  sing N N 396 
TRP CZ3 CH2  sing Y N 397 
TRP CZ3 HZ3  sing N N 398 
TRP CH2 HH2  sing N N 399 
TRP OXT HXT  sing N N 400 
TYR N   CA   sing N N 401 
TYR N   H    sing N N 402 
TYR N   H2   sing N N 403 
TYR CA  C    sing N N 404 
TYR CA  CB   sing N N 405 
TYR CA  HA   sing N N 406 
TYR C   O    doub N N 407 
TYR C   OXT  sing N N 408 
TYR CB  CG   sing N N 409 
TYR CB  HB2  sing N N 410 
TYR CB  HB3  sing N N 411 
TYR CG  CD1  doub Y N 412 
TYR CG  CD2  sing Y N 413 
TYR CD1 CE1  sing Y N 414 
TYR CD1 HD1  sing N N 415 
TYR CD2 CE2  doub Y N 416 
TYR CD2 HD2  sing N N 417 
TYR CE1 CZ   doub Y N 418 
TYR CE1 HE1  sing N N 419 
TYR CE2 CZ   sing Y N 420 
TYR CE2 HE2  sing N N 421 
TYR CZ  OH   sing N N 422 
TYR OH  HH   sing N N 423 
TYR OXT HXT  sing N N 424 
VAL N   CA   sing N N 425 
VAL N   H    sing N N 426 
VAL N   H2   sing N N 427 
VAL CA  C    sing N N 428 
VAL CA  CB   sing N N 429 
VAL CA  HA   sing N N 430 
VAL C   O    doub N N 431 
VAL C   OXT  sing N N 432 
VAL CB  CG1  sing N N 433 
VAL CB  CG2  sing N N 434 
VAL CB  HB   sing N N 435 
VAL CG1 HG11 sing N N 436 
VAL CG1 HG12 sing N N 437 
VAL CG1 HG13 sing N N 438 
VAL CG2 HG21 sing N N 439 
VAL CG2 HG22 sing N N 440 
VAL CG2 HG23 sing N N 441 
VAL OXT HXT  sing N N 442 
# 
_pdbx_initial_refinement_model.accession_code   ? 
_pdbx_initial_refinement_model.id               1 
_pdbx_initial_refinement_model.entity_id_list   ? 
_pdbx_initial_refinement_model.type             other 
_pdbx_initial_refinement_model.source_name      ? 
_pdbx_initial_refinement_model.details          NCK1-TIR 
# 
_atom_sites.entry_id                    2CIA 
_atom_sites.fract_transf_matrix[1][1]   -0.02254903 
_atom_sites.fract_transf_matrix[1][2]   -0.02267389 
_atom_sites.fract_transf_matrix[1][3]   0.00134899 
_atom_sites.fract_transf_matrix[2][1]   0.00397234 
_atom_sites.fract_transf_matrix[2][2]   -0.00284819 
_atom_sites.fract_transf_matrix[2][3]   0.01852707 
_atom_sites.fract_transf_matrix[3][1]   -0.01168219 
_atom_sites.fract_transf_matrix[3][2]   0.01187549 
_atom_sites.fract_transf_matrix[3][3]   0.00433038 
_atom_sites.fract_transf_vector[1]      0.338180 
_atom_sites.fract_transf_vector[2]      0.976113 
_atom_sites.fract_transf_vector[3]      0.332869 
# 
loop_
_atom_type.symbol 
C 
N 
O 
P 
S 
# 
loop_
_atom_site.group_PDB 
_atom_site.id 
_atom_site.type_symbol 
_atom_site.label_atom_id 
_atom_site.label_alt_id 
_atom_site.label_comp_id 
_atom_site.label_asym_id 
_atom_site.label_entity_id 
_atom_site.label_seq_id 
_atom_site.pdbx_PDB_ins_code 
_atom_site.Cartn_x 
_atom_site.Cartn_y 
_atom_site.Cartn_z 
_atom_site.occupancy 
_atom_site.B_iso_or_equiv 
_atom_site.pdbx_formal_charge 
_atom_site.auth_seq_id 
_atom_site.auth_comp_id 
_atom_site.auth_asym_id 
_atom_site.auth_atom_id 
_atom_site.pdbx_PDB_model_num 
ATOM   1    N N   . SER A 1 5   ? 12.684  -6.390  4.697   1.00 43.33 ? 283  SER A N   1 
ATOM   2    C CA  . SER A 1 5   ? 11.275  -6.092  5.073   1.00 37.66 ? 283  SER A CA  1 
ATOM   3    C C   . SER A 1 5   ? 11.140  -4.736  5.838   1.00 34.88 ? 283  SER A C   1 
ATOM   4    O O   . SER A 1 5   ? 10.307  -4.598  6.742   1.00 25.18 ? 283  SER A O   1 
ATOM   5    C CB  . SER A 1 5   ? 10.704  -7.252  5.891   1.00 40.16 ? 283  SER A CB  1 
ATOM   6    N N   . GLU A 1 6   ? 11.956  -3.745  5.431   1.00 28.44 ? 284  GLU A N   1 
ATOM   7    C CA  A GLU A 1 6   ? 11.961  -2.408  6.025   0.50 25.83 ? 284  GLU A CA  1 
ATOM   8    C CA  B GLU A 1 6   ? 11.927  -2.416  6.041   0.50 23.58 ? 284  GLU A CA  1 
ATOM   9    C C   . GLU A 1 6   ? 10.559  -1.747  5.916   1.00 19.07 ? 284  GLU A C   1 
ATOM   10   O O   . GLU A 1 6   ? 10.211  -0.896  6.726   1.00 20.76 ? 284  GLU A O   1 
ATOM   11   C CB  A GLU A 1 6   ? 13.000  -1.531  5.297   0.50 29.14 ? 284  GLU A CB  1 
ATOM   12   C CB  B GLU A 1 6   ? 12.974  -1.500  5.422   0.50 26.26 ? 284  GLU A CB  1 
ATOM   13   C CG  A GLU A 1 6   ? 13.869  -0.685  6.190   0.50 32.54 ? 284  GLU A CG  1 
ATOM   14   C CG  B GLU A 1 6   ? 12.974  -0.134  6.016   0.50 28.49 ? 284  GLU A CG  1 
ATOM   15   C CD  A GLU A 1 6   ? 14.901  0.088   5.399   0.50 30.63 ? 284  GLU A CD  1 
ATOM   16   C CD  B GLU A 1 6   ? 14.148  0.685   5.589   0.50 29.33 ? 284  GLU A CD  1 
ATOM   17   O OE1 A GLU A 1 6   ? 14.491  0.856   4.504   0.50 30.91 ? 284  GLU A OE1 1 
ATOM   18   O OE1 B GLU A 1 6   ? 14.810  0.300   4.609   0.50 27.12 ? 284  GLU A OE1 1 
ATOM   19   O OE2 A GLU A 1 6   ? 16.119  -0.063  5.681   0.50 34.29 ? 284  GLU A OE2 1 
ATOM   20   O OE2 B GLU A 1 6   ? 14.398  1.715   6.235   0.50 34.30 ? 284  GLU A OE2 1 
ATOM   21   N N   . TRP A 1 7   ? 9.795   -2.137  4.911   1.00 18.00 ? 285  TRP A N   1 
ATOM   22   C CA  . TRP A 1 7   ? 8.460   -1.567  4.741   1.00 17.00 ? 285  TRP A CA  1 
ATOM   23   C C   . TRP A 1 7   ? 7.392   -2.159  5.585   1.00 16.22 ? 285  TRP A C   1 
ATOM   24   O O   . TRP A 1 7   ? 6.307   -1.587  5.625   1.00 15.60 ? 285  TRP A O   1 
ATOM   25   C CB  . TRP A 1 7   ? 7.993   -1.593  3.284   1.00 16.54 ? 285  TRP A CB  1 
ATOM   26   C CG  . TRP A 1 7   ? 8.470   -2.783  2.485   1.00 15.21 ? 285  TRP A CG  1 
ATOM   27   C CD1 . TRP A 1 7   ? 9.464   -2.761  1.525   1.00 18.50 ? 285  TRP A CD1 1 
ATOM   28   C CD2 . TRP A 1 7   ? 8.020   -4.131  2.563   1.00 15.24 ? 285  TRP A CD2 1 
ATOM   29   N NE1 . TRP A 1 7   ? 9.648   -4.022  1.029   1.00 17.91 ? 285  TRP A NE1 1 
ATOM   30   C CE2 . TRP A 1 7   ? 8.791   -4.874  1.638   1.00 16.47 ? 285  TRP A CE2 1 
ATOM   31   C CE3 . TRP A 1 7   ? 7.046   -4.795  3.323   1.00 17.79 ? 285  TRP A CE3 1 
ATOM   32   C CZ2 . TRP A 1 7   ? 8.634   -6.237  1.455   1.00 16.46 ? 285  TRP A CZ2 1 
ATOM   33   C CZ3 . TRP A 1 7   ? 6.885   -6.160  3.145   1.00 18.45 ? 285  TRP A CZ3 1 
ATOM   34   C CH2 . TRP A 1 7   ? 7.706   -6.871  2.195   1.00 17.36 ? 285  TRP A CH2 1 
ATOM   35   N N   . TYR A 1 8   ? 7.642   -3.277  6.270   1.00 15.21 ? 286  TYR A N   1 
ATOM   36   C CA  . TYR A 1 8   ? 6.591   -3.896  7.063   1.00 15.64 ? 286  TYR A CA  1 
ATOM   37   C C   . TYR A 1 8   ? 6.567   -3.342  8.436   1.00 15.04 ? 286  TYR A C   1 
ATOM   38   O O   . TYR A 1 8   ? 7.519   -3.556  9.196   1.00 15.24 ? 286  TYR A O   1 
ATOM   39   C CB  . TYR A 1 8   ? 6.708   -5.433  7.117   1.00 13.95 ? 286  TYR A CB  1 
ATOM   40   C CG  . TYR A 1 8   ? 5.581   -6.110  7.902   1.00 15.41 ? 286  TYR A CG  1 
ATOM   41   C CD1 . TYR A 1 8   ? 4.270   -5.890  7.595   1.00 15.94 ? 286  TYR A CD1 1 
ATOM   42   C CD2 . TYR A 1 8   ? 5.859   -6.962  8.956   1.00 16.70 ? 286  TYR A CD2 1 
ATOM   43   C CE1 . TYR A 1 8   ? 3.215   -6.496  8.308   1.00 15.83 ? 286  TYR A CE1 1 
ATOM   44   C CE2 . TYR A 1 8   ? 4.797   -7.580  9.660   1.00 15.20 ? 286  TYR A CE2 1 
ATOM   45   C CZ  . TYR A 1 8   ? 3.498   -7.338  9.335   1.00 15.52 ? 286  TYR A CZ  1 
ATOM   46   O OH  . TYR A 1 8   ? 2.467   -7.961  10.088  1.00 15.93 ? 286  TYR A OH  1 
ATOM   47   N N   . TYR A 1 9   ? 5.487   -2.637  8.769   1.00 14.02 ? 287  TYR A N   1 
ATOM   48   C CA  . TYR A 1 9   ? 5.283   -1.929  10.042  1.00 14.44 ? 287  TYR A CA  1 
ATOM   49   C C   . TYR A 1 9   ? 4.359   -2.691  10.982  1.00 13.37 ? 287  TYR A C   1 
ATOM   50   O O   . TYR A 1 9   ? 3.979   -2.169  12.002  1.00 16.24 ? 287  TYR A O   1 
ATOM   51   C CB  . TYR A 1 9   ? 4.736   -0.504  9.763   1.00 18.02 ? 287  TYR A CB  1 
ATOM   52   C CG  . TYR A 1 9   ? 5.807   0.539   9.537   1.00 17.03 ? 287  TYR A CG  1 
ATOM   53   C CD1 . TYR A 1 9   ? 6.718   0.426   8.499   1.00 15.23 ? 287  TYR A CD1 1 
ATOM   54   C CD2 . TYR A 1 9   ? 5.876   1.650   10.354  1.00 17.75 ? 287  TYR A CD2 1 
ATOM   55   C CE1 . TYR A 1 9   ? 7.724   1.389   8.292   1.00 15.50 ? 287  TYR A CE1 1 
ATOM   56   C CE2 . TYR A 1 9   ? 6.860   2.651   10.154  1.00 20.35 ? 287  TYR A CE2 1 
ATOM   57   C CZ  . TYR A 1 9   ? 7.769   2.497   9.132   1.00 18.79 ? 287  TYR A CZ  1 
ATOM   58   O OH  . TYR A 1 9   ? 8.714   3.522   9.067   1.00 20.66 ? 287  TYR A OH  1 
ATOM   59   N N   . GLY A 1 10  ? 4.017   -3.956  10.684  1.00 12.65 ? 288  GLY A N   1 
ATOM   60   C CA  . GLY A 1 10  ? 3.190   -4.676  11.633  1.00 12.97 ? 288  GLY A CA  1 
ATOM   61   C C   . GLY A 1 10  ? 1.790   -4.172  11.813  1.00 11.18 ? 288  GLY A C   1 
ATOM   62   O O   . GLY A 1 10  ? 1.125   -3.789  10.853  1.00 13.58 ? 288  GLY A O   1 
ATOM   63   N N   . ASN A 1 11  ? 1.346   -4.141  13.035  1.00 9.77  ? 289  ASN A N   1 
ATOM   64   C CA  . ASN A 1 11  ? -0.020  -3.816  13.388  1.00 13.26 ? 289  ASN A CA  1 
ATOM   65   C C   . ASN A 1 11  ? -0.285  -2.368  13.659  1.00 14.02 ? 289  ASN A C   1 
ATOM   66   O O   . ASN A 1 11  ? -0.945  -2.005  14.597  1.00 16.56 ? 289  ASN A O   1 
ATOM   67   C CB  . ASN A 1 11  ? -0.515  -4.721  14.521  1.00 11.23 ? 289  ASN A CB  1 
ATOM   68   C CG  . ASN A 1 11  ? 0.279   -4.600  15.793  1.00 10.87 ? 289  ASN A CG  1 
ATOM   69   O OD1 . ASN A 1 11  ? 1.457   -4.234  15.760  1.00 10.75 ? 289  ASN A OD1 1 
ATOM   70   N ND2 . ASN A 1 11  ? -0.346  -4.863  16.916  1.00 10.73 ? 289  ASN A ND2 1 
ATOM   71   N N   . VAL A 1 12  ? 0.346   -1.529  12.871  1.00 18.18 ? 290  VAL A N   1 
ATOM   72   C CA  A VAL A 1 12  ? 0.026   -0.117  13.070  0.50 21.38 ? 290  VAL A CA  1 
ATOM   73   C CA  B VAL A 1 12  ? 0.164   -0.060  12.857  0.30 19.24 ? 290  VAL A CA  1 
ATOM   74   C C   . VAL A 1 12  ? -1.309  0.129   12.412  1.00 17.18 ? 290  VAL A C   1 
ATOM   75   O O   . VAL A 1 12  ? -1.710  -0.484  11.443  1.00 17.92 ? 290  VAL A O   1 
ATOM   76   C CB  A VAL A 1 12  ? 1.064   0.860   12.467  0.70 19.74 ? 290  VAL A CB  1 
ATOM   77   C CB  B VAL A 1 12  ? 1.183   0.624   11.817  0.30 20.42 ? 290  VAL A CB  1 
ATOM   78   C CG1 A VAL A 1 12  ? 2.473   0.790   13.128  0.70 21.73 ? 290  VAL A CG1 1 
ATOM   79   C CG1 B VAL A 1 12  ? 1.301   -0.170  10.573  0.30 23.31 ? 290  VAL A CG1 1 
ATOM   80   C CG2 A VAL A 1 12  ? 1.135   0.667   10.976  0.70 16.70 ? 290  VAL A CG2 1 
ATOM   81   C CG2 B VAL A 1 12  ? 0.773   2.066   11.494  0.30 17.72 ? 290  VAL A CG2 1 
ATOM   82   N N   . THR A 1 13  ? -2.078  0.999   13.044  1.00 16.56 ? 291  THR A N   1 
ATOM   83   C CA  . THR A 1 13  ? -3.408  1.281   12.609  1.00 13.90 ? 291  THR A CA  1 
ATOM   84   C C   . THR A 1 13  ? -3.424  2.231   11.374  1.00 12.96 ? 291  THR A C   1 
ATOM   85   O O   . THR A 1 13  ? -2.435  2.860   11.095  1.00 13.81 ? 291  THR A O   1 
ATOM   86   C CB  . THR A 1 13  ? -4.214  1.963   13.717  1.00 14.55 ? 291  THR A CB  1 
ATOM   87   O OG1 . THR A 1 13  ? -3.627  3.212   14.040  1.00 15.48 ? 291  THR A OG1 1 
ATOM   88   C CG2 . THR A 1 13  ? -4.276  1.042   14.987  1.00 18.70 ? 291  THR A CG2 1 
ATOM   89   N N   . ARG A 1 14  ? -4.554  2.342   10.713  1.00 14.80 ? 292  ARG A N   1 
ATOM   90   C CA  . ARG A 1 14  ? -4.676  3.335   9.647   1.00 14.12 ? 292  ARG A CA  1 
ATOM   91   C C   . ARG A 1 14  ? -4.326  4.711   10.149  1.00 14.57 ? 292  ARG A C   1 
ATOM   92   O O   . ARG A 1 14  ? -3.548  5.415   9.490   1.00 14.47 ? 292  ARG A O   1 
ATOM   93   C CB  . ARG A 1 14  ? -6.061  3.333   9.044   1.00 14.65 ? 292  ARG A CB  1 
ATOM   94   C CG  . ARG A 1 14  ? -6.234  4.376   7.982   1.00 16.73 ? 292  ARG A CG  1 
ATOM   95   C CD  . ARG A 1 14  ? -7.582  4.471   7.323   1.00 17.42 ? 292  ARG A CD  1 
ATOM   96   N NE  . ARG A 1 14  ? -7.770  3.380   6.398   1.00 17.13 ? 292  ARG A NE  1 
ATOM   97   C CZ  . ARG A 1 14  ? -8.505  3.427   5.290   1.00 17.92 ? 292  ARG A CZ  1 
ATOM   98   N NH1 . ARG A 1 14  ? -9.159  4.537   4.955   1.00 21.72 ? 292  ARG A NH1 1 
ATOM   99   N NH2 . ARG A 1 14  ? -8.576  2.392   4.521   1.00 17.87 ? 292  ARG A NH2 1 
ATOM   100  N N   . HIS A 1 15  ? -4.842  5.115   11.299  1.00 14.92 ? 293  HIS A N   1 
ATOM   101  C CA  . HIS A 1 15  ? -4.532  6.430   11.820  1.00 16.09 ? 293  HIS A CA  1 
ATOM   102  C C   . HIS A 1 15  ? -3.063  6.619   12.116  1.00 14.10 ? 293  HIS A C   1 
ATOM   103  O O   . HIS A 1 15  ? -2.478  7.667   11.826  1.00 14.71 ? 293  HIS A O   1 
ATOM   104  C CB  . HIS A 1 15  ? -5.357  6.644   13.083  1.00 18.96 ? 293  HIS A CB  1 
ATOM   105  C CG  . HIS A 1 15  ? -5.039  7.917   13.796  1.00 27.92 ? 293  HIS A CG  1 
ATOM   106  N ND1 . HIS A 1 15  ? -4.288  7.959   14.955  1.00 31.50 ? 293  HIS A ND1 1 
ATOM   107  C CD2 . HIS A 1 15  ? -5.344  9.197   13.495  1.00 29.36 ? 293  HIS A CD2 1 
ATOM   108  C CE1 . HIS A 1 15  ? -4.154  9.218   15.337  1.00 31.55 ? 293  HIS A CE1 1 
ATOM   109  N NE2 . HIS A 1 15  ? -4.793  9.986   14.471  1.00 33.58 ? 293  HIS A NE2 1 
ATOM   110  N N   . GLN A 1 16  ? -2.449  5.627   12.747  1.00 12.84 ? 294  GLN A N   1 
ATOM   111  C CA  . GLN A 1 16  ? -1.037  5.708   13.026  1.00 15.31 ? 294  GLN A CA  1 
ATOM   112  C C   . GLN A 1 16  ? -0.244  5.814   11.744  1.00 13.95 ? 294  GLN A C   1 
ATOM   113  O O   . GLN A 1 16  ? 0.732   6.509   11.708  1.00 14.27 ? 294  GLN A O   1 
ATOM   114  C CB  . GLN A 1 16  ? -0.589  4.476   13.835  1.00 14.48 ? 294  GLN A CB  1 
ATOM   115  C CG  . GLN A 1 16  ? -1.043  4.512   15.260  1.00 16.58 ? 294  GLN A CG  1 
ATOM   116  C CD  . GLN A 1 16  ? -0.851  3.192   15.990  1.00 21.18 ? 294  GLN A CD  1 
ATOM   117  O OE1 . GLN A 1 16  ? -0.588  2.180   15.408  1.00 20.85 ? 294  GLN A OE1 1 
ATOM   118  N NE2 . GLN A 1 16  ? -1.022  3.223   17.304  1.00 24.06 ? 294  GLN A NE2 1 
ATOM   119  N N   . ALA A 1 17  ? -0.663  5.082   10.704  1.00 13.85 ? 295  ALA A N   1 
ATOM   120  C CA  . ALA A 1 17  ? 0.017   5.128   9.387   1.00 13.15 ? 295  ALA A CA  1 
ATOM   121  C C   . ALA A 1 17  ? -0.088  6.517   8.791   1.00 12.72 ? 295  ALA A C   1 
ATOM   122  O O   . ALA A 1 17  ? 0.883   7.048   8.280   1.00 13.99 ? 295  ALA A O   1 
ATOM   123  C CB  . ALA A 1 17  ? -0.585  4.052   8.454   1.00 13.97 ? 295  ALA A CB  1 
ATOM   124  N N   . GLU A 1 18  ? -1.263  7.105   8.855   1.00 12.80 ? 296  GLU A N   1 
ATOM   125  C CA  . GLU A 1 18  ? -1.472  8.482   8.341   1.00 13.94 ? 296  GLU A CA  1 
ATOM   126  C C   . GLU A 1 18  ? -0.512  9.424   9.048   1.00 13.43 ? 296  GLU A C   1 
ATOM   127  O O   . GLU A 1 18  ? 0.171   10.270  8.424   1.00 13.94 ? 296  GLU A O   1 
ATOM   128  C CB  . GLU A 1 18  ? -2.889  8.937   8.599   1.00 15.04 ? 296  GLU A CB  1 
ATOM   129  C CG  . GLU A 1 18  ? -3.935  8.280   7.790   1.00 14.08 ? 296  GLU A CG  1 
ATOM   130  C CD  . GLU A 1 18  ? -4.115  8.888   6.435   1.00 13.69 ? 296  GLU A CD  1 
ATOM   131  O OE1 . GLU A 1 18  ? -3.490  9.928   6.146   1.00 15.55 ? 296  GLU A OE1 1 
ATOM   132  O OE2 . GLU A 1 18  ? -4.899  8.361   5.616   1.00 17.63 ? 296  GLU A OE2 1 
ATOM   133  N N   . CYS A 1 19  ? -0.442  9.309   10.361  1.00 14.01 ? 297  CYS A N   1 
ATOM   134  C CA  . CYS A 1 19  ? 0.415   10.209  11.094  1.00 14.58 ? 297  CYS A CA  1 
ATOM   135  C C   . CYS A 1 19  ? 1.875   10.043  10.801  1.00 14.36 ? 297  CYS A C   1 
ATOM   136  O O   . CYS A 1 19  ? 2.610   11.011  10.651  1.00 15.70 ? 297  CYS A O   1 
ATOM   137  C CB  . CYS A 1 19  ? 0.197   10.048  12.559  1.00 15.07 ? 297  CYS A CB  1 
ATOM   138  S SG  A CYS A 1 19  ? -1.431  10.650  13.127  0.50 20.93 ? 297  CYS A SG  1 
ATOM   139  S SG  B CYS A 1 19  ? 1.115   10.748  13.821  0.50 18.96 ? 297  CYS A SG  1 
ATOM   140  N N   . ALA A 1 20  ? 2.311   8.783   10.751  1.00 14.16 ? 298  ALA A N   1 
ATOM   141  C CA  . ALA A 1 20  ? 3.715   8.461   10.491  1.00 15.39 ? 298  ALA A CA  1 
ATOM   142  C C   . ALA A 1 20  ? 4.103   8.945   9.075   1.00 12.96 ? 298  ALA A C   1 
ATOM   143  O O   . ALA A 1 20  ? 5.138   9.521   8.892   1.00 13.79 ? 298  ALA A O   1 
ATOM   144  C CB  . ALA A 1 20  ? 3.967   6.960   10.668  1.00 16.10 ? 298  ALA A CB  1 
ATOM   145  N N   . LEU A 1 21  ? 3.260   8.643   8.096   1.00 12.08 ? 299  LEU A N   1 
ATOM   146  C CA  . LEU A 1 21  ? 3.532   9.088   6.718   1.00 12.74 ? 299  LEU A CA  1 
ATOM   147  C C   . LEU A 1 21  ? 3.653   10.606  6.640   1.00 13.16 ? 299  LEU A C   1 
ATOM   148  O O   . LEU A 1 21  ? 4.511   11.157  5.964   1.00 13.66 ? 299  LEU A O   1 
ATOM   149  C CB  . LEU A 1 21  ? 2.429   8.604   5.749   1.00 11.64 ? 299  LEU A CB  1 
ATOM   150  C CG  . LEU A 1 21  ? 2.398   7.102   5.475   1.00 12.71 ? 299  LEU A CG  1 
ATOM   151  C CD1 . LEU A 1 21  ? 1.147   6.705   4.817   1.00 12.78 ? 299  LEU A CD1 1 
ATOM   152  C CD2 . LEU A 1 21  ? 3.630   6.627   4.633   1.00 14.01 ? 299  LEU A CD2 1 
ATOM   153  N N   . ASN A 1 22  ? 2.748   11.300  7.338   1.00 11.97 ? 300  ASN A N   1 
ATOM   154  C CA  . ASN A 1 22  ? 2.799   12.744  7.276   1.00 13.48 ? 300  ASN A CA  1 
ATOM   155  C C   . ASN A 1 22  ? 3.937   13.384  8.031   1.00 13.30 ? 300  ASN A C   1 
ATOM   156  O O   . ASN A 1 22  ? 4.451   14.411  7.596   1.00 15.09 ? 300  ASN A O   1 
ATOM   157  C CB  . ASN A 1 22  ? 1.448   13.349  7.730   1.00 14.06 ? 300  ASN A CB  1 
ATOM   158  C CG  . ASN A 1 22  ? 0.367   13.175  6.688   1.00 12.57 ? 300  ASN A CG  1 
ATOM   159  O OD1 . ASN A 1 22  ? 0.630   12.797  5.548   1.00 12.74 ? 300  ASN A OD1 1 
ATOM   160  N ND2 . ASN A 1 22  ? -0.867  13.451  7.071   1.00 13.72 ? 300  ASN A ND2 1 
ATOM   161  N N   A GLU A 1 23  ? 4.329   12.749  9.136   0.50 11.70 ? 301  GLU A N   1 
ATOM   162  N N   B GLU A 1 23  ? 4.358   12.817  9.148   0.50 15.65 ? 301  GLU A N   1 
ATOM   163  C CA  A GLU A 1 23  ? 5.403   13.263  9.994   0.50 11.39 ? 301  GLU A CA  1 
ATOM   164  C CA  B GLU A 1 23  ? 5.477   13.430  9.870   0.50 17.65 ? 301  GLU A CA  1 
ATOM   165  C C   A GLU A 1 23  ? 6.817   12.994  9.484   0.50 12.50 ? 301  GLU A C   1 
ATOM   166  C C   B GLU A 1 23  ? 6.832   13.085  9.250   0.50 14.80 ? 301  GLU A C   1 
ATOM   167  O O   A GLU A 1 23  ? 7.713   13.817  9.696   0.50 14.90 ? 301  GLU A O   1 
ATOM   168  O O   B GLU A 1 23  ? 7.689   13.972  9.070   0.50 12.94 ? 301  GLU A O   1 
ATOM   169  C CB  A GLU A 1 23  ? 5.300   12.684  11.405  0.50 14.63 ? 301  GLU A CB  1 
ATOM   170  C CB  B GLU A 1 23  ? 5.478   13.052  11.346  0.50 22.95 ? 301  GLU A CB  1 
ATOM   171  C CG  A GLU A 1 23  ? 6.216   13.433  12.435  0.50 18.76 ? 301  GLU A CG  1 
ATOM   172  C CG  B GLU A 1 23  ? 4.253   13.525  12.150  0.50 27.49 ? 301  GLU A CG  1 
ATOM   173  C CD  A GLU A 1 23  ? 5.715   14.857  12.759  0.50 21.83 ? 301  GLU A CD  1 
ATOM   174  C CD  B GLU A 1 23  ? 4.081   15.077  12.264  0.50 29.45 ? 301  GLU A CD  1 
ATOM   175  O OE1 A GLU A 1 23  ? 4.496   15.028  13.016  0.50 26.10 ? 301  GLU A OE1 1 
ATOM   176  O OE1 B GLU A 1 23  ? 5.004   15.881  11.919  0.50 29.48 ? 301  GLU A OE1 1 
ATOM   177  O OE2 A GLU A 1 23  ? 6.539   15.799  12.780  0.50 29.44 ? 301  GLU A OE2 1 
ATOM   178  O OE2 B GLU A 1 23  ? 2.988   15.485  12.706  0.50 32.41 ? 301  GLU A OE2 1 
ATOM   179  N N   . ARG A 1 24  ? 7.006   11.828  8.874   1.00 13.15 ? 302  ARG A N   1 
ATOM   180  C CA  . ARG A 1 24  ? 8.314   11.361  8.426   1.00 14.30 ? 302  ARG A CA  1 
ATOM   181  C C   . ARG A 1 24  ? 8.422   11.078  6.947   1.00 14.35 ? 302  ARG A C   1 
ATOM   182  O O   . ARG A 1 24  ? 9.509   10.747  6.495   1.00 16.28 ? 302  ARG A O   1 
ATOM   183  C CB  . ARG A 1 24  ? 8.626   10.073  9.182   1.00 15.58 ? 302  ARG A CB  1 
ATOM   184  C CG  . ARG A 1 24  ? 8.701   10.328  10.682  1.00 16.13 ? 302  ARG A CG  1 
ATOM   185  C CD  . ARG A 1 24  ? 8.947   9.101   11.459  1.00 22.86 ? 302  ARG A CD  1 
ATOM   186  N NE  . ARG A 1 24  ? 10.271  8.493   11.280  1.00 23.51 ? 302  ARG A NE  1 
ATOM   187  C CZ  . ARG A 1 24  ? 11.392  8.872   11.898  1.00 25.98 ? 302  ARG A CZ  1 
ATOM   188  N NH1 . ARG A 1 24  ? 11.440  9.927   12.715  1.00 27.13 ? 302  ARG A NH1 1 
ATOM   189  N NH2 . ARG A 1 24  ? 12.501  8.194   11.669  1.00 26.31 ? 302  ARG A NH2 1 
ATOM   190  N N   . GLY A 1 25  ? 7.326   11.145  6.185   1.00 12.17 ? 303  GLY A N   1 
ATOM   191  C CA  . GLY A 1 25  ? 7.373   10.752  4.787   1.00 13.35 ? 303  GLY A CA  1 
ATOM   192  C C   . GLY A 1 25  ? 7.345   11.888  3.790   1.00 14.07 ? 303  GLY A C   1 
ATOM   193  O O   . GLY A 1 25  ? 6.906   12.982  4.080   1.00 14.64 ? 303  GLY A O   1 
ATOM   194  N N   . VAL A 1 26  ? 7.836   11.580  2.629   1.00 12.14 ? 304  VAL A N   1 
ATOM   195  C CA  . VAL A 1 26  ? 7.696   12.417  1.446   1.00 13.69 ? 304  VAL A CA  1 
ATOM   196  C C   . VAL A 1 26  ? 6.944   11.576  0.424   1.00 12.44 ? 304  VAL A C   1 
ATOM   197  O O   . VAL A 1 26  ? 6.801   10.369  0.564   1.00 12.49 ? 304  VAL A O   1 
ATOM   198  C CB  . VAL A 1 26  ? 9.011   12.939  0.916   1.00 17.84 ? 304  VAL A CB  1 
ATOM   199  C CG1 . VAL A 1 26  ? 9.658   13.800  1.946   1.00 19.98 ? 304  VAL A CG1 1 
ATOM   200  C CG2 . VAL A 1 26  ? 9.891   11.823  0.474   1.00 18.18 ? 304  VAL A CG2 1 
ATOM   201  N N   . GLU A 1 27  ? 6.390   12.224  -0.590  1.00 12.33 ? 305  GLU A N   1 
ATOM   202  C CA  . GLU A 1 27  ? 5.616   11.525  -1.587  1.00 13.44 ? 305  GLU A CA  1 
ATOM   203  C C   . GLU A 1 27  ? 6.352   10.295  -2.090  1.00 13.58 ? 305  GLU A C   1 
ATOM   204  O O   . GLU A 1 27  ? 7.516   10.365  -2.470  1.00 12.74 ? 305  GLU A O   1 
ATOM   205  C CB  A GLU A 1 27  ? 5.207   12.411  -2.809  0.60 19.93 ? 305  GLU A CB  1 
ATOM   206  C CB  B GLU A 1 27  ? 5.260   12.496  -2.733  0.40 18.01 ? 305  GLU A CB  1 
ATOM   207  C CG  A GLU A 1 27  ? 3.681   12.816  -2.875  0.60 24.55 ? 305  GLU A CG  1 
ATOM   208  C CG  B GLU A 1 27  ? 3.961   13.351  -2.530  0.40 22.93 ? 305  GLU A CG  1 
ATOM   209  C CD  A GLU A 1 27  ? 3.093   12.729  -4.288  0.60 25.48 ? 305  GLU A CD  1 
ATOM   210  C CD  B GLU A 1 27  ? 4.015   14.404  -1.431  0.40 28.53 ? 305  GLU A CD  1 
ATOM   211  O OE1 A GLU A 1 27  ? 3.716   13.291  -5.240  0.60 31.50 ? 305  GLU A OE1 1 
ATOM   212  O OE1 B GLU A 1 27  ? 3.201   15.353  -1.516  0.40 32.90 ? 305  GLU A OE1 1 
ATOM   213  O OE2 A GLU A 1 27  ? 1.999   12.120  -4.467  0.60 17.81 ? 305  GLU A OE2 1 
ATOM   214  O OE2 B GLU A 1 27  ? 4.841   14.311  -0.501  0.40 34.51 ? 305  GLU A OE2 1 
ATOM   215  N N   . GLY A 1 28  ? 5.666   9.164   -2.111  1.00 12.64 ? 306  GLY A N   1 
ATOM   216  C CA  . GLY A 1 28  ? 6.230   7.902   -2.547  1.00 11.58 ? 306  GLY A CA  1 
ATOM   217  C C   . GLY A 1 28  ? 6.709   7.024   -1.463  1.00 11.51 ? 306  GLY A C   1 
ATOM   218  O O   . GLY A 1 28  ? 6.964   5.839   -1.700  1.00 12.88 ? 306  GLY A O   1 
ATOM   219  N N   . ASP A 1 29  ? 6.858   7.580   -0.259  1.00 11.73 ? 307  ASP A N   1 
ATOM   220  C CA  . ASP A 1 29  ? 7.210   6.756   0.893   1.00 12.53 ? 307  ASP A CA  1 
ATOM   221  C C   . ASP A 1 29  ? 5.962   5.949   1.256   1.00 10.64 ? 307  ASP A C   1 
ATOM   222  O O   . ASP A 1 29  ? 4.832   6.432   1.153   1.00 11.76 ? 307  ASP A O   1 
ATOM   223  C CB  . ASP A 1 29  ? 7.645   7.623   2.042   1.00 11.54 ? 307  ASP A CB  1 
ATOM   224  C CG  . ASP A 1 29  ? 9.045   8.215   1.866   1.00 12.07 ? 307  ASP A CG  1 
ATOM   225  O OD1 . ASP A 1 29  ? 9.747   7.809   0.878   1.00 12.83 ? 307  ASP A OD1 1 
ATOM   226  O OD2 . ASP A 1 29  ? 9.441   9.052   2.701   1.00 11.55 ? 307  ASP A OD2 1 
ATOM   227  N N   . PHE A 1 30  ? 6.162   4.730   1.711   1.00 11.21 ? 308  PHE A N   1 
ATOM   228  C CA  . PHE A 1 30  ? 5.044   3.837   1.975   1.00 12.75 ? 308  PHE A CA  1 
ATOM   229  C C   . PHE A 1 30  ? 5.362   2.867   3.075   1.00 12.51 ? 308  PHE A C   1 
ATOM   230  O O   . PHE A 1 30  ? 6.508   2.665   3.461   1.00 11.67 ? 308  PHE A O   1 
ATOM   231  C CB  . PHE A 1 30  ? 4.661   3.049   0.684   1.00 13.59 ? 308  PHE A CB  1 
ATOM   232  C CG  . PHE A 1 30  ? 5.657   2.029   0.325   1.00 12.38 ? 308  PHE A CG  1 
ATOM   233  C CD1 . PHE A 1 30  ? 6.811   2.372   -0.370  1.00 13.12 ? 308  PHE A CD1 1 
ATOM   234  C CD2 . PHE A 1 30  ? 5.493   0.688   0.719   1.00 12.67 ? 308  PHE A CD2 1 
ATOM   235  C CE1 . PHE A 1 30  ? 7.783   1.430   -0.670  1.00 13.20 ? 308  PHE A CE1 1 
ATOM   236  C CE2 . PHE A 1 30  ? 6.450   -0.233  0.447   1.00 14.09 ? 308  PHE A CE2 1 
ATOM   237  C CZ  . PHE A 1 30  ? 7.600   0.119   -0.240  1.00 13.96 ? 308  PHE A CZ  1 
ATOM   238  N N   . LEU A 1 31  ? 4.302   2.218   3.564   1.00 12.27 ? 309  LEU A N   1 
ATOM   239  C CA  . LEU A 1 31  ? 4.447   1.158   4.514   1.00 11.89 ? 309  LEU A CA  1 
ATOM   240  C C   . LEU A 1 31  ? 3.429   0.082   4.204   1.00 11.38 ? 309  LEU A C   1 
ATOM   241  O O   . LEU A 1 31  ? 2.399   0.351   3.564   1.00 12.85 ? 309  LEU A O   1 
ATOM   242  C CB  . LEU A 1 31  ? 4.405   1.685   5.933   1.00 12.74 ? 309  LEU A CB  1 
ATOM   243  C CG  . LEU A 1 31  ? 3.129   2.338   6.395   1.00 14.00 ? 309  LEU A CG  1 
ATOM   244  C CD1 . LEU A 1 31  ? 2.030   1.329   6.827   1.00 14.97 ? 309  LEU A CD1 1 
ATOM   245  C CD2 . LEU A 1 31  ? 3.437   3.331   7.537   1.00 17.51 ? 309  LEU A CD2 1 
ATOM   246  N N   . ILE A 1 32  ? 3.732   -1.115  4.651   1.00 12.50 ? 310  ILE A N   1 
ATOM   247  C CA  . ILE A 1 32  ? 2.789   -2.240  4.598   1.00 12.31 ? 310  ILE A CA  1 
ATOM   248  C C   . ILE A 1 32  ? 2.450   -2.529  6.036   1.00 12.16 ? 310  ILE A C   1 
ATOM   249  O O   . ILE A 1 32  ? 3.330   -2.639  6.898   1.00 12.97 ? 310  ILE A O   1 
ATOM   250  C CB  . ILE A 1 32  ? 3.403   -3.453  3.941   1.00 13.89 ? 310  ILE A CB  1 
ATOM   251  C CG1 . ILE A 1 32  ? 3.925   -3.200  2.518   1.00 19.54 ? 310  ILE A CG1 1 
ATOM   252  C CG2 . ILE A 1 32  ? 2.450   -4.657  3.969   1.00 16.88 ? 310  ILE A CG2 1 
ATOM   253  C CD1 . ILE A 1 32  ? 3.014   -2.844  1.541   1.00 20.78 ? 310  ILE A CD1 1 
ATOM   254  N N   . ARG A 1 33  ? 1.166   -2.646  6.332   1.00 12.00 ? 311  ARG A N   1 
ATOM   255  C CA  . ARG A 1 33  ? 0.679   -2.933  7.668   1.00 11.22 ? 311  ARG A CA  1 
ATOM   256  C C   . ARG A 1 33  ? -0.436  -3.953  7.622   1.00 11.25 ? 311  ARG A C   1 
ATOM   257  O O   . ARG A 1 33  ? -0.999  -4.216  6.588   1.00 12.03 ? 311  ARG A O   1 
ATOM   258  C CB  . ARG A 1 33  ? 0.135   -1.649  8.335   1.00 12.04 ? 311  ARG A CB  1 
ATOM   259  C CG  . ARG A 1 33  ? -0.947  -0.939  7.550   1.00 11.87 ? 311  ARG A CG  1 
ATOM   260  C CD  . ARG A 1 33  ? -1.366  0.399   8.145   1.00 12.39 ? 311  ARG A CD  1 
ATOM   261  N NE  . ARG A 1 33  ? -2.365  1.022   7.291   1.00 12.39 ? 311  ARG A NE  1 
ATOM   262  C CZ  . ARG A 1 33  ? -3.632  0.681   7.258   1.00 14.06 ? 311  ARG A CZ  1 
ATOM   263  N NH1 . ARG A 1 33  ? -4.125  -0.208  8.118   1.00 15.19 ? 311  ARG A NH1 1 
ATOM   264  N NH2 . ARG A 1 33  ? -4.444  1.250   6.387   1.00 13.95 ? 311  ARG A NH2 1 
ATOM   265  N N   . ASP A 1 34  ? -0.720  -4.525  8.764   1.00 11.78 ? 312  ASP A N   1 
ATOM   266  C CA  . ASP A 1 34  ? -1.835  -5.439  8.901   1.00 11.72 ? 312  ASP A CA  1 
ATOM   267  C C   . ASP A 1 34  ? -3.101  -4.654  8.630   1.00 12.00 ? 312  ASP A C   1 
ATOM   268  O O   . ASP A 1 34  ? -3.213  -3.471  9.014   1.00 14.00 ? 312  ASP A O   1 
ATOM   269  C CB  . ASP A 1 34  ? -1.899  -6.002  10.300  1.00 11.20 ? 312  ASP A CB  1 
ATOM   270  C CG  . ASP A 1 34  ? -0.663  -6.782  10.672  1.00 12.26 ? 312  ASP A CG  1 
ATOM   271  O OD1 . ASP A 1 34  ? 0.065   -7.236  9.789   1.00 15.82 ? 312  ASP A OD1 1 
ATOM   272  O OD2 . ASP A 1 34  ? -0.446  -6.942  11.885  1.00 15.57 ? 312  ASP A OD2 1 
ATOM   273  N N   . SER A 1 35  ? -4.100  -5.292  7.997   1.00 12.50 ? 313  SER A N   1 
ATOM   274  C CA  . SER A 1 35  ? -5.377  -4.637  7.773   1.00 14.84 ? 313  SER A CA  1 
ATOM   275  C C   . SER A 1 35  ? -6.135  -4.519  9.076   1.00 15.94 ? 313  SER A C   1 
ATOM   276  O O   . SER A 1 35  ? -6.093  -5.452  9.894   1.00 17.81 ? 313  SER A O   1 
ATOM   277  C CB  . SER A 1 35  ? -6.178  -5.480  6.808   1.00 16.66 ? 313  SER A CB  1 
ATOM   278  O OG  . SER A 1 35  ? -7.447  -4.866  6.536   1.00 19.25 ? 313  SER A OG  1 
ATOM   279  N N   . GLU A 1 36  ? -6.786  -3.372  9.293   1.00 14.80 ? 314  GLU A N   1 
ATOM   280  C CA  . GLU A 1 36  ? -7.710  -3.271  10.428  1.00 16.99 ? 314  GLU A CA  1 
ATOM   281  C C   . GLU A 1 36  ? -9.066  -3.827  10.042  1.00 21.53 ? 314  GLU A C   1 
ATOM   282  O O   . GLU A 1 36  ? -9.860  -4.120  10.918  1.00 28.20 ? 314  GLU A O   1 
ATOM   283  C CB  . GLU A 1 36  ? -7.902  -1.809  10.840  1.00 19.04 ? 314  GLU A CB  1 
ATOM   284  C CG  . GLU A 1 36  ? -6.713  -1.157  11.380  1.00 20.85 ? 314  GLU A CG  1 
ATOM   285  C CD  . GLU A 1 36  ? -7.081  0.101   12.120  1.00 23.33 ? 314  GLU A CD  1 
ATOM   286  O OE1 . GLU A 1 36  ? -7.483  0.014   13.329  1.00 29.69 ? 314  GLU A OE1 1 
ATOM   287  O OE2 . GLU A 1 36  ? -6.961  1.185   11.557  1.00 19.33 ? 314  GLU A OE2 1 
ATOM   288  N N   . SER A 1 37  ? -9.328  -3.981  8.742   1.00 18.70 ? 315  SER A N   1 
ATOM   289  C CA  . SER A 1 37  ? -10.654 -4.410  8.177   1.00 20.13 ? 315  SER A CA  1 
ATOM   290  C C   . SER A 1 37  ? -10.842 -5.880  8.002   1.00 21.68 ? 315  SER A C   1 
ATOM   291  O O   . SER A 1 37  ? -11.989 -6.335  8.009   1.00 22.96 ? 315  SER A O   1 
ATOM   292  C CB  . SER A 1 37  ? -10.855 -3.734  6.827   1.00 20.18 ? 315  SER A CB  1 
ATOM   293  O OG  . SER A 1 37  ? -10.935 -2.347  6.965   1.00 22.13 ? 315  SER A OG  1 
ATOM   294  N N   A SER A 1 38  ? -9.794  -6.667  7.787   0.70 22.24 ? 316  SER A N   1 
ATOM   295  N N   B SER A 1 38  ? -9.737  -6.606  7.862   0.30 20.89 ? 316  SER A N   1 
ATOM   296  C CA  A SER A 1 38  ? -9.946  -8.166  7.753   0.70 21.65 ? 316  SER A CA  1 
ATOM   297  C CA  B SER A 1 38  ? -9.729  -8.055  7.669   0.30 19.49 ? 316  SER A CA  1 
ATOM   298  C C   A SER A 1 38  ? -8.645  -8.772  8.275   0.70 21.59 ? 316  SER A C   1 
ATOM   299  C C   B SER A 1 38  ? -8.564  -8.631  8.499   0.30 21.38 ? 316  SER A C   1 
ATOM   300  O O   A SER A 1 38  ? -7.549  -8.338  7.844   0.70 20.18 ? 316  SER A O   1 
ATOM   301  O O   B SER A 1 38  ? -7.518  -7.983  8.614   0.30 21.38 ? 316  SER A O   1 
ATOM   302  C CB  A SER A 1 38  ? -10.347 -8.703  6.375   0.70 24.15 ? 316  SER A CB  1 
ATOM   303  C CB  B SER A 1 38  ? -9.536  -8.333  6.178   0.30 19.99 ? 316  SER A CB  1 
ATOM   304  O OG  A SER A 1 38  ? -9.386  -8.339  5.395   0.70 25.35 ? 316  SER A OG  1 
ATOM   305  O OG  B SER A 1 38  ? -9.716  -9.700  5.866   0.30 16.27 ? 316  SER A OG  1 
ATOM   306  N N   . PRO A 1 39  ? -8.735  -9.814  9.123   1.00 18.14 ? 317  PRO A N   1 
ATOM   307  C CA  . PRO A 1 39  ? -7.601  -10.328 9.921   1.00 25.03 ? 317  PRO A CA  1 
ATOM   308  C C   . PRO A 1 39  ? -6.333  -10.815 9.281   1.00 27.90 ? 317  PRO A C   1 
ATOM   309  O O   . PRO A 1 39  ? -5.252  -10.491 9.792   1.00 30.02 ? 317  PRO A O   1 
ATOM   310  C CB  . PRO A 1 39  ? -8.246  -11.399 10.845  1.00 27.77 ? 317  PRO A CB  1 
ATOM   311  C CG  . PRO A 1 39  ? -9.467  -11.839 10.126  1.00 20.14 ? 317  PRO A CG  1 
ATOM   312  C CD  . PRO A 1 39  ? -9.941  -10.657 9.283   1.00 21.95 ? 317  PRO A CD  1 
ATOM   313  N N   . SER A 1 40  ? -6.398  -11.531 8.183   1.00 18.62 ? 318  SER A N   1 
ATOM   314  C CA  . SER A 1 40  ? -5.193  -12.125 7.628   1.00 21.13 ? 318  SER A CA  1 
ATOM   315  C C   . SER A 1 40  ? -4.641  -11.289 6.494   1.00 15.33 ? 318  SER A C   1 
ATOM   316  O O   . SER A 1 40  ? -3.665  -11.703 5.840   1.00 20.26 ? 318  SER A O   1 
ATOM   317  C CB  . SER A 1 40  ? -5.495  -13.533 7.108   1.00 26.04 ? 318  SER A CB  1 
ATOM   318  O OG  . SER A 1 40  ? -6.299  -13.468 5.955   1.00 28.28 ? 318  SER A OG  1 
ATOM   319  N N   . ASP A 1 41  ? -5.257  -10.093 6.253   1.00 15.17 ? 319  ASP A N   1 
ATOM   320  C CA  . ASP A 1 41  ? -4.908  -9.281  5.095   1.00 12.45 ? 319  ASP A CA  1 
ATOM   321  C C   . ASP A 1 41  ? -4.040  -8.094  5.482   1.00 12.27 ? 319  ASP A C   1 
ATOM   322  O O   . ASP A 1 41  ? -3.740  -7.876  6.659   1.00 13.21 ? 319  ASP A O   1 
ATOM   323  C CB  . ASP A 1 41  ? -6.178  -8.853  4.380   1.00 13.31 ? 319  ASP A CB  1 
ATOM   324  C CG  . ASP A 1 41  ? -6.903  -10.040 3.811   1.00 14.53 ? 319  ASP A CG  1 
ATOM   325  O OD1 . ASP A 1 41  ? -6.242  -10.993 3.408   1.00 12.31 ? 319  ASP A OD1 1 
ATOM   326  O OD2 . ASP A 1 41  ? -8.123  -10.013 3.857   1.00 16.47 ? 319  ASP A OD2 1 
ATOM   327  N N   . PHE A 1 42  ? -3.652  -7.332  4.494   1.00 11.71 ? 320  PHE A N   1 
ATOM   328  C CA  . PHE A 1 42  ? -2.740  -6.213  4.652   1.00 11.83 ? 320  PHE A CA  1 
ATOM   329  C C   . PHE A 1 42  ? -3.205  -4.976  3.934   1.00 12.29 ? 320  PHE A C   1 
ATOM   330  O O   . PHE A 1 42  ? -4.125  -5.025  3.080   1.00 12.76 ? 320  PHE A O   1 
ATOM   331  C CB  . PHE A 1 42  ? -1.323  -6.628  4.125   1.00 12.86 ? 320  PHE A CB  1 
ATOM   332  C CG  . PHE A 1 42  ? -0.773  -7.828  4.813   1.00 13.01 ? 320  PHE A CG  1 
ATOM   333  C CD1 . PHE A 1 42  ? -0.083  -7.744  5.996   1.00 14.00 ? 320  PHE A CD1 1 
ATOM   334  C CD2 . PHE A 1 42  ? -1.039  -9.098  4.308   1.00 15.69 ? 320  PHE A CD2 1 
ATOM   335  C CE1 . PHE A 1 42  ? 0.372   -8.850  6.663   1.00 16.69 ? 320  PHE A CE1 1 
ATOM   336  C CE2 . PHE A 1 42  ? -0.562  -10.203 4.968   1.00 16.40 ? 320  PHE A CE2 1 
ATOM   337  C CZ  . PHE A 1 42  ? 0.124   -10.092 6.159   1.00 16.46 ? 320  PHE A CZ  1 
ATOM   338  N N   . SER A 1 43  ? -2.570  -3.860  4.276   1.00 12.38 ? 321  SER A N   1 
ATOM   339  C CA  A SER A 1 43  ? -2.813  -2.593  3.615   0.80 13.43 ? 321  SER A CA  1 
ATOM   340  C CA  B SER A 1 43  ? -2.808  -2.582  3.611   0.20 13.79 ? 321  SER A CA  1 
ATOM   341  C C   . SER A 1 43  ? -1.498  -1.951  3.217   1.00 12.99 ? 321  SER A C   1 
ATOM   342  O O   . SER A 1 43  ? -0.534  -1.970  3.969   1.00 14.31 ? 321  SER A O   1 
ATOM   343  C CB  A SER A 1 43  ? -3.576  -1.688  4.539   0.80 14.74 ? 321  SER A CB  1 
ATOM   344  C CB  B SER A 1 43  ? -3.542  -1.586  4.503   0.20 14.92 ? 321  SER A CB  1 
ATOM   345  O OG  A SER A 1 43  ? -4.799  -2.344  4.941   0.80 14.77 ? 321  SER A OG  1 
ATOM   346  O OG  B SER A 1 43  ? -3.607  -0.297  3.871   0.20 18.10 ? 321  SER A OG  1 
ATOM   347  N N   . VAL A 1 44  ? -1.469  -1.415  2.015   1.00 11.80 ? 322  VAL A N   1 
ATOM   348  C CA  . VAL A 1 44  ? -0.342  -0.625  1.564   1.00 12.44 ? 322  VAL A CA  1 
ATOM   349  C C   . VAL A 1 44  ? -0.765  0.815   1.778   1.00 13.29 ? 322  VAL A C   1 
ATOM   350  O O   . VAL A 1 44  ? -1.809  1.248   1.242   1.00 14.76 ? 322  VAL A O   1 
ATOM   351  C CB  . VAL A 1 44  ? -0.082  -0.808  0.088   1.00 12.88 ? 322  VAL A CB  1 
ATOM   352  C CG1 . VAL A 1 44  ? 1.103   0.103   -0.417  1.00 15.24 ? 322  VAL A CG1 1 
ATOM   353  C CG2 . VAL A 1 44  ? 0.214   -2.240  -0.357  1.00 14.78 ? 322  VAL A CG2 1 
ATOM   354  N N   . SER A 1 45  ? -0.007  1.565   2.577   1.00 12.43 ? 323  SER A N   1 
ATOM   355  C CA  . SER A 1 45  ? -0.314  2.984   2.884   1.00 11.31 ? 323  SER A CA  1 
ATOM   356  C C   . SER A 1 45  ? 0.807   3.824   2.291   1.00 11.75 ? 323  SER A C   1 
ATOM   357  O O   . SER A 1 45  ? 1.968   3.632   2.588   1.00 12.54 ? 323  SER A O   1 
ATOM   358  C CB  . SER A 1 45  ? -0.412  3.159   4.393   1.00 12.58 ? 323  SER A CB  1 
ATOM   359  O OG  . SER A 1 45  ? -1.513  2.421   4.936   1.00 13.24 ? 323  SER A OG  1 
ATOM   360  N N   . LEU A 1 46  ? 0.399   4.755   1.418   1.00 11.26 ? 324  LEU A N   1 
ATOM   361  C CA  . LEU A 1 46  ? 1.279   5.558   0.602   1.00 12.35 ? 324  LEU A CA  1 
ATOM   362  C C   . LEU A 1 46  ? 1.117   7.045   0.864   1.00 10.81 ? 324  LEU A C   1 
ATOM   363  O O   . LEU A 1 46  ? 0.021   7.574   0.854   1.00 11.40 ? 324  LEU A O   1 
ATOM   364  C CB  . LEU A 1 46  ? 0.944   5.290   -0.857  1.00 12.63 ? 324  LEU A CB  1 
ATOM   365  C CG  . LEU A 1 46  ? 1.612   6.178   -1.872  1.00 12.40 ? 324  LEU A CG  1 
ATOM   366  C CD1 . LEU A 1 46  ? 3.110   5.938   -1.929  1.00 13.79 ? 324  LEU A CD1 1 
ATOM   367  C CD2 . LEU A 1 46  ? 0.969   5.864   -3.259  1.00 12.86 ? 324  LEU A CD2 1 
ATOM   368  N N   . LYS A 1 47  ? 2.234   7.716   1.112   1.00 11.19 ? 325  LYS A N   1 
ATOM   369  C CA  . LYS A 1 47  ? 2.230   9.179   1.217   1.00 10.69 ? 325  LYS A CA  1 
ATOM   370  C C   . LYS A 1 47  ? 2.022   9.799   -0.146  1.00 11.25 ? 325  LYS A C   1 
ATOM   371  O O   . LYS A 1 47  ? 2.800   9.526   -1.099  1.00 11.45 ? 325  LYS A O   1 
ATOM   372  C CB  . LYS A 1 47  ? 3.561   9.666   1.807   1.00 12.21 ? 325  LYS A CB  1 
ATOM   373  C CG  . LYS A 1 47  ? 3.727   11.213  1.868   1.00 14.38 ? 325  LYS A CG  1 
ATOM   374  C CD  . LYS A 1 47  ? 2.826   11.856  2.809   1.00 14.82 ? 325  LYS A CD  1 
ATOM   375  C CE  . LYS A 1 47  ? 3.135   13.321  2.943   1.00 19.65 ? 325  LYS A CE  1 
ATOM   376  N NZ  . LYS A 1 47  ? 2.038   14.118  3.626   1.00 17.45 ? 325  LYS A NZ  1 
ATOM   377  N N   . ALA A 1 48  ? 0.970   10.612  -0.269  1.00 12.47 ? 326  ALA A N   1 
ATOM   378  C CA  . ALA A 1 48  ? 0.584   11.241  -1.518  1.00 13.06 ? 326  ALA A CA  1 
ATOM   379  C C   . ALA A 1 48  ? 0.182   12.653  -1.235  1.00 12.86 ? 326  ALA A C   1 
ATOM   380  O O   . ALA A 1 48  ? -0.329  12.934  -0.163  1.00 15.21 ? 326  ALA A O   1 
ATOM   381  C CB  . ALA A 1 48  ? -0.529  10.454  -2.154  1.00 13.08 ? 326  ALA A CB  1 
ATOM   382  N N   . SER A 1 49  ? 0.366   13.555  -2.167  1.00 14.76 ? 327  SER A N   1 
ATOM   383  C CA  A SER A 1 49  ? 0.027   14.951  -2.001  0.50 14.45 ? 327  SER A CA  1 
ATOM   384  C CA  B SER A 1 49  ? 0.048   14.942  -1.884  0.50 14.90 ? 327  SER A CA  1 
ATOM   385  C C   . SER A 1 49  ? -1.435  15.110  -1.627  1.00 15.72 ? 327  SER A C   1 
ATOM   386  O O   . SER A 1 49  ? -2.260  14.562  -2.290  1.00 16.96 ? 327  SER A O   1 
ATOM   387  C CB  A SER A 1 49  ? 0.289   15.680  -3.340  0.50 16.63 ? 327  SER A CB  1 
ATOM   388  C CB  B SER A 1 49  ? 0.560   15.891  -2.973  0.50 18.31 ? 327  SER A CB  1 
ATOM   389  O OG  A SER A 1 49  ? -0.101  17.037  -3.277  0.50 18.61 ? 327  SER A OG  1 
ATOM   390  O OG  B SER A 1 49  ? 0.088   15.500  -4.228  0.50 19.22 ? 327  SER A OG  1 
ATOM   391  N N   . GLY A 1 50  ? -1.737  15.855  -0.575  1.00 12.93 ? 328  GLY A N   1 
ATOM   392  C CA  . GLY A 1 50  ? -3.123  16.127  -0.229  1.00 13.68 ? 328  GLY A CA  1 
ATOM   393  C C   . GLY A 1 50  ? -3.857  15.111  0.600   1.00 15.46 ? 328  GLY A C   1 
ATOM   394  O O   . GLY A 1 50  ? -4.542  15.455  1.528   1.00 13.91 ? 328  GLY A O   1 
ATOM   395  N N   . LYS A 1 51  ? -3.769  13.868  0.251   1.00 13.94 ? 329  LYS A N   1 
ATOM   396  C CA  . LYS A 1 51  ? -4.464  12.801  0.977   1.00 13.40 ? 329  LYS A CA  1 
ATOM   397  C C   . LYS A 1 51  ? -3.726  11.521  0.677   1.00 14.23 ? 329  LYS A C   1 
ATOM   398  O O   . LYS A 1 51  ? -3.460  11.166  -0.467  1.00 13.66 ? 329  LYS A O   1 
ATOM   399  C CB  . LYS A 1 51  ? -5.925  12.678  0.528   1.00 15.10 ? 329  LYS A CB  1 
ATOM   400  C CG  . LYS A 1 51  ? -6.712  11.649  1.275   1.00 18.35 ? 329  LYS A CG  1 
ATOM   401  C CD  . LYS A 1 51  ? -8.168  11.681  0.952   1.00 20.10 ? 329  LYS A CD  1 
ATOM   402  C CE  . LYS A 1 51  ? -8.904  10.558  1.667   1.00 22.57 ? 329  LYS A CE  1 
ATOM   403  N NZ  . LYS A 1 51  ? -8.778  10.608  3.188   1.00 24.07 ? 329  LYS A NZ  1 
ATOM   404  N N   . ASN A 1 52  ? -3.371  10.802  1.724   1.00 12.15 ? 330  ASN A N   1 
ATOM   405  C CA  . ASN A 1 52  ? -2.650  9.545   1.613   1.00 12.02 ? 330  ASN A CA  1 
ATOM   406  C C   . ASN A 1 52  ? -3.544  8.467   1.079   1.00 13.47 ? 330  ASN A C   1 
ATOM   407  O O   . ASN A 1 52  ? -4.812  8.548   1.192   1.00 13.89 ? 330  ASN A O   1 
ATOM   408  C CB  . ASN A 1 52  ? -2.031  9.175   2.932   1.00 11.10 ? 330  ASN A CB  1 
ATOM   409  C CG  . ASN A 1 52  ? -1.044  10.211  3.391   1.00 11.68 ? 330  ASN A CG  1 
ATOM   410  O OD1 . ASN A 1 52  ? -0.307  10.737  2.569   1.00 13.40 ? 330  ASN A OD1 1 
ATOM   411  N ND2 . ASN A 1 52  ? -1.045  10.522  4.681   1.00 12.39 ? 330  ASN A ND2 1 
ATOM   412  N N   A LYS A 1 53  ? -2.937  7.441   0.513   0.50 11.97 ? 331  LYS A N   1 
ATOM   413  N N   B LYS A 1 53  ? -2.920  7.455   0.475   0.50 11.87 ? 331  LYS A N   1 
ATOM   414  C CA  A LYS A 1 53  ? -3.745  6.384   -0.090  0.50 11.69 ? 331  LYS A CA  1 
ATOM   415  C CA  B LYS A 1 53  ? -3.681  6.345   -0.136  0.50 11.14 ? 331  LYS A CA  1 
ATOM   416  C C   A LYS A 1 53  ? -3.505  5.065   0.615   0.50 11.59 ? 331  LYS A C   1 
ATOM   417  C C   B LYS A 1 53  ? -3.526  5.080   0.685   0.50 11.56 ? 331  LYS A C   1 
ATOM   418  O O   A LYS A 1 53  ? -2.404  4.805   1.099   0.50 12.47 ? 331  LYS A O   1 
ATOM   419  O O   B LYS A 1 53  ? -2.505  4.868   1.323   0.50 13.04 ? 331  LYS A O   1 
ATOM   420  C CB  A LYS A 1 53  ? -3.433  6.286   -1.568  0.50 13.99 ? 331  LYS A CB  1 
ATOM   421  C CB  B LYS A 1 53  ? -3.139  6.009   -1.522  0.50 12.63 ? 331  LYS A CB  1 
ATOM   422  C CG  A LYS A 1 53  ? -3.754  7.565   -2.304  0.50 14.05 ? 331  LYS A CG  1 
ATOM   423  C CG  B LYS A 1 53  ? -3.003  7.152   -2.496  0.50 12.62 ? 331  LYS A CG  1 
ATOM   424  C CD  A LYS A 1 53  ? -3.421  7.500   -3.775  0.50 18.80 ? 331  LYS A CD  1 
ATOM   425  C CD  B LYS A 1 53  ? -4.379  7.803   -2.833  0.50 16.62 ? 331  LYS A CD  1 
ATOM   426  C CE  A LYS A 1 53  ? -3.615  8.895   -4.443  0.50 20.07 ? 331  LYS A CE  1 
ATOM   427  C CE  B LYS A 1 53  ? -4.401  8.553   -4.204  0.50 17.85 ? 331  LYS A CE  1 
ATOM   428  N NZ  A LYS A 1 53  ? -5.029  9.418   -4.383  0.50 22.28 ? 331  LYS A NZ  1 
ATOM   429  N NZ  B LYS A 1 53  ? -5.757  9.119   -4.575  0.50 14.86 ? 331  LYS A NZ  1 
ATOM   430  N N   . HIS A 1 54  ? -4.543  4.237   0.658   1.00 12.26 ? 332  HIS A N   1 
ATOM   431  C CA  . HIS A 1 54  ? -4.515  2.939   1.298   1.00 12.84 ? 332  HIS A CA  1 
ATOM   432  C C   . HIS A 1 54  ? -5.079  1.918   0.315   1.00 13.75 ? 332  HIS A C   1 
ATOM   433  O O   . HIS A 1 54  ? -6.206  2.095   -0.153  1.00 14.16 ? 332  HIS A O   1 
ATOM   434  C CB  . HIS A 1 54  ? -5.345  2.919   2.569   1.00 11.79 ? 332  HIS A CB  1 
ATOM   435  C CG  . HIS A 1 54  ? -4.921  3.933   3.546   1.00 12.96 ? 332  HIS A CG  1 
ATOM   436  N ND1 . HIS A 1 54  ? -3.893  3.709   4.434   1.00 12.52 ? 332  HIS A ND1 1 
ATOM   437  C CD2 . HIS A 1 54  ? -5.377  5.194   3.772   1.00 13.27 ? 332  HIS A CD2 1 
ATOM   438  C CE1 . HIS A 1 54  ? -3.718  4.820   5.152   1.00 13.61 ? 332  HIS A CE1 1 
ATOM   439  N NE2 . HIS A 1 54  ? -4.624  5.718   4.782   1.00 13.52 ? 332  HIS A NE2 1 
ATOM   440  N N   . PHE A 1 55  ? -4.324  0.871   0.066   1.00 11.95 ? 333  PHE A N   1 
ATOM   441  C CA  . PHE A 1 55  ? -4.709  -0.189  -0.858  1.00 11.92 ? 333  PHE A CA  1 
ATOM   442  C C   . PHE A 1 55  ? -4.764  -1.525  -0.156  1.00 12.43 ? 333  PHE A C   1 
ATOM   443  O O   . PHE A 1 55  ? -3.878  -1.868  0.610   1.00 13.52 ? 333  PHE A O   1 
ATOM   444  C CB  . PHE A 1 55  ? -3.716  -0.269  -2.016  1.00 11.93 ? 333  PHE A CB  1 
ATOM   445  C CG  . PHE A 1 55  ? -3.477  1.050   -2.689  1.00 14.18 ? 333  PHE A CG  1 
ATOM   446  C CD1 . PHE A 1 55  ? -4.387  1.551   -3.577  1.00 15.43 ? 333  PHE A CD1 1 
ATOM   447  C CD2 . PHE A 1 55  ? -2.344  1.771   -2.462  1.00 14.32 ? 333  PHE A CD2 1 
ATOM   448  C CE1 . PHE A 1 55  ? -4.178  2.788   -4.215  1.00 14.90 ? 333  PHE A CE1 1 
ATOM   449  C CE2 . PHE A 1 55  ? -2.131  2.999   -3.083  1.00 16.44 ? 333  PHE A CE2 1 
ATOM   450  C CZ  . PHE A 1 55  ? -3.049  3.477   -3.964  1.00 15.71 ? 333  PHE A CZ  1 
ATOM   451  N N   A LYS A 1 56  ? -5.796  -2.291  -0.462  0.34 11.79 ? 334  LYS A N   1 
ATOM   452  N N   B LYS A 1 56  ? -5.809  -2.289  -0.410  0.33 13.02 ? 334  LYS A N   1 
ATOM   453  N N   C LYS A 1 56  ? -5.810  -2.297  -0.429  0.33 14.25 ? 334  LYS A N   1 
ATOM   454  C CA  A LYS A 1 56  ? -5.962  -3.617  0.099   0.34 11.10 ? 334  LYS A CA  1 
ATOM   455  C CA  B LYS A 1 56  ? -5.956  -3.596  0.213   0.33 14.09 ? 334  LYS A CA  1 
ATOM   456  C CA  C LYS A 1 56  ? -5.996  -3.594  0.225   0.33 16.44 ? 334  LYS A CA  1 
ATOM   457  C C   A LYS A 1 56  ? -5.061  -4.642  -0.549  0.34 10.19 ? 334  LYS A C   1 
ATOM   458  C C   B LYS A 1 56  ? -5.195  -4.684  -0.518  0.33 13.21 ? 334  LYS A C   1 
ATOM   459  C C   C LYS A 1 56  ? -5.250  -4.704  -0.506  0.33 14.19 ? 334  LYS A C   1 
ATOM   460  O O   A LYS A 1 56  ? -4.849  -4.635  -1.763  0.34 10.93 ? 334  LYS A O   1 
ATOM   461  O O   B LYS A 1 56  ? -5.241  -4.773  -1.763  0.33 14.00 ? 334  LYS A O   1 
ATOM   462  O O   C LYS A 1 56  ? -5.361  -4.822  -1.752  0.33 12.78 ? 334  LYS A O   1 
ATOM   463  C CB  A LYS A 1 56  ? -7.401  -4.103  -0.083  0.34 9.42  ? 334  LYS A CB  1 
ATOM   464  C CB  B LYS A 1 56  ? -7.434  -3.967  0.332   0.33 15.72 ? 334  LYS A CB  1 
ATOM   465  C CB  C LYS A 1 56  ? -7.500  -3.932  0.320   0.33 18.31 ? 334  LYS A CB  1 
ATOM   466  C CG  A LYS A 1 56  ? -8.449  -3.309  0.682   0.34 11.43 ? 334  LYS A CG  1 
ATOM   467  C CG  B LYS A 1 56  ? -7.747  -5.419  0.741   0.33 15.61 ? 334  LYS A CG  1 
ATOM   468  C CG  C LYS A 1 56  ? -7.877  -4.830  1.531   0.33 20.15 ? 334  LYS A CG  1 
ATOM   469  C CD  A LYS A 1 56  ? -9.873  -3.862  0.449   0.34 14.98 ? 334  LYS A CD  1 
ATOM   470  C CD  B LYS A 1 56  ? -7.052  -5.984  2.011   0.33 21.51 ? 334  LYS A CD  1 
ATOM   471  C CD  C LYS A 1 56  ? -9.397  -4.812  1.833   0.33 22.93 ? 334  LYS A CD  1 
ATOM   472  C CE  A LYS A 1 56  ? -10.300 -3.892  -1.046  0.34 17.88 ? 334  LYS A CE  1 
ATOM   473  C CE  B LYS A 1 56  ? -7.413  -5.324  3.307   0.33 24.50 ? 334  LYS A CE  1 
ATOM   474  C CE  C LYS A 1 56  ? -9.646  -5.123  3.319   0.33 20.75 ? 334  LYS A CE  1 
ATOM   475  N NZ  A LYS A 1 56  ? -10.219 -2.594  -1.813  0.34 17.37 ? 334  LYS A NZ  1 
ATOM   476  N NZ  B LYS A 1 56  ? -6.897  -3.947  3.444   0.33 26.25 ? 334  LYS A NZ  1 
ATOM   477  N NZ  C LYS A 1 56  ? -9.112  -6.412  3.714   0.33 21.53 ? 334  LYS A NZ  1 
ATOM   478  N N   . VAL A 1 57  ? -4.509  -5.514  0.269   1.00 11.88 ? 335  VAL A N   1 
ATOM   479  C CA  . VAL A 1 57  ? -3.801  -6.698  -0.222  1.00 11.57 ? 335  VAL A CA  1 
ATOM   480  C C   . VAL A 1 57  ? -4.450  -7.898  0.498   1.00 13.71 ? 335  VAL A C   1 
ATOM   481  O O   . VAL A 1 57  ? -4.427  -7.977  1.735   1.00 13.28 ? 335  VAL A O   1 
ATOM   482  C CB  . VAL A 1 57  ? -2.301  -6.680  0.064   1.00 13.09 ? 335  VAL A CB  1 
ATOM   483  C CG1 . VAL A 1 57  ? -1.601  -7.979  -0.527  1.00 15.11 ? 335  VAL A CG1 1 
ATOM   484  C CG2 . VAL A 1 57  ? -1.706  -5.427  -0.552  1.00 14.22 ? 335  VAL A CG2 1 
ATOM   485  N N   . GLN A 1 58  ? -5.005  -8.818  -0.241  1.00 13.13 ? 336  GLN A N   1 
ATOM   486  C CA  . GLN A 1 58  ? -5.652  -9.985  0.301   1.00 12.67 ? 336  GLN A CA  1 
ATOM   487  C C   . GLN A 1 58  ? -4.774  -11.182 0.126   1.00 13.24 ? 336  GLN A C   1 
ATOM   488  O O   . GLN A 1 58  ? -4.330  -11.470 -0.989  1.00 14.99 ? 336  GLN A O   1 
ATOM   489  C CB  . GLN A 1 58  ? -6.959  -10.227 -0.408  1.00 13.62 ? 336  GLN A CB  1 
ATOM   490  C CG  . GLN A 1 58  ? -7.786  -11.334 0.192   1.00 16.02 ? 336  GLN A CG  1 
ATOM   491  C CD  . GLN A 1 58  ? -9.212  -11.413 -0.379  1.00 16.59 ? 336  GLN A CD  1 
ATOM   492  O OE1 . GLN A 1 58  ? -9.764  -10.397 -0.902  1.00 21.74 ? 336  GLN A OE1 1 
ATOM   493  N NE2 . GLN A 1 58  ? -9.809  -12.575 -0.246  1.00 15.91 ? 336  GLN A NE2 1 
ATOM   494  N N   . LEU A 1 59  ? -4.509  -11.917 1.184   1.00 11.92 ? 337  LEU A N   1 
ATOM   495  C CA  . LEU A 1 59  ? -3.691  -13.119 1.131   1.00 13.85 ? 337  LEU A CA  1 
ATOM   496  C C   . LEU A 1 59  ? -4.598  -14.319 0.985   1.00 12.26 ? 337  LEU A C   1 
ATOM   497  O O   . LEU A 1 59  ? -5.426  -14.600 1.878   1.00 14.01 ? 337  LEU A O   1 
ATOM   498  C CB  . LEU A 1 59  ? -2.834  -13.208 2.394   1.00 15.19 ? 337  LEU A CB  1 
ATOM   499  C CG  . LEU A 1 59  ? -1.983  -14.451 2.505   1.00 16.53 ? 337  LEU A CG  1 
ATOM   500  C CD1 . LEU A 1 59  ? -1.046  -14.627 1.301   1.00 19.56 ? 337  LEU A CD1 1 
ATOM   501  C CD2 . LEU A 1 59  ? -1.210  -14.383 3.843   1.00 20.55 ? 337  LEU A CD2 1 
ATOM   502  N N   . VAL A 1 60  ? -4.482  -15.021 -0.138  1.00 12.50 ? 338  VAL A N   1 
ATOM   503  C CA  . VAL A 1 60  ? -5.324  -16.218 -0.406  1.00 12.01 ? 338  VAL A CA  1 
ATOM   504  C C   . VAL A 1 60  ? -4.389  -17.351 -0.721  1.00 15.88 ? 338  VAL A C   1 
ATOM   505  O O   . VAL A 1 60  ? -3.680  -17.272 -1.711  1.00 15.65 ? 338  VAL A O   1 
ATOM   506  C CB  . VAL A 1 60  ? -6.252  -15.989 -1.593  1.00 14.21 ? 338  VAL A CB  1 
ATOM   507  C CG1 . VAL A 1 60  ? -7.171  -17.201 -1.815  1.00 17.32 ? 338  VAL A CG1 1 
ATOM   508  C CG2 . VAL A 1 60  ? -7.102  -14.685 -1.425  1.00 15.71 ? 338  VAL A CG2 1 
ATOM   509  N N   A ASP A 1 61  ? -4.456  -18.477 -0.023  0.50 16.99 ? 339  ASP A N   1 
ATOM   510  N N   B ASP A 1 61  ? -4.286  -18.302 0.224   0.50 17.70 ? 339  ASP A N   1 
ATOM   511  C CA  A ASP A 1 61  ? -3.602  -19.623 -0.442  0.50 16.44 ? 339  ASP A CA  1 
ATOM   512  C CA  B ASP A 1 61  ? -3.372  -19.457 0.120   0.50 19.97 ? 339  ASP A CA  1 
ATOM   513  C C   A ASP A 1 61  ? -2.177  -19.205 -0.787  0.50 20.44 ? 339  ASP A C   1 
ATOM   514  C C   B ASP A 1 61  ? -1.932  -19.165 -0.365  0.50 19.24 ? 339  ASP A C   1 
ATOM   515  O O   A ASP A 1 61  ? -1.670  -19.480 -1.893  0.50 24.15 ? 339  ASP A O   1 
ATOM   516  O O   B ASP A 1 61  ? -1.449  -19.737 -1.325  0.50 17.00 ? 339  ASP A O   1 
ATOM   517  C CB  A ASP A 1 61  ? -4.193  -20.313 -1.675  0.50 16.29 ? 339  ASP A CB  1 
ATOM   518  C CB  B ASP A 1 61  ? -3.990  -20.522 -0.774  0.50 22.14 ? 339  ASP A CB  1 
ATOM   519  C CG  A ASP A 1 61  ? -5.535  -20.914 -1.411  0.50 13.54 ? 339  ASP A CG  1 
ATOM   520  C CG  B ASP A 1 61  ? -5.242  -21.113 -0.192  0.50 22.24 ? 339  ASP A CG  1 
ATOM   521  O OD1 A ASP A 1 61  ? -5.711  -21.546 -0.332  0.50 15.51 ? 339  ASP A OD1 1 
ATOM   522  O OD1 B ASP A 1 61  ? -6.191  -21.312 -0.982  0.50 24.82 ? 339  ASP A OD1 1 
ATOM   523  O OD2 A ASP A 1 61  ? -6.391  -20.744 -2.291  0.50 16.64 ? 339  ASP A OD2 1 
ATOM   524  O OD2 B ASP A 1 61  ? -5.274  -21.368 1.040   0.50 21.21 ? 339  ASP A OD2 1 
ATOM   525  N N   A ASN A 1 62  ? -1.550  -18.518 0.137   0.50 16.26 ? 340  ASN A N   1 
ATOM   526  N N   B ASN A 1 62  ? -1.233  -18.297 0.292   0.50 24.01 ? 340  ASN A N   1 
ATOM   527  C CA  A ASN A 1 62  ? -0.158  -18.112 -0.068  0.50 18.31 ? 340  ASN A CA  1 
ATOM   528  C CA  B ASN A 1 62  ? 0.121   -18.054 -0.163  0.50 24.73 ? 340  ASN A CA  1 
ATOM   529  C C   A ASN A 1 62  ? 0.150   -17.126 -1.222  0.50 18.01 ? 340  ASN A C   1 
ATOM   530  C C   B ASN A 1 62  ? 0.205   -17.228 -1.467  0.50 20.53 ? 340  ASN A C   1 
ATOM   531  O O   A ASN A 1 62  ? 1.332   -16.803 -1.440  0.50 16.55 ? 340  ASN A O   1 
ATOM   532  O O   B ASN A 1 62  ? 1.267   -17.171 -2.111  0.50 17.50 ? 340  ASN A O   1 
ATOM   533  C CB  A ASN A 1 62  ? 0.712   -19.347 -0.242  0.50 24.26 ? 340  ASN A CB  1 
ATOM   534  C CB  B ASN A 1 62  ? 0.916   -19.372 -0.321  0.50 29.10 ? 340  ASN A CB  1 
ATOM   535  C CG  A ASN A 1 62  ? 0.931   -20.093 1.052   0.50 27.67 ? 340  ASN A CG  1 
ATOM   536  C CG  B ASN A 1 62  ? 0.829   -19.989 -1.742  0.50 30.82 ? 340  ASN A CG  1 
ATOM   537  O OD1 A ASN A 1 62  ? 0.656   -19.578 2.146   0.50 29.25 ? 340  ASN A OD1 1 
ATOM   538  O OD1 B ASN A 1 62  ? -0.251  -20.186 -2.310  0.50 33.80 ? 340  ASN A OD1 1 
ATOM   539  N ND2 A ASN A 1 62  ? 1.445   -21.304 0.939   0.50 27.69 ? 340  ASN A ND2 1 
ATOM   540  N ND2 B ASN A 1 62  ? 1.995   -20.311 -2.301  0.50 35.64 ? 340  ASN A ND2 1 
ATOM   541  N N   . VAL A 1 63  ? -0.897  -16.617 -1.893  1.00 15.72 ? 341  VAL A N   1 
ATOM   542  C CA  . VAL A 1 63  ? -0.816  -15.657 -3.023  1.00 13.96 ? 341  VAL A CA  1 
ATOM   543  C C   . VAL A 1 63  ? -1.296  -14.297 -2.543  1.00 13.18 ? 341  VAL A C   1 
ATOM   544  O O   . VAL A 1 63  ? -2.336  -14.195 -1.863  1.00 13.62 ? 341  VAL A O   1 
ATOM   545  C CB  . VAL A 1 63  ? -1.674  -16.116 -4.179  1.00 15.80 ? 341  VAL A CB  1 
ATOM   546  C CG1 . VAL A 1 63  ? -1.643  -15.120 -5.294  1.00 14.52 ? 341  VAL A CG1 1 
ATOM   547  C CG2 . VAL A 1 63  ? -1.187  -17.508 -4.715  1.00 18.38 ? 341  VAL A CG2 1 
ATOM   548  N N   . TYR A 1 64  ? -0.560  -13.239 -2.860  1.00 12.57 ? 342  TYR A N   1 
ATOM   549  C CA  . TYR A 1 64  ? -0.896  -11.913 -2.432  1.00 11.39 ? 342  TYR A CA  1 
ATOM   550  C C   . TYR A 1 64  ? -1.642  -11.206 -3.573  1.00 13.29 ? 342  TYR A C   1 
ATOM   551  O O   . TYR A 1 64  ? -1.078  -10.993 -4.654  1.00 13.72 ? 342  TYR A O   1 
ATOM   552  C CB  . TYR A 1 64  ? 0.368   -11.112 -2.058  1.00 13.13 ? 342  TYR A CB  1 
ATOM   553  C CG  . TYR A 1 64  ? 1.047   -11.690 -0.843  1.00 12.03 ? 342  TYR A CG  1 
ATOM   554  C CD1 . TYR A 1 64  ? 1.804   -12.794 -0.919  1.00 14.18 ? 342  TYR A CD1 1 
ATOM   555  C CD2 . TYR A 1 64  ? 0.816   -11.132 0.412   1.00 15.53 ? 342  TYR A CD2 1 
ATOM   556  C CE1 . TYR A 1 64  ? 2.366   -13.392 0.256   1.00 14.46 ? 342  TYR A CE1 1 
ATOM   557  C CE2 . TYR A 1 64  ? 1.403   -11.682 1.572   1.00 15.48 ? 342  TYR A CE2 1 
ATOM   558  C CZ  . TYR A 1 64  ? 2.146   -12.800 1.467   1.00 13.77 ? 342  TYR A CZ  1 
ATOM   559  O OH  . TYR A 1 64  ? 2.719   -13.390 2.618   1.00 18.30 ? 342  TYR A OH  1 
ATOM   560  N N   . CYS A 1 65  ? -2.882  -10.850 -3.323  1.00 13.65 ? 343  CYS A N   1 
ATOM   561  C CA  . CYS A 1 65  ? -3.771  -10.316 -4.324  1.00 11.87 ? 343  CYS A CA  1 
ATOM   562  C C   . CYS A 1 65  ? -4.052  -8.844  -4.125  1.00 12.73 ? 343  CYS A C   1 
ATOM   563  O O   . CYS A 1 65  ? -4.381  -8.427  -3.019  1.00 13.94 ? 343  CYS A O   1 
ATOM   564  C CB  . CYS A 1 65  ? -5.079  -11.059 -4.258  1.00 13.07 ? 343  CYS A CB  1 
ATOM   565  S SG  . CYS A 1 65  ? -4.951  -12.868 -4.492  1.00 15.23 ? 343  CYS A SG  1 
ATOM   566  N N   . ILE A 1 66  ? -3.877  -8.037  -5.152  1.00 13.05 ? 344  ILE A N   1 
ATOM   567  C CA  . ILE A 1 66  ? -4.111  -6.611  -5.122  1.00 14.00 ? 344  ILE A CA  1 
ATOM   568  C C   . ILE A 1 66  ? -4.744  -6.209  -6.421  1.00 13.25 ? 344  ILE A C   1 
ATOM   569  O O   . ILE A 1 66  ? -4.187  -6.516  -7.481  1.00 13.49 ? 344  ILE A O   1 
ATOM   570  C CB  . ILE A 1 66  ? -2.838  -5.827  -4.753  1.00 14.84 ? 344  ILE A CB  1 
ATOM   571  C CG1 . ILE A 1 66  ? -3.111  -4.328  -4.716  1.00 14.34 ? 344  ILE A CG1 1 
ATOM   572  C CG2 . ILE A 1 66  ? -1.672  -6.214  -5.659  1.00 14.16 ? 344  ILE A CG2 1 
ATOM   573  C CD1 . ILE A 1 66  ? -1.954  -3.498  -4.134  1.00 18.09 ? 344  ILE A CD1 1 
ATOM   574  N N   . GLY A 1 67  ? -5.930  -5.629  -6.399  1.00 14.66 ? 345  GLY A N   1 
ATOM   575  C CA  . GLY A 1 67  ? -6.669  -5.388  -7.610  1.00 15.85 ? 345  GLY A CA  1 
ATOM   576  C C   . GLY A 1 67  ? -6.883  -6.746  -8.239  1.00 13.39 ? 345  GLY A C   1 
ATOM   577  O O   . GLY A 1 67  ? -7.307  -7.694  -7.597  1.00 17.18 ? 345  GLY A O   1 
ATOM   578  N N   . GLN A 1 68  ? -6.586  -6.852  -9.552  1.00 15.01 ? 346  GLN A N   1 
ATOM   579  C CA  . GLN A 1 68  ? -6.684  -8.057  -10.299 1.00 13.38 ? 346  GLN A CA  1 
ATOM   580  C C   . GLN A 1 68  ? -5.313  -8.658  -10.571 1.00 14.93 ? 346  GLN A C   1 
ATOM   581  O O   . GLN A 1 68  ? -5.178  -9.539  -11.404 1.00 16.33 ? 346  GLN A O   1 
ATOM   582  C CB  . GLN A 1 68  ? -7.394  -7.820  -11.633 1.00 15.60 ? 346  GLN A CB  1 
ATOM   583  C CG  . GLN A 1 68  ? -8.870  -7.412  -11.470 1.00 24.58 ? 346  GLN A CG  1 
ATOM   584  C CD  . GLN A 1 68  ? -9.656  -8.404  -10.594 1.00 29.92 ? 346  GLN A CD  1 
ATOM   585  O OE1 . GLN A 1 68  ? -9.707  -9.624  -10.868 1.00 37.29 ? 346  GLN A OE1 1 
ATOM   586  N NE2 . GLN A 1 68  ? -10.257 -7.884  -9.529  1.00 39.56 ? 346  GLN A NE2 1 
ATOM   587  N N   . ARG A 1 69  ? -4.319  -8.241  -9.822  1.00 11.72 ? 347  ARG A N   1 
ATOM   588  C CA  . ARG A 1 69  ? -2.937  -8.762  -9.907  1.00 12.89 ? 347  ARG A CA  1 
ATOM   589  C C   . ARG A 1 69  ? -2.626  -9.689  -8.736  1.00 13.06 ? 347  ARG A C   1 
ATOM   590  O O   . ARG A 1 69  ? -3.231  -9.568  -7.653  1.00 13.11 ? 347  ARG A O   1 
ATOM   591  C CB  . ARG A 1 69  ? -1.912  -7.652  -10.037 1.00 11.97 ? 347  ARG A CB  1 
ATOM   592  C CG  . ARG A 1 69  ? -2.009  -6.927  -11.378 1.00 12.54 ? 347  ARG A CG  1 
ATOM   593  C CD  . ARG A 1 69  ? -1.106  -5.841  -11.530 1.00 13.50 ? 347  ARG A CD  1 
ATOM   594  N NE  . ARG A 1 69  ? -1.132  -5.273  -12.876 1.00 14.92 ? 347  ARG A NE  1 
ATOM   595  C CZ  . ARG A 1 69  ? -0.905  -3.999  -13.170 1.00 16.73 ? 347  ARG A CZ  1 
ATOM   596  N NH1 . ARG A 1 69  ? -0.686  -3.127  -12.211 1.00 17.45 ? 347  ARG A NH1 1 
ATOM   597  N NH2 . ARG A 1 69  ? -0.947  -3.580  -14.428 1.00 18.50 ? 347  ARG A NH2 1 
ATOM   598  N N   . ARG A 1 70  ? -1.711  -10.601 -8.969  1.00 11.47 ? 348  ARG A N   1 
ATOM   599  C CA  A ARG A 1 70  ? -1.363  -11.633 -8.002  0.80 12.43 ? 348  ARG A CA  1 
ATOM   600  C CA  B ARG A 1 70  ? -1.374  -11.660 -8.013  0.20 12.52 ? 348  ARG A CA  1 
ATOM   601  C C   . ARG A 1 70  ? 0.137   -11.785 -7.923  1.00 12.98 ? 348  ARG A C   1 
ATOM   602  O O   . ARG A 1 70  ? 0.836   -11.764 -8.964  1.00 13.19 ? 348  ARG A O   1 
ATOM   603  C CB  A ARG A 1 70  ? -1.980  -12.944 -8.385  0.80 12.37 ? 348  ARG A CB  1 
ATOM   604  C CB  B ARG A 1 70  ? -1.961  -12.983 -8.498  0.20 13.43 ? 348  ARG A CB  1 
ATOM   605  C CG  A ARG A 1 70  ? -3.507  -12.975 -8.284  0.80 15.91 ? 348  ARG A CG  1 
ATOM   606  C CG  B ARG A 1 70  ? -3.483  -12.935 -8.796  0.20 14.59 ? 348  ARG A CG  1 
ATOM   607  C CD  A ARG A 1 70  ? -4.103  -14.185 -9.026  0.80 18.97 ? 348  ARG A CD  1 
ATOM   608  C CD  B ARG A 1 70  ? -3.894  -13.954 -9.845  0.20 17.22 ? 348  ARG A CD  1 
ATOM   609  N NE  A ARG A 1 70  ? -3.712  -14.133 -10.436 0.80 22.51 ? 348  ARG A NE  1 
ATOM   610  N NE  B ARG A 1 70  ? -3.013  -13.899 -11.020 0.20 17.33 ? 348  ARG A NE  1 
ATOM   611  C CZ  A ARG A 1 70  ? -4.239  -13.321 -11.370 0.80 22.35 ? 348  ARG A CZ  1 
ATOM   612  C CZ  B ARG A 1 70  ? -3.004  -12.945 -11.961 0.20 14.48 ? 348  ARG A CZ  1 
ATOM   613  N NH1 A ARG A 1 70  ? -5.232  -12.479 -11.112 0.80 23.60 ? 348  ARG A NH1 1 
ATOM   614  N NH1 B ARG A 1 70  ? -3.815  -11.904 -11.923 0.20 10.33 ? 348  ARG A NH1 1 
ATOM   615  N NH2 A ARG A 1 70  ? -3.765  -13.365 -12.592 0.80 25.14 ? 348  ARG A NH2 1 
ATOM   616  N NH2 B ARG A 1 70  ? -2.147  -13.032 -12.952 0.20 19.55 ? 348  ARG A NH2 1 
ATOM   617  N N   . PHE A 1 71  ? 0.640   -11.952 -6.712  1.00 12.82 ? 349  PHE A N   1 
ATOM   618  C CA  . PHE A 1 71  ? 2.089   -11.999 -6.457  1.00 11.66 ? 349  PHE A CA  1 
ATOM   619  C C   . PHE A 1 71  ? 2.448   -13.106 -5.532  1.00 12.39 ? 349  PHE A C   1 
ATOM   620  O O   . PHE A 1 71  ? 1.666   -13.502 -4.662  1.00 13.06 ? 349  PHE A O   1 
ATOM   621  C CB  . PHE A 1 71  ? 2.536   -10.680 -5.870  1.00 12.98 ? 349  PHE A CB  1 
ATOM   622  C CG  . PHE A 1 71  ? 2.296   -9.551  -6.794  1.00 11.57 ? 349  PHE A CG  1 
ATOM   623  C CD1 . PHE A 1 71  ? 3.184   -9.296  -7.812  1.00 13.20 ? 349  PHE A CD1 1 
ATOM   624  C CD2 . PHE A 1 71  ? 1.152   -8.731  -6.699  1.00 12.38 ? 349  PHE A CD2 1 
ATOM   625  C CE1 . PHE A 1 71  ? 2.977   -8.288  -8.691  1.00 12.33 ? 349  PHE A CE1 1 
ATOM   626  C CE2 . PHE A 1 71  ? 0.952   -7.712  -7.614  1.00 12.18 ? 349  PHE A CE2 1 
ATOM   627  C CZ  . PHE A 1 71  ? 1.855   -7.479  -8.563  1.00 13.16 ? 349  PHE A CZ  1 
ATOM   628  N N   . HIS A 1 72  ? 3.623   -13.693 -5.723  1.00 11.95 ? 350  HIS A N   1 
ATOM   629  C CA  . HIS A 1 72  ? 4.035   -14.813 -4.912  1.00 11.59 ? 350  HIS A CA  1 
ATOM   630  C C   . HIS A 1 72  ? 4.355   -14.410 -3.487  1.00 13.00 ? 350  HIS A C   1 
ATOM   631  O O   . HIS A 1 72  ? 4.196   -15.226 -2.568  1.00 14.10 ? 350  HIS A O   1 
ATOM   632  C CB  . HIS A 1 72  ? 5.292   -15.475 -5.503  1.00 12.00 ? 350  HIS A CB  1 
ATOM   633  C CG  . HIS A 1 72  ? 5.119   -16.010 -6.889  1.00 15.81 ? 350  HIS A CG  1 
ATOM   634  N ND1 . HIS A 1 72  ? 4.696   -17.294 -7.158  1.00 21.56 ? 350  HIS A ND1 1 
ATOM   635  C CD2 . HIS A 1 72  ? 5.311   -15.412 -8.081  1.00 13.65 ? 350  HIS A CD2 1 
ATOM   636  C CE1 . HIS A 1 72  ? 4.655   -17.456 -8.475  1.00 16.74 ? 350  HIS A CE1 1 
ATOM   637  N NE2 . HIS A 1 72  ? 5.026   -16.348 -9.053  1.00 21.51 ? 350  HIS A NE2 1 
ATOM   638  N N   . THR A 1 73  ? 4.836   -13.190 -3.299  1.00 11.89 ? 351  THR A N   1 
ATOM   639  C CA  . THR A 1 73  ? 5.234   -12.690 -1.978  1.00 12.04 ? 351  THR A CA  1 
ATOM   640  C C   . THR A 1 73  ? 4.936   -11.225 -1.907  1.00 12.68 ? 351  THR A C   1 
ATOM   641  O O   . THR A 1 73  ? 4.720   -10.551 -2.904  1.00 12.60 ? 351  THR A O   1 
ATOM   642  C CB  . THR A 1 73  ? 6.741   -12.860 -1.764  1.00 12.03 ? 351  THR A CB  1 
ATOM   643  O OG1 . THR A 1 73  ? 7.473   -12.022 -2.710  1.00 11.10 ? 351  THR A OG1 1 
ATOM   644  C CG2 . THR A 1 73  ? 7.187   -14.305 -1.804  1.00 12.61 ? 351  THR A CG2 1 
ATOM   645  N N   . MET A 1 74  ? 4.832   -10.706 -0.704  1.00 12.69 ? 352  MET A N   1 
ATOM   646  C CA  . MET A 1 74  ? 4.675   -9.274  -0.520  1.00 11.87 ? 352  MET A CA  1 
ATOM   647  C C   . MET A 1 74  ? 5.845   -8.504  -1.111  1.00 12.05 ? 352  MET A C   1 
ATOM   648  O O   . MET A 1 74  ? 5.688   -7.429  -1.662  1.00 14.02 ? 352  MET A O   1 
ATOM   649  C CB  . MET A 1 74  ? 4.446   -8.920  0.955   1.00 14.36 ? 352  MET A CB  1 
ATOM   650  C CG  . MET A 1 74  ? 4.067   -7.509  1.208   1.00 15.06 ? 352  MET A CG  1 
ATOM   651  S SD  . MET A 1 74  ? 2.468   -7.031  0.609   1.00 16.33 ? 352  MET A SD  1 
ATOM   652  C CE  . MET A 1 74  ? 1.454   -7.712  1.914   1.00 18.48 ? 352  MET A CE  1 
ATOM   653  N N   . ASP A 1 75  ? 7.057   -9.058  -1.027  1.00 12.69 ? 353  ASP A N   1 
ATOM   654  C CA  . ASP A 1 75  ? 8.223   -8.405  -1.599  1.00 11.29 ? 353  ASP A CA  1 
ATOM   655  C C   . ASP A 1 75  ? 8.048   -8.248  -3.096  1.00 11.59 ? 353  ASP A C   1 
ATOM   656  O O   . ASP A 1 75  ? 8.385   -7.215  -3.646  1.00 12.96 ? 353  ASP A O   1 
ATOM   657  C CB  . ASP A 1 75  ? 9.491   -9.213  -1.314  1.00 12.55 ? 353  ASP A CB  1 
ATOM   658  C CG  . ASP A 1 75  ? 10.721  -8.502  -1.796  1.00 15.17 ? 353  ASP A CG  1 
ATOM   659  O OD1 . ASP A 1 75  ? 11.053  -7.459  -1.177  1.00 17.27 ? 353  ASP A OD1 1 
ATOM   660  O OD2 . ASP A 1 75  ? 11.333  -8.939  -2.771  1.00 16.04 ? 353  ASP A OD2 1 
ATOM   661  N N   . GLU A 1 76  ? 7.541   -9.298  -3.752  1.00 11.48 ? 354  GLU A N   1 
ATOM   662  C CA  . GLU A 1 76  ? 7.331   -9.208  -5.185  1.00 11.32 ? 354  GLU A CA  1 
ATOM   663  C C   . GLU A 1 76  ? 6.303   -8.139  -5.534  1.00 12.83 ? 354  GLU A C   1 
ATOM   664  O O   . GLU A 1 76  ? 6.441   -7.399  -6.513  1.00 12.34 ? 354  GLU A O   1 
ATOM   665  C CB  . GLU A 1 76  ? 6.875   -10.564 -5.740  1.00 11.74 ? 354  GLU A CB  1 
ATOM   666  C CG  . GLU A 1 76  ? 6.875   -10.659 -7.199  1.00 12.40 ? 354  GLU A CG  1 
ATOM   667  C CD  . GLU A 1 76  ? 6.430   -11.971 -7.704  1.00 16.08 ? 354  GLU A CD  1 
ATOM   668  O OE1 . GLU A 1 76  ? 5.221   -12.260 -7.627  1.00 16.77 ? 354  GLU A OE1 1 
ATOM   669  O OE2 . GLU A 1 76  ? 7.279   -12.694 -8.252  1.00 19.44 ? 354  GLU A OE2 1 
ATOM   670  N N   . LEU A 1 77  ? 5.241   -8.063  -4.740  1.00 11.62 ? 355  LEU A N   1 
ATOM   671  C CA  . LEU A 1 77  ? 4.225   -7.050  -4.922  1.00 11.62 ? 355  LEU A CA  1 
ATOM   672  C C   . LEU A 1 77  ? 4.818   -5.642  -4.802  1.00 10.95 ? 355  LEU A C   1 
ATOM   673  O O   . LEU A 1 77  ? 4.610   -4.749  -5.638  1.00 12.52 ? 355  LEU A O   1 
ATOM   674  C CB  . LEU A 1 77  ? 3.100   -7.302  -3.875  1.00 14.16 ? 355  LEU A CB  1 
ATOM   675  C CG  . LEU A 1 77  ? 1.927   -6.347  -3.893  1.00 12.86 ? 355  LEU A CG  1 
ATOM   676  C CD1 . LEU A 1 77  ? 0.785   -7.031  -3.180  1.00 15.46 ? 355  LEU A CD1 1 
ATOM   677  C CD2 . LEU A 1 77  ? 2.198   -5.020  -3.227  1.00 15.06 ? 355  LEU A CD2 1 
ATOM   678  N N   . VAL A 1 78  ? 5.581   -5.438  -3.722  1.00 12.08 ? 356  VAL A N   1 
ATOM   679  C CA  . VAL A 1 78  ? 6.182   -4.142  -3.513  1.00 12.69 ? 356  VAL A CA  1 
ATOM   680  C C   . VAL A 1 78  ? 7.114   -3.758  -4.637  1.00 13.45 ? 356  VAL A C   1 
ATOM   681  O O   . VAL A 1 78  ? 7.115   -2.609  -5.166  1.00 14.45 ? 356  VAL A O   1 
ATOM   682  C CB  . VAL A 1 78  ? 6.968   -4.142  -2.142  1.00 13.57 ? 356  VAL A CB  1 
ATOM   683  C CG1 . VAL A 1 78  ? 7.945   -2.929  -2.063  1.00 15.32 ? 356  VAL A CG1 1 
ATOM   684  C CG2 . VAL A 1 78  ? 5.977   -4.183  -0.985  1.00 16.06 ? 356  VAL A CG2 1 
ATOM   685  N N   . GLU A 1 79  ? 7.961   -4.693  -5.052  1.00 12.65 ? 357  GLU A N   1 
ATOM   686  C CA  . GLU A 1 79  ? 8.899   -4.388  -6.140  1.00 12.85 ? 357  GLU A CA  1 
ATOM   687  C C   . GLU A 1 79  ? 8.195   -4.082  -7.459  1.00 15.07 ? 357  GLU A C   1 
ATOM   688  O O   . GLU A 1 79  ? 8.647   -3.234  -8.276  1.00 15.29 ? 357  GLU A O   1 
ATOM   689  C CB  . GLU A 1 79  ? 9.930   -5.515  -6.267  1.00 14.81 ? 357  GLU A CB  1 
ATOM   690  C CG  . GLU A 1 79  ? 10.888  -5.575  -5.051  1.00 17.99 ? 357  GLU A CG  1 
ATOM   691  C CD  . GLU A 1 79  ? 11.704  -4.305  -4.860  1.00 21.24 ? 357  GLU A CD  1 
ATOM   692  O OE1 . GLU A 1 79  ? 12.268  -3.838  -5.857  1.00 21.01 ? 357  GLU A OE1 1 
ATOM   693  O OE2 . GLU A 1 79  ? 11.744  -3.789  -3.721  1.00 20.84 ? 357  GLU A OE2 1 
ATOM   694  N N   . HIS A 1 80  ? 7.089   -4.762  -7.697  1.00 13.66 ? 358  HIS A N   1 
ATOM   695  C CA  . HIS A 1 80  ? 6.311   -4.516  -8.887  1.00 12.95 ? 358  HIS A CA  1 
ATOM   696  C C   . HIS A 1 80  ? 5.857   -3.054  -8.953  1.00 12.20 ? 358  HIS A C   1 
ATOM   697  O O   . HIS A 1 80  ? 5.955   -2.373  -10.004 1.00 13.59 ? 358  HIS A O   1 
ATOM   698  C CB  . HIS A 1 80  ? 5.094   -5.438  -8.926  1.00 13.14 ? 358  HIS A CB  1 
ATOM   699  C CG  . HIS A 1 80  ? 4.130   -5.148  -10.042 1.00 12.58 ? 358  HIS A CG  1 
ATOM   700  N ND1 . HIS A 1 80  ? 3.081   -4.261  -9.934  1.00 15.61 ? 358  HIS A ND1 1 
ATOM   701  C CD2 . HIS A 1 80  ? 4.061   -5.654  -11.287 1.00 16.30 ? 358  HIS A CD2 1 
ATOM   702  C CE1 . HIS A 1 80  ? 2.437   -4.195  -11.101 1.00 16.63 ? 358  HIS A CE1 1 
ATOM   703  N NE2 . HIS A 1 80  ? 2.998   -5.042  -11.920 1.00 18.60 ? 358  HIS A NE2 1 
ATOM   704  N N   . TYR A 1 81  ? 5.341   -2.567  -7.802  1.00 11.48 ? 359  TYR A N   1 
ATOM   705  C CA  . TYR A 1 81  ? 4.805   -1.200  -7.738  1.00 11.70 ? 359  TYR A CA  1 
ATOM   706  C C   . TYR A 1 81  ? 5.842   -0.111  -7.539  1.00 13.03 ? 359  TYR A C   1 
ATOM   707  O O   . TYR A 1 81  ? 5.480   1.058   -7.509  1.00 13.53 ? 359  TYR A O   1 
ATOM   708  C CB  . TYR A 1 81  ? 3.623   -1.126  -6.771  1.00 13.12 ? 359  TYR A CB  1 
ATOM   709  C CG  . TYR A 1 81  ? 2.396   -1.852  -7.275  1.00 13.52 ? 359  TYR A CG  1 
ATOM   710  C CD1 . TYR A 1 81  ? 1.665   -1.377  -8.340  1.00 14.46 ? 359  TYR A CD1 1 
ATOM   711  C CD2 . TYR A 1 81  ? 1.975   -3.021  -6.687  1.00 13.95 ? 359  TYR A CD2 1 
ATOM   712  C CE1 . TYR A 1 81  ? 0.544   -2.073  -8.776  1.00 15.95 ? 359  TYR A CE1 1 
ATOM   713  C CE2 . TYR A 1 81  ? 0.906   -3.702  -7.112  1.00 15.89 ? 359  TYR A CE2 1 
ATOM   714  C CZ  . TYR A 1 81  ? 0.188   -3.221  -8.127  1.00 14.81 ? 359  TYR A CZ  1 
ATOM   715  O OH  . TYR A 1 81  ? -0.964  -3.994  -8.522  1.00 22.32 ? 359  TYR A OH  1 
ATOM   716  N N   . LYS A 1 82  ? 7.100   -0.470  -7.522  1.00 13.45 ? 360  LYS A N   1 
ATOM   717  C CA  . LYS A 1 82  ? 8.190   0.517   -7.684  1.00 12.66 ? 360  LYS A CA  1 
ATOM   718  C C   . LYS A 1 82  ? 8.443   0.777   -9.146  1.00 15.28 ? 360  LYS A C   1 
ATOM   719  O O   . LYS A 1 82  ? 9.038   1.791   -9.498  1.00 17.22 ? 360  LYS A O   1 
ATOM   720  C CB  . LYS A 1 82  ? 9.451   -0.005  -7.021  1.00 14.73 ? 360  LYS A CB  1 
ATOM   721  C CG  . LYS A 1 82  ? 9.438   0.000   -5.520  1.00 16.80 ? 360  LYS A CG  1 
ATOM   722  C CD  . LYS A 1 82  ? 10.746  -0.544  -4.930  1.00 18.08 ? 360  LYS A CD  1 
ATOM   723  C CE  . LYS A 1 82  ? 10.714  -0.495  -3.462  1.00 19.41 ? 360  LYS A CE  1 
ATOM   724  N NZ  . LYS A 1 82  ? 11.927  -1.100  -2.823  1.00 19.24 ? 360  LYS A NZ  1 
ATOM   725  N N   A LYS A 1 83  ? 7.972   -0.142  -10.001 0.50 14.44 ? 361  LYS A N   1 
ATOM   726  N N   B LYS A 1 83  ? 7.962   -0.101  -10.022 0.50 12.90 ? 361  LYS A N   1 
ATOM   727  C CA  A LYS A 1 83  ? 8.229   -0.154  -11.463 0.50 16.26 ? 361  LYS A CA  1 
ATOM   728  C CA  B LYS A 1 83  ? 8.192   0.023   -11.479 0.50 15.42 ? 361  LYS A CA  1 
ATOM   729  C C   A LYS A 1 83  ? 6.965   0.028   -12.358 0.50 15.92 ? 361  LYS A C   1 
ATOM   730  C C   B LYS A 1 83  ? 6.937   0.331   -12.293 0.50 15.33 ? 361  LYS A C   1 
ATOM   731  O O   A LYS A 1 83  ? 7.067   0.158   -13.583 0.50 16.60 ? 361  LYS A O   1 
ATOM   732  O O   B LYS A 1 83  ? 7.008   0.917   -13.391 0.50 17.45 ? 361  LYS A O   1 
ATOM   733  C CB  A LYS A 1 83  ? 8.927   -1.505  -11.794 0.50 19.94 ? 361  LYS A CB  1 
ATOM   734  C CB  B LYS A 1 83  ? 8.838   -1.266  -11.995 0.50 18.68 ? 361  LYS A CB  1 
ATOM   735  C CG  A LYS A 1 83  ? 10.214  -1.793  -10.928 0.50 21.37 ? 361  LYS A CG  1 
ATOM   736  C CG  B LYS A 1 83  ? 10.298  -1.444  -11.564 0.50 22.01 ? 361  LYS A CG  1 
ATOM   737  C CD  A LYS A 1 83  ? 10.547  -3.302  -10.787 0.50 22.88 ? 361  LYS A CD  1 
ATOM   738  C CD  B LYS A 1 83  ? 10.820  -2.872  -11.804 0.50 20.79 ? 361  LYS A CD  1 
ATOM   739  C CE  A LYS A 1 83  ? 11.697  -3.557  -9.749  0.50 23.08 ? 361  LYS A CE  1 
ATOM   740  C CE  B LYS A 1 83  ? 10.708  -3.315  -13.248 0.50 25.88 ? 361  LYS A CE  1 
ATOM   741  N NZ  A LYS A 1 83  ? 11.476  -3.046  -8.331  0.50 15.02 ? 361  LYS A NZ  1 
ATOM   742  N NZ  B LYS A 1 83  ? 11.194  -4.690  -13.522 0.50 28.94 ? 361  LYS A NZ  1 
ATOM   743  N N   . ALA A 1 84  ? 5.791   -0.024  -11.746 1.00 14.57 ? 362  ALA A N   1 
ATOM   744  C CA  . ALA A 1 84  ? 4.504   0.138   -12.392 1.00 13.46 ? 362  ALA A CA  1 
ATOM   745  C C   . ALA A 1 84  ? 3.658   0.946   -11.388 1.00 13.55 ? 362  ALA A C   1 
ATOM   746  O O   . ALA A 1 84  ? 3.778   0.752   -10.191 1.00 14.78 ? 362  ALA A O   1 
ATOM   747  C CB  . ALA A 1 84  ? 3.875   -1.210  -12.631 1.00 17.28 ? 362  ALA A CB  1 
ATOM   748  N N   . PRO A 1 85  ? 2.827   1.874   -11.895 1.00 14.44 ? 363  PRO A N   1 
ATOM   749  C CA  . PRO A 1 85  ? 2.082   2.731   -10.940 1.00 14.73 ? 363  PRO A CA  1 
ATOM   750  C C   . PRO A 1 85  ? 1.086   1.967   -10.119 1.00 14.37 ? 363  PRO A C   1 
ATOM   751  O O   . PRO A 1 85  ? 0.402   1.032   -10.601 1.00 15.19 ? 363  PRO A O   1 
ATOM   752  C CB  . PRO A 1 85  ? 1.344   3.717   -11.840 1.00 16.61 ? 363  PRO A CB  1 
ATOM   753  C CG  . PRO A 1 85  ? 1.764   3.419   -13.194 1.00 17.67 ? 363  PRO A CG  1 
ATOM   754  C CD  . PRO A 1 85  ? 2.558   2.210   -13.283 1.00 13.97 ? 363  PRO A CD  1 
ATOM   755  N N   . ILE A 1 86  ? 0.981   2.315   -8.844  1.00 12.76 ? 364  ILE A N   1 
ATOM   756  C CA  . ILE A 1 86  ? -0.015  1.727   -7.977  1.00 14.61 ? 364  ILE A CA  1 
ATOM   757  C C   . ILE A 1 86  ? -1.302  2.536   -8.041  1.00 14.14 ? 364  ILE A C   1 
ATOM   758  O O   . ILE A 1 86  ? -2.367  2.070   -7.660  1.00 15.41 ? 364  ILE A O   1 
ATOM   759  C CB  . ILE A 1 86  ? 0.522   1.551   -6.523  1.00 13.34 ? 364  ILE A CB  1 
ATOM   760  C CG1 . ILE A 1 86  ? -0.354  0.601   -5.709  1.00 13.14 ? 364  ILE A CG1 1 
ATOM   761  C CG2 . ILE A 1 86  ? 0.730   2.899   -5.786  1.00 13.56 ? 364  ILE A CG2 1 
ATOM   762  C CD1 . ILE A 1 86  ? 0.307   0.061   -4.449  1.00 14.86 ? 364  ILE A CD1 1 
ATOM   763  N N   . PHE A 1 87  ? -1.214  3.759   -8.538  1.00 15.39 ? 365  PHE A N   1 
ATOM   764  C CA  . PHE A 1 87  ? -2.369  4.633   -8.655  1.00 17.46 ? 365  PHE A CA  1 
ATOM   765  C C   . PHE A 1 87  ? -2.122  5.601   -9.801  1.00 16.84 ? 365  PHE A C   1 
ATOM   766  O O   . PHE A 1 87  ? -1.031  6.083   -9.957  1.00 15.86 ? 365  PHE A O   1 
ATOM   767  C CB  . PHE A 1 87  ? -2.544  5.448   -7.376  1.00 20.20 ? 365  PHE A CB  1 
ATOM   768  C CG  . PHE A 1 87  ? -3.766  6.286   -7.375  1.00 22.98 ? 365  PHE A CG  1 
ATOM   769  C CD1 . PHE A 1 87  ? -4.995  5.736   -6.980  1.00 22.93 ? 365  PHE A CD1 1 
ATOM   770  C CD2 . PHE A 1 87  ? -3.712  7.601   -7.780  1.00 23.37 ? 365  PHE A CD2 1 
ATOM   771  C CE1 . PHE A 1 87  ? -6.153  6.517   -6.995  1.00 27.29 ? 365  PHE A CE1 1 
ATOM   772  C CE2 . PHE A 1 87  ? -4.885  8.390   -7.800  1.00 25.81 ? 365  PHE A CE2 1 
ATOM   773  C CZ  . PHE A 1 87  ? -6.094  7.838   -7.400  1.00 26.51 ? 365  PHE A CZ  1 
ATOM   774  N N   . THR A 1 88  ? -3.144  5.875   -10.604 1.00 21.80 ? 366  THR A N   1 
ATOM   775  C CA  A THR A 1 88  ? -3.007  6.844   -11.688 0.80 23.55 ? 366  THR A CA  1 
ATOM   776  C CA  B THR A 1 88  ? -3.007  6.831   -11.705 0.20 22.64 ? 366  THR A CA  1 
ATOM   777  C C   . THR A 1 88  ? -4.180  7.779   -11.606 1.00 29.43 ? 366  THR A C   1 
ATOM   778  O O   . THR A 1 88  ? -5.288  7.329   -11.538 1.00 27.31 ? 366  THR A O   1 
ATOM   779  C CB  A THR A 1 88  ? -2.923  6.167   -13.049 0.80 26.92 ? 366  THR A CB  1 
ATOM   780  C CB  B THR A 1 88  ? -2.998  6.143   -13.084 0.20 21.47 ? 366  THR A CB  1 
ATOM   781  O OG1 A THR A 1 88  ? -3.985  5.218   -13.171 0.80 31.49 ? 366  THR A OG1 1 
ATOM   782  O OG1 B THR A 1 88  ? -1.988  5.125   -13.115 0.20 19.64 ? 366  THR A OG1 1 
ATOM   783  C CG2 A THR A 1 88  ? -1.586  5.454   -13.187 0.80 25.02 ? 366  THR A CG2 1 
ATOM   784  C CG2 B THR A 1 88  ? -2.722  7.171   -14.187 0.20 18.00 ? 366  THR A CG2 1 
ATOM   785  N N   . SER A 1 89  ? -3.896  9.095   -11.576 1.00 31.14 ? 367  SER A N   1 
ATOM   786  C CA  . SER A 1 89  ? -4.937  10.118  -11.445 1.00 32.82 ? 367  SER A CA  1 
ATOM   787  C C   . SER A 1 89  ? -5.527  10.541  -12.789 1.00 30.25 ? 367  SER A C   1 
ATOM   788  O O   . SER A 1 89  ? -5.014  10.208  -13.876 1.00 25.75 ? 367  SER A O   1 
ATOM   789  C CB  . SER A 1 89  ? -4.369  11.375  -10.749 1.00 32.65 ? 367  SER A CB  1 
ATOM   790  O OG  . SER A 1 89  ? -3.607  12.181  -11.661 1.00 31.61 ? 367  SER A OG  1 
ATOM   791  N N   . GLU A 1 90  ? -6.610  11.309  -12.707 1.00 35.25 ? 368  GLU A N   1 
ATOM   792  C CA  . GLU A 1 90  ? -7.276  11.822  -13.922 1.00 37.15 ? 368  GLU A CA  1 
ATOM   793  C C   . GLU A 1 90  ? -6.378  12.768  -14.714 1.00 35.27 ? 368  GLU A C   1 
ATOM   794  O O   . GLU A 1 90  ? -6.615  12.997  -15.909 1.00 36.60 ? 368  GLU A O   1 
ATOM   795  C CB  . GLU A 1 90  ? -8.602  12.589  -13.665 1.00 39.75 ? 368  GLU A CB  1 
ATOM   796  C CG  A GLU A 1 90  ? -9.170  12.636  -12.233 0.50 42.15 ? 368  GLU A CG  1 
ATOM   797  C CG  B GLU A 1 90  ? -8.924  12.993  -12.225 0.50 40.79 ? 368  GLU A CG  1 
ATOM   798  C CD  A GLU A 1 90  ? -9.697  11.295  -11.738 0.50 43.87 ? 368  GLU A CD  1 
ATOM   799  C CD  B GLU A 1 90  ? -10.185 13.851  -12.126 0.50 41.00 ? 368  GLU A CD  1 
ATOM   800  O OE1 A GLU A 1 90  ? -9.063  10.251  -12.016 0.50 46.26 ? 368  GLU A OE1 1 
ATOM   801  O OE1 B GLU A 1 90  ? -10.704 14.279  -13.177 0.50 42.29 ? 368  GLU A OE1 1 
ATOM   802  O OE2 A GLU A 1 90  ? -10.748 11.296  -11.052 0.50 44.44 ? 368  GLU A OE2 1 
ATOM   803  O OE2 B GLU A 1 90  ? -10.651 14.097  -10.994 0.50 43.38 ? 368  GLU A OE2 1 
ATOM   804  N N   . HIS A 1 91  ? -5.370  13.341  -14.061 1.00 29.10 ? 369  HIS A N   1 
ATOM   805  C CA  . HIS A 1 91  ? -4.495  14.322  -14.732 1.00 23.51 ? 369  HIS A CA  1 
ATOM   806  C C   . HIS A 1 91  ? -3.176  13.723  -15.164 1.00 22.76 ? 369  HIS A C   1 
ATOM   807  O O   . HIS A 1 91  ? -2.179  14.406  -15.293 1.00 20.54 ? 369  HIS A O   1 
ATOM   808  C CB  . HIS A 1 91  ? -4.284  15.495  -13.787 1.00 22.94 ? 369  HIS A CB  1 
ATOM   809  C CG  . HIS A 1 91  ? -5.569  16.109  -13.326 1.00 25.17 ? 369  HIS A CG  1 
ATOM   810  N ND1 . HIS A 1 91  ? -6.377  16.867  -14.154 1.00 24.73 ? 369  HIS A ND1 1 
ATOM   811  C CD2 . HIS A 1 91  ? -6.196  16.065  -12.125 1.00 25.41 ? 369  HIS A CD2 1 
ATOM   812  C CE1 . HIS A 1 91  ? -7.439  17.270  -13.477 1.00 26.30 ? 369  HIS A CE1 1 
ATOM   813  N NE2 . HIS A 1 91  ? -7.353  16.795  -12.246 1.00 26.54 ? 369  HIS A NE2 1 
ATOM   814  N N   . GLY A 1 92  ? -3.173  12.412  -15.366 1.00 26.11 ? 370  GLY A N   1 
ATOM   815  C CA  . GLY A 1 92  ? -1.980  11.721  -15.805 1.00 27.07 ? 370  GLY A CA  1 
ATOM   816  C C   . GLY A 1 92  ? -0.957  11.491  -14.701 1.00 23.29 ? 370  GLY A C   1 
ATOM   817  O O   . GLY A 1 92  ? 0.149   11.098  -15.000 1.00 22.56 ? 370  GLY A O   1 
ATOM   818  N N   . GLU A 1 93  ? -1.290  11.721  -13.433 1.00 20.99 ? 371  GLU A N   1 
ATOM   819  C CA  . GLU A 1 93  ? -0.263  11.535  -12.435 1.00 23.04 ? 371  GLU A CA  1 
ATOM   820  C C   . GLU A 1 93  ? -0.202  10.075  -12.055 1.00 24.77 ? 371  GLU A C   1 
ATOM   821  O O   . GLU A 1 93  ? -1.180  9.528   -11.650 1.00 26.31 ? 371  GLU A O   1 
ATOM   822  C CB  . GLU A 1 93  ? -0.466  12.399  -11.195 1.00 26.25 ? 371  GLU A CB  1 
ATOM   823  C CG  . GLU A 1 93  ? 0.790   12.444  -10.273 1.00 32.98 ? 371  GLU A CG  1 
ATOM   824  C CD  . GLU A 1 93  ? 0.632   13.415  -9.073  1.00 33.53 ? 371  GLU A CD  1 
ATOM   825  O OE1 . GLU A 1 93  ? -0.509  13.634  -8.621  1.00 37.59 ? 371  GLU A OE1 1 
ATOM   826  O OE2 . GLU A 1 93  ? 1.657   13.933  -8.577  1.00 38.40 ? 371  GLU A OE2 1 
ATOM   827  N N   . LYS A 1 94  ? 0.971   9.492   -12.233 1.00 20.18 ? 372  LYS A N   1 
ATOM   828  C CA  . LYS A 1 94  ? 1.245   8.119   -11.880 1.00 16.54 ? 372  LYS A CA  1 
ATOM   829  C C   . LYS A 1 94  ? 1.990   8.091   -10.573 1.00 17.08 ? 372  LYS A C   1 
ATOM   830  O O   . LYS A 1 94  ? 3.081   8.737   -10.427 1.00 17.53 ? 372  LYS A O   1 
ATOM   831  C CB  . LYS A 1 94  ? 2.119   7.489   -12.966 1.00 20.70 ? 372  LYS A CB  1 
ATOM   832  C CG  . LYS A 1 94  ? 1.476   7.370   -14.257 1.00 23.72 ? 372  LYS A CG  1 
ATOM   833  C CD  . LYS A 1 94  ? 2.470   6.815   -15.282 1.00 25.97 ? 372  LYS A CD  1 
ATOM   834  C CE  . LYS A 1 94  ? 1.820   6.577   -16.602 1.00 30.77 ? 372  LYS A CE  1 
ATOM   835  N NZ  . LYS A 1 94  ? 1.608   7.797   -17.358 1.00 32.39 ? 372  LYS A NZ  1 
ATOM   836  N N   . LEU A 1 95  ? 1.416   7.371   -9.615  1.00 14.08 ? 373  LEU A N   1 
ATOM   837  C CA  . LEU A 1 95  ? 2.078   7.262   -8.334  1.00 14.81 ? 373  LEU A CA  1 
ATOM   838  C C   . LEU A 1 95  ? 2.675   5.890   -8.186  1.00 15.14 ? 373  LEU A C   1 
ATOM   839  O O   . LEU A 1 95  ? 2.015   4.890   -8.420  1.00 13.89 ? 373  LEU A O   1 
ATOM   840  C CB  . LEU A 1 95  ? 1.088   7.460   -7.177  1.00 15.29 ? 373  LEU A CB  1 
ATOM   841  C CG  . LEU A 1 95  ? 0.283   8.768   -7.223  1.00 15.56 ? 373  LEU A CG  1 
ATOM   842  C CD1 . LEU A 1 95  ? -0.574  8.897   -5.923  1.00 17.66 ? 373  LEU A CD1 1 
ATOM   843  C CD2 . LEU A 1 95  ? 1.141   9.995   -7.416  1.00 15.84 ? 373  LEU A CD2 1 
ATOM   844  N N   . TYR A 1 96  ? 3.928   5.859   -7.804  1.00 14.00 ? 374  TYR A N   1 
ATOM   845  C CA  . TYR A 1 96  ? 4.668   4.644   -7.550  1.00 13.91 ? 374  TYR A CA  1 
ATOM   846  C C   . TYR A 1 96  ? 5.058   4.508   -6.123  1.00 14.86 ? 374  TYR A C   1 
ATOM   847  O O   . TYR A 1 96  ? 5.137   5.496   -5.394  1.00 15.78 ? 374  TYR A O   1 
ATOM   848  C CB  . TYR A 1 96  ? 5.972   4.690   -8.365  1.00 15.20 ? 374  TYR A CB  1 
ATOM   849  C CG  . TYR A 1 96  ? 5.811   4.751   -9.871  1.00 14.88 ? 374  TYR A CG  1 
ATOM   850  C CD1 . TYR A 1 96  ? 5.613   5.957   -10.508 1.00 18.14 ? 374  TYR A CD1 1 
ATOM   851  C CD2 . TYR A 1 96  ? 5.917   3.627   -10.650 1.00 14.84 ? 374  TYR A CD2 1 
ATOM   852  C CE1 . TYR A 1 96  ? 5.500   6.024   -11.883 1.00 16.16 ? 374  TYR A CE1 1 
ATOM   853  C CE2 . TYR A 1 96  ? 5.807   3.699   -12.029 1.00 15.77 ? 374  TYR A CE2 1 
ATOM   854  C CZ  . TYR A 1 96  ? 5.595   4.883   -12.631 1.00 16.90 ? 374  TYR A CZ  1 
ATOM   855  O OH  . TYR A 1 96  ? 5.493   4.980   -14.025 1.00 17.64 ? 374  TYR A OH  1 
ATOM   856  N N   . LEU A 1 97  ? 5.290   3.284   -5.664  1.00 12.87 ? 375  LEU A N   1 
ATOM   857  C CA  . LEU A 1 97  ? 5.971   3.063   -4.400  1.00 13.16 ? 375  LEU A CA  1 
ATOM   858  C C   . LEU A 1 97  ? 7.438   3.442   -4.666  1.00 15.50 ? 375  LEU A C   1 
ATOM   859  O O   . LEU A 1 97  ? 8.019   3.078   -5.729  1.00 16.60 ? 375  LEU A O   1 
ATOM   860  C CB  . LEU A 1 97  ? 5.867   1.647   -3.931  1.00 14.22 ? 375  LEU A CB  1 
ATOM   861  C CG  . LEU A 1 97  ? 4.465   1.069   -3.791  1.00 14.19 ? 375  LEU A CG  1 
ATOM   862  C CD1 . LEU A 1 97  ? 4.528   -0.362  -3.205  1.00 15.20 ? 375  LEU A CD1 1 
ATOM   863  C CD2 . LEU A 1 97  ? 3.578   2.029   -2.918  1.00 14.77 ? 375  LEU A CD2 1 
ATOM   864  N N   . VAL A 1 98  ? 8.031   4.225   -3.793  1.00 13.26 ? 376  VAL A N   1 
ATOM   865  C CA  . VAL A 1 98  ? 9.419   4.615   -3.989  1.00 13.01 ? 376  VAL A CA  1 
ATOM   866  C C   . VAL A 1 98  ? 10.318  4.058   -2.902  1.00 13.70 ? 376  VAL A C   1 
ATOM   867  O O   . VAL A 1 98  ? 11.350  3.465   -3.197  1.00 13.50 ? 376  VAL A O   1 
ATOM   868  C CB  . VAL A 1 98  ? 9.540   6.141   -4.044  1.00 12.88 ? 376  VAL A CB  1 
ATOM   869  C CG1 . VAL A 1 98  ? 10.991  6.604   -4.170  1.00 15.89 ? 376  VAL A CG1 1 
ATOM   870  C CG2 . VAL A 1 98  ? 8.730   6.699   -5.237  1.00 14.46 ? 376  VAL A CG2 1 
ATOM   871  N N   . ARG A 1 99  ? 9.914   4.211   -1.648  1.00 12.29 ? 377  ARG A N   1 
ATOM   872  C CA  . ARG A 1 99  ? 10.782  3.875   -0.522  1.00 12.65 ? 377  ARG A CA  1 
ATOM   873  C C   . ARG A 1 99  ? 10.004  3.553   0.748   1.00 13.04 ? 377  ARG A C   1 
ATOM   874  O O   . ARG A 1 99  ? 9.012   4.200   1.011   1.00 12.86 ? 377  ARG A O   1 
ATOM   875  C CB  . ARG A 1 99  ? 11.626  5.166   -0.228  1.00 12.65 ? 377  ARG A CB  1 
ATOM   876  C CG  . ARG A 1 99  ? 12.525  5.073   0.960   1.00 14.16 ? 377  ARG A CG  1 
ATOM   877  C CD  . ARG A 1 99  ? 13.338  6.289   1.154   1.00 11.67 ? 377  ARG A CD  1 
ATOM   878  N NE  . ARG A 1 99  ? 12.544  7.486   1.415   1.00 11.39 ? 377  ARG A NE  1 
ATOM   879  C CZ  . ARG A 1 99  ? 13.076  8.669   1.697   1.00 10.83 ? 377  ARG A CZ  1 
ATOM   880  N NH1 . ARG A 1 99  ? 14.370  8.831   1.702   1.00 10.30 ? 377  ARG A NH1 1 
ATOM   881  N NH2 . ARG A 1 99  ? 12.299  9.741   1.946   1.00 10.95 ? 377  ARG A NH2 1 
ATOM   882  N N   . ALA A 1 100 ? 10.431  2.541   1.496   1.00 13.63 ? 378  ALA A N   1 
ATOM   883  C CA  . ALA A 1 100 ? 9.876   2.304   2.774   1.00 12.02 ? 378  ALA A CA  1 
ATOM   884  C C   . ALA A 1 100 ? 9.973   3.519   3.684   1.00 12.48 ? 378  ALA A C   1 
ATOM   885  O O   . ALA A 1 100 ? 11.026  4.151   3.744   1.00 12.89 ? 378  ALA A O   1 
ATOM   886  C CB  . ALA A 1 100 ? 10.593  1.142   3.479   1.00 15.07 ? 378  ALA A CB  1 
ATOM   887  N N   . LEU A 1 101 ? 8.905   3.887   4.359   1.00 11.31 ? 379  LEU A N   1 
ATOM   888  C CA  . LEU A 1 101 ? 8.955   5.001   5.290   1.00 10.92 ? 379  LEU A CA  1 
ATOM   889  C C   . LEU A 1 101 ? 10.074  4.817   6.271   1.00 14.63 ? 379  LEU A C   1 
ATOM   890  O O   . LEU A 1 101 ? 10.226  3.736   6.880   1.00 13.96 ? 379  LEU A O   1 
ATOM   891  C CB  . LEU A 1 101 ? 7.656   5.091   6.024   1.00 12.10 ? 379  LEU A CB  1 
ATOM   892  C CG  . LEU A 1 101 ? 7.489   6.270   6.994   1.00 13.38 ? 379  LEU A CG  1 
ATOM   893  C CD1 . LEU A 1 101 ? 7.443   7.588   6.216   1.00 13.71 ? 379  LEU A CD1 1 
ATOM   894  C CD2 . LEU A 1 101 ? 6.236   6.086   7.853   1.00 14.73 ? 379  LEU A CD2 1 
ATOM   895  N N   . GLN A 1 102 ? 10.868  5.883   6.470   1.00 12.62 ? 380  GLN A N   1 
ATOM   896  C CA  . GLN A 1 102 ? 12.037  5.862   7.358   1.00 13.56 ? 380  GLN A CA  1 
ATOM   897  C C   . GLN A 1 102 ? 11.743  6.482   8.695   1.00 16.10 ? 380  GLN A C   1 
ATOM   898  O O   . GLN A 1 102 ? 12.643  6.482   9.597   1.00 19.28 ? 380  GLN A O   1 
ATOM   899  C CB  . GLN A 1 102 ? 13.182  6.595   6.672   1.00 15.21 ? 380  GLN A CB  1 
ATOM   900  C CG  . GLN A 1 102 ? 13.526  6.016   5.327   1.00 16.36 ? 380  GLN A CG  1 
ATOM   901  C CD  . GLN A 1 102 ? 14.193  4.684   5.430   1.00 20.20 ? 380  GLN A CD  1 
ATOM   902  O OE1 . GLN A 1 102 ? 15.256  4.591   6.035   1.00 23.66 ? 380  GLN A OE1 1 
ATOM   903  N NE2 . GLN A 1 102 ? 13.606  3.631   4.837   1.00 19.55 ? 380  GLN A NE2 1 
ATOM   904  O OXT . GLN A 1 102 ? 10.661  6.990   8.931   1.00 17.61 ? 380  GLN A OXT 1 
HETATM 905  C C   . ACE B 2 1   ? -14.645 2.896   7.747   1.00 27.80 ? 471  ACE L C   1 
HETATM 906  O O   . ACE B 2 1   ? -15.635 2.582   8.445   1.00 25.72 ? 471  ACE L O   1 
HETATM 907  C CH3 . ACE B 2 1   ? -14.280 4.358   7.629   1.00 26.47 ? 471  ACE L CH3 1 
ATOM   908  N N   . HIS B 2 2   ? -13.778 1.963   7.262   1.00 25.13 ? 472  HIS L N   1 
ATOM   909  C CA  . HIS B 2 2   ? -12.628 2.280   6.354   1.00 22.75 ? 472  HIS L CA  1 
ATOM   910  C C   . HIS B 2 2   ? -12.804 2.005   4.850   1.00 25.78 ? 472  HIS L C   1 
ATOM   911  O O   . HIS B 2 2   ? -13.060 0.861   4.409   1.00 26.82 ? 472  HIS L O   1 
ATOM   912  C CB  . HIS B 2 2   ? -11.357 1.569   6.739   1.00 21.12 ? 472  HIS L CB  1 
ATOM   913  C CG  . HIS B 2 2   ? -10.780 2.017   8.031   1.00 18.95 ? 472  HIS L CG  1 
ATOM   914  N ND1 . HIS B 2 2   ? -9.820  1.297   8.704   1.00 19.25 ? 472  HIS L ND1 1 
ATOM   915  C CD2 . HIS B 2 2   ? -11.079 3.086   8.810   1.00 22.58 ? 472  HIS L CD2 1 
ATOM   916  C CE1 . HIS B 2 2   ? -9.521  1.931   9.828   1.00 19.93 ? 472  HIS L CE1 1 
ATOM   917  N NE2 . HIS B 2 2   ? -10.280 3.015   9.918   1.00 22.58 ? 472  HIS L NE2 1 
ATOM   918  N N   . ILE B 2 3   ? -12.589 3.058   4.076   1.00 21.58 ? 473  ILE L N   1 
ATOM   919  C CA  A ILE B 2 3   ? -12.704 2.994   2.622   0.50 19.89 ? 473  ILE L CA  1 
ATOM   920  C CA  B ILE B 2 3   ? -12.706 2.999   2.623   0.50 22.75 ? 473  ILE L CA  1 
ATOM   921  C C   . ILE B 2 3   ? -11.309 2.934   2.035   1.00 21.66 ? 473  ILE L C   1 
ATOM   922  O O   . ILE B 2 3   ? -10.408 3.687   2.467   1.00 23.34 ? 473  ILE L O   1 
ATOM   923  C CB  A ILE B 2 3   ? -13.446 4.223   2.063   0.50 22.31 ? 473  ILE L CB  1 
ATOM   924  C CB  B ILE B 2 3   ? -13.511 4.217   2.082   0.50 27.56 ? 473  ILE L CB  1 
ATOM   925  C CG1 A ILE B 2 3   ? -14.765 4.439   2.807   0.50 19.87 ? 473  ILE L CG1 1 
ATOM   926  C CG1 B ILE B 2 3   ? -13.524 4.255   0.551   0.50 28.10 ? 473  ILE L CG1 1 
ATOM   927  C CG2 A ILE B 2 3   ? -13.705 4.067   0.572   0.50 21.45 ? 473  ILE L CG2 1 
ATOM   928  C CG2 B ILE B 2 3   ? -12.927 5.530   2.603   0.50 29.89 ? 473  ILE L CG2 1 
ATOM   929  C CD1 A ILE B 2 3   ? -15.662 3.248   2.784   0.50 19.64 ? 473  ILE L CD1 1 
ATOM   930  C CD1 B ILE B 2 3   ? -12.215 4.723   -0.069  0.50 30.94 ? 473  ILE L CD1 1 
HETATM 931  N N   . PTR B 2 4   ? -11.110 2.036   1.054   1.00 22.08 ? 474  PTR L N   1 
HETATM 932  C CA  . PTR B 2 4   ? -9.809  1.867   0.393   1.00 20.53 ? 474  PTR L CA  1 
HETATM 933  C C   . PTR B 2 4   ? -9.812  2.465   -0.991  1.00 20.92 ? 474  PTR L C   1 
HETATM 934  O O   . PTR B 2 4   ? -10.850 2.525   -1.649  1.00 20.57 ? 474  PTR L O   1 
HETATM 935  C CB  . PTR B 2 4   ? -9.378  0.413   0.336   1.00 20.11 ? 474  PTR L CB  1 
HETATM 936  C CG  . PTR B 2 4   ? -8.951  -0.132  1.694   1.00 19.68 ? 474  PTR L CG  1 
HETATM 937  C CD1 . PTR B 2 4   ? -9.897  -0.588  2.597   1.00 21.19 ? 474  PTR L CD1 1 
HETATM 938  C CD2 . PTR B 2 4   ? -7.616  -0.237  2.052   1.00 19.45 ? 474  PTR L CD2 1 
HETATM 939  C CE1 . PTR B 2 4   ? -9.519  -1.099  3.843   1.00 22.19 ? 474  PTR L CE1 1 
HETATM 940  C CE2 . PTR B 2 4   ? -7.210  -0.720  3.302   1.00 18.03 ? 474  PTR L CE2 1 
HETATM 941  C CZ  . PTR B 2 4   ? -8.182  -1.170  4.194   1.00 18.78 ? 474  PTR L CZ  1 
HETATM 942  O OH  . PTR B 2 4   ? -7.793  -1.672  5.327   1.00 17.69 ? 474  PTR L OH  1 
HETATM 943  P P   . PTR B 2 4   ? -7.549  -0.802  6.668   1.00 16.40 ? 474  PTR L P   1 
HETATM 944  O O1P . PTR B 2 4   ? -8.761  -0.883  7.486   1.00 16.01 ? 474  PTR L O1P 1 
HETATM 945  O O2P . PTR B 2 4   ? -7.200  0.610   6.240   1.00 17.25 ? 474  PTR L O2P 1 
HETATM 946  O O3P . PTR B 2 4   ? -6.366  -1.504  7.271   1.00 16.94 ? 474  PTR L O3P 1 
ATOM   947  N N   . ASP B 2 5   ? -8.637  2.926   -1.416  1.00 19.90 ? 475  ASP L N   1 
ATOM   948  C CA  . ASP B 2 5   ? -8.453  3.505   -2.709  1.00 20.05 ? 475  ASP L CA  1 
ATOM   949  C C   . ASP B 2 5   ? -8.341  2.437   -3.745  1.00 21.98 ? 475  ASP L C   1 
ATOM   950  O O   . ASP B 2 5   ? -7.939  1.316   -3.463  1.00 22.50 ? 475  ASP L O   1 
ATOM   951  C CB  . ASP B 2 5   ? -7.196  4.355   -2.678  1.00 21.10 ? 475  ASP L CB  1 
ATOM   952  C CG  . ASP B 2 5   ? -7.330  5.524   -1.740  1.00 21.69 ? 475  ASP L CG  1 
ATOM   953  O OD1 . ASP B 2 5   ? -7.969  6.515   -2.143  1.00 24.32 ? 475  ASP L OD1 1 
ATOM   954  O OD2 . ASP B 2 5   ? -6.826  5.401   -0.602  1.00 21.03 ? 475  ASP L OD2 1 
ATOM   955  N N   . GLU B 2 6   ? -8.708  2.799   -4.976  1.00 22.04 ? 476  GLU L N   1 
ATOM   956  C CA  . GLU B 2 6   ? -8.682  1.871   -6.102  1.00 23.99 ? 476  GLU L CA  1 
ATOM   957  C C   . GLU B 2 6   ? -7.274  1.733   -6.662  1.00 20.01 ? 476  GLU L C   1 
ATOM   958  O O   . GLU B 2 6   ? -6.667  2.720   -7.023  1.00 22.51 ? 476  GLU L O   1 
ATOM   959  C CB  . GLU B 2 6   ? -9.585  2.411   -7.189  1.00 27.27 ? 476  GLU L CB  1 
ATOM   960  C CG  . GLU B 2 6   ? -9.731  1.495   -8.377  1.00 29.30 ? 476  GLU L CG  1 
ATOM   961  C CD  . GLU B 2 6   ? -10.521 2.100   -9.519  1.00 32.62 ? 476  GLU L CD  1 
ATOM   962  O OE1 . GLU B 2 6   ? -10.567 3.348   -9.676  1.00 34.85 ? 476  GLU L OE1 1 
ATOM   963  O OE2 . GLU B 2 6   ? -11.071 1.302   -10.277 1.00 35.62 ? 476  GLU L OE2 1 
ATOM   964  N N   . VAL B 2 7   ? -6.699  0.523   -6.647  1.00 21.46 ? 477  VAL L N   1 
ATOM   965  C CA  A VAL B 2 7   ? -5.371  0.299   -7.268  0.50 20.93 ? 477  VAL L CA  1 
ATOM   966  C CA  B VAL B 2 7   ? -5.371  0.314   -7.225  0.50 21.60 ? 477  VAL L CA  1 
ATOM   967  C C   . VAL B 2 7   ? -5.418  0.483   -8.771  1.00 19.48 ? 477  VAL L C   1 
ATOM   968  O O   . VAL B 2 7   ? -6.431  0.152   -9.426  1.00 21.62 ? 477  VAL L O   1 
ATOM   969  C CB  A VAL B 2 7   ? -4.810  -1.103  -7.030  0.50 24.12 ? 477  VAL L CB  1 
ATOM   970  C CB  B VAL B 2 7   ? -4.797  -1.064  -6.850  0.50 25.28 ? 477  VAL L CB  1 
ATOM   971  C CG1 A VAL B 2 7   ? -4.344  -1.225  -5.632  0.50 24.29 ? 477  VAL L CG1 1 
ATOM   972  C CG1 B VAL B 2 7   ? -5.324  -2.118  -7.767  0.50 25.30 ? 477  VAL L CG1 1 
ATOM   973  C CG2 A VAL B 2 7   ? -5.815  -2.148  -7.375  0.50 26.51 ? 477  VAL L CG2 1 
ATOM   974  C CG2 B VAL B 2 7   ? -3.277  -1.036  -6.915  0.50 23.33 ? 477  VAL L CG2 1 
ATOM   975  N N   . ALA B 2 8   ? -4.331  1.005   -9.351  1.00 22.63 ? 478  ALA L N   1 
ATOM   976  C CA  . ALA B 2 8   ? -4.252  1.249   -10.823 1.00 24.86 ? 478  ALA L CA  1 
ATOM   977  C C   . ALA B 2 8   ? -4.121  -0.041  -11.546 1.00 30.88 ? 478  ALA L C   1 
ATOM   978  O O   . ALA B 2 8   ? -3.406  -0.892  -11.094 1.00 29.55 ? 478  ALA L O   1 
ATOM   979  C CB  . ALA B 2 8   ? -3.030  2.087   -11.166 1.00 23.70 ? 478  ALA L CB  1 
ATOM   980  N N   . ALA B 2 9   ? -4.800  -0.174  -12.689 1.00 32.48 ? 479  ALA L N   1 
ATOM   981  C CA  . ALA B 2 9   ? -4.692  -1.373  -13.534 1.00 34.66 ? 479  ALA L CA  1 
ATOM   982  C C   . ALA B 2 9   ? -3.498  -1.242  -14.474 1.00 33.11 ? 479  ALA L C   1 
ATOM   983  O O   . ALA B 2 9   ? -2.795  -0.235  -14.540 1.00 37.19 ? 479  ALA L O   1 
ATOM   984  C CB  . ALA B 2 9   ? -5.954  -1.575  -14.322 1.00 34.77 ? 479  ALA L CB  1 
ATOM   985  N N   . ASP B 2 10  ? -3.181  -2.161  -15.191 1.00 37.86 ? 480  ASP L N   1 
HETATM 986  C C1  A MPD C 3 .   ? 1.409   -15.880 -7.930  0.50 19.73 ? 1381 MPD A C1  1 
HETATM 987  C C1  B MPD C 3 .   ? 1.322   -15.436 -8.357  0.50 23.18 ? 1381 MPD A C1  1 
HETATM 988  C C2  A MPD C 3 .   ? 0.773   -17.137 -8.495  0.50 27.99 ? 1381 MPD A C2  1 
HETATM 989  C C2  B MPD C 3 .   ? 0.703   -16.554 -9.182  0.50 27.03 ? 1381 MPD A C2  1 
HETATM 990  O O2  A MPD C 3 .   ? 1.509   -17.557 -9.632  0.50 25.64 ? 1381 MPD A O2  1 
HETATM 991  O O2  B MPD C 3 .   ? 0.868   -16.211 -10.534 0.50 34.39 ? 1381 MPD A O2  1 
HETATM 992  C C3  A MPD C 3 .   ? -0.689  -16.839 -8.822  0.50 29.02 ? 1381 MPD A C3  1 
HETATM 993  C C3  B MPD C 3 .   ? -0.768  -16.786 -8.820  0.50 30.49 ? 1381 MPD A C3  1 
HETATM 994  C C4  . MPD C 3 .   ? -1.388  -17.972 -9.573  1.00 35.16 ? 1381 MPD A C4  1 
HETATM 995  C C5  . MPD C 3 .   ? -1.571  -17.622 -11.049 1.00 39.32 ? 1381 MPD A C5  1 
HETATM 996  C C1  . IPA D 4 .   ? 3.585   -8.919  5.182   1.00 42.52 ? 1382 IPA A C1  1 
HETATM 997  C C2  . IPA D 4 .   ? 4.397   -10.149 5.516   1.00 41.25 ? 1382 IPA A C2  1 
HETATM 998  C C3  . IPA D 4 .   ? 5.852   -9.788  5.761   1.00 41.95 ? 1382 IPA A C3  1 
HETATM 999  O O2  . IPA D 4 .   ? 4.302   -11.015 4.418   1.00 41.84 ? 1382 IPA A O2  1 
HETATM 1000 O O   . HOH E 5 .   ? 9.988   -1.364  9.785   0.30 24.47 ? 2001 HOH A O   1 
HETATM 1001 O O   . HOH E 5 .   ? 14.948  1.426   2.006   1.00 37.48 ? 2002 HOH A O   1 
HETATM 1002 O O   . HOH E 5 .   ? 14.734  1.946   8.694   1.00 43.26 ? 2003 HOH A O   1 
HETATM 1003 O O   . HOH E 5 .   ? 10.202  -4.029  9.502   1.00 32.80 ? 2004 HOH A O   1 
HETATM 1004 O O   . HOH E 5 .   ? 8.728   5.767   10.823  1.00 38.22 ? 2005 HOH A O   1 
HETATM 1005 O O   . HOH E 5 .   ? -3.261  -5.295  16.833  1.00 25.39 ? 2006 HOH A O   1 
HETATM 1006 O O   . HOH E 5 .   ? -3.251  -2.402  15.956  0.50 30.50 ? 2007 HOH A O   1 
HETATM 1007 O O   . HOH E 5 .   ? -4.807  4.502   16.270  1.00 33.72 ? 2008 HOH A O   1 
HETATM 1008 O O   . HOH E 5 .   ? -9.754  7.073   6.285   1.00 34.24 ? 2009 HOH A O   1 
HETATM 1009 O O   . HOH E 5 .   ? -7.607  8.071   6.791   1.00 29.77 ? 2010 HOH A O   1 
HETATM 1010 O O   . HOH E 5 .   ? 8.400   16.037  8.616   0.80 28.65 ? 2011 HOH A O   1 
HETATM 1011 O O   . HOH E 5 .   ? 5.990   15.485  3.122   0.50 25.89 ? 2012 HOH A O   1 
HETATM 1012 O O   . HOH E 5 .   ? 6.535   15.250  -0.466  0.60 20.63 ? 2013 HOH A O   1 
HETATM 1013 O O   . HOH E 5 .   ? 5.847   15.532  0.989   0.40 22.98 ? 2014 HOH A O   1 
HETATM 1014 O O   . HOH E 5 .   ? 1.257   12.197  -4.623  0.40 16.14 ? 2015 HOH A O   1 
HETATM 1015 O O   . HOH E 5 .   ? 9.505   12.263  -2.995  1.00 29.92 ? 2016 HOH A O   1 
HETATM 1016 O O   . HOH E 5 .   ? 2.462   9.456   -3.933  1.00 18.67 ? 2017 HOH A O   1 
HETATM 1017 O O   . HOH E 5 .   ? 10.721  8.571   5.105   1.00 14.81 ? 2018 HOH A O   1 
HETATM 1018 O O   . HOH E 5 .   ? 9.624   8.644   -1.698  1.00 15.28 ? 2019 HOH A O   1 
HETATM 1019 O O   . HOH E 5 .   ? -2.743  -7.815  13.275  1.00 29.72 ? 2020 HOH A O   1 
HETATM 1020 O O   . HOH E 5 .   ? -3.003  -2.880  11.670  1.00 31.32 ? 2021 HOH A O   1 
HETATM 1021 O O   . HOH E 5 .   ? -7.134  3.710   12.486  1.00 22.31 ? 2022 HOH A O   1 
HETATM 1022 O O   . HOH E 5 .   ? -6.988  -2.476  14.744  1.00 44.94 ? 2023 HOH A O   1 
HETATM 1023 O O   . HOH E 5 .   ? -8.680  -12.123 6.482   1.00 19.83 ? 2024 HOH A O   1 
HETATM 1024 O O   . HOH E 5 .   ? -2.599  -12.449 10.875  1.00 35.13 ? 2025 HOH A O   1 
HETATM 1025 O O   . HOH E 5 .   ? -4.992  -7.960  10.189  1.00 29.95 ? 2026 HOH A O   1 
HETATM 1026 O O   . HOH E 5 .   ? -3.359  -9.834  10.925  1.00 35.65 ? 2027 HOH A O   1 
HETATM 1027 O O   . HOH E 5 .   ? -1.880  -13.218 7.232   1.00 31.27 ? 2028 HOH A O   1 
HETATM 1028 O O   . HOH E 5 .   ? -2.477  -9.165  8.802   1.00 19.83 ? 2029 HOH A O   1 
HETATM 1029 O O   . HOH E 5 .   ? 3.477   15.840  5.209   0.70 20.86 ? 2030 HOH A O   1 
HETATM 1030 O O   . HOH E 5 .   ? 1.013   16.481  1.443   0.60 16.41 ? 2031 HOH A O   1 
HETATM 1031 O O   . HOH E 5 .   ? -6.307  17.347  1.772   1.00 13.96 ? 2032 HOH A O   1 
HETATM 1032 O O   . HOH E 5 .   ? 0.190   17.559  0.617   0.40 18.40 ? 2033 HOH A O   1 
HETATM 1033 O O   . HOH E 5 .   ? -8.619  7.316   3.133   0.70 28.37 ? 2034 HOH A O   1 
HETATM 1034 O O   . HOH E 5 .   ? -3.991  11.801  -3.027  1.00 34.24 ? 2035 HOH A O   1 
HETATM 1035 O O   . HOH E 5 .   ? -6.324  8.915   3.392   1.00 19.68 ? 2036 HOH A O   1 
HETATM 1036 O O   . HOH E 5 .   ? -0.744  13.447  2.612   1.00 14.85 ? 2037 HOH A O   1 
HETATM 1037 O O   . HOH E 5 .   ? -5.277  11.477  -6.385  1.00 39.89 ? 2038 HOH A O   1 
HETATM 1038 O O   . HOH E 5 .   ? -8.557  -7.550  2.231   0.66 20.58 ? 2039 HOH A O   1 
HETATM 1039 O O   . HOH E 5 .   ? -6.757  -4.140  4.046   0.50 15.49 ? 2040 HOH A O   1 
HETATM 1040 O O   . HOH E 5 .   ? -6.911  -4.680  -3.834  1.00 18.96 ? 2041 HOH A O   1 
HETATM 1041 O O   . HOH E 5 .   ? -9.896  -7.669  -0.181  0.80 25.06 ? 2042 HOH A O   1 
HETATM 1042 O O   . HOH E 5 .   ? -5.189  -16.176 4.092   1.00 35.48 ? 2043 HOH A O   1 
HETATM 1043 O O   . HOH E 5 .   ? -8.837  -20.561 -0.923  1.00 22.19 ? 2044 HOH A O   1 
HETATM 1044 O O   . HOH E 5 .   ? -7.286  -23.813 -0.750  1.00 33.14 ? 2045 HOH A O   1 
HETATM 1045 O O   . HOH E 5 .   ? -6.170  -18.492 2.367   1.00 24.62 ? 2046 HOH A O   1 
HETATM 1046 O O   . HOH E 5 .   ? -7.686  -23.158 -3.378  1.00 46.74 ? 2047 HOH A O   1 
HETATM 1047 O O   . HOH E 5 .   ? -2.531  -18.042 3.192   1.00 35.22 ? 2048 HOH A O   1 
HETATM 1048 O O   . HOH E 5 .   ? 2.830   -18.316 -4.223  1.00 39.59 ? 2049 HOH A O   1 
HETATM 1049 O O   . HOH E 5 .   ? 3.647   -16.795 -0.732  0.40 22.79 ? 2050 HOH A O   1 
HETATM 1050 O O   . HOH E 5 .   ? 3.516   -17.397 -2.137  0.60 14.59 ? 2051 HOH A O   1 
HETATM 1051 O O   . HOH E 5 .   ? 5.437   -12.529 1.663   1.00 20.43 ? 2052 HOH A O   1 
HETATM 1052 O O   . HOH E 5 .   ? 2.955   -16.115 2.791   0.50 32.08 ? 2053 HOH A O   1 
HETATM 1053 O O   . HOH E 5 .   ? 2.213   -12.888 4.998   1.00 39.20 ? 2054 HOH A O   1 
HETATM 1054 O O   . HOH E 5 .   ? 5.576   -14.661 2.044   0.50 21.42 ? 2055 HOH A O   1 
HETATM 1055 O O   . HOH E 5 .   ? -7.761  -7.942  -3.798  1.00 47.57 ? 2056 HOH A O   1 
HETATM 1056 O O   . HOH E 5 .   ? -6.038  -10.165 -7.452  1.00 18.13 ? 2057 HOH A O   1 
HETATM 1057 O O   . HOH E 5 .   ? -5.318  -4.547  -11.241 1.00 15.18 ? 2058 HOH A O   1 
HETATM 1058 O O   . HOH E 5 .   ? -0.382  -1.470  -16.597 1.00 35.79 ? 2059 HOH A O   1 
HETATM 1059 O O   . HOH E 5 .   ? -6.859  -12.005 -8.605  1.00 37.65 ? 2060 HOH A O   1 
HETATM 1060 O O   . HOH E 5 .   ? 9.850   -13.030 -3.546  1.00 14.16 ? 2061 HOH A O   1 
HETATM 1061 O O   . HOH E 5 .   ? 11.298  -4.844  -1.272  1.00 21.96 ? 2062 HOH A O   1 
HETATM 1062 O O   . HOH E 5 .   ? 10.752  -9.482  -5.677  1.00 29.76 ? 2063 HOH A O   1 
HETATM 1063 O O   . HOH E 5 .   ? 11.995  -11.461 -3.331  1.00 14.88 ? 2064 HOH A O   1 
HETATM 1064 O O   . HOH E 5 .   ? 7.992   -7.793  -8.821  1.00 19.52 ? 2065 HOH A O   1 
HETATM 1065 O O   . HOH E 5 .   ? 3.602   -12.675 -9.941  1.00 30.14 ? 2066 HOH A O   1 
HETATM 1066 O O   . HOH E 5 .   ? 9.536   -11.323 -9.322  1.00 35.10 ? 2067 HOH A O   1 
HETATM 1067 O O   . HOH E 5 .   ? 7.207   -14.351 -10.553 1.00 29.49 ? 2068 HOH A O   1 
HETATM 1068 O O   . HOH E 5 .   ? 6.484   -3.768  -12.463 1.00 27.12 ? 2069 HOH A O   1 
HETATM 1069 O O   . HOH E 5 .   ? 9.807   3.690   -7.701  1.00 22.87 ? 2070 HOH A O   1 
HETATM 1070 O O   . HOH E 5 .   ? 11.802  -1.335  -0.021  0.60 18.01 ? 2071 HOH A O   1 
HETATM 1071 O O   . HOH E 5 .   ? -0.085  -0.295  -12.974 1.00 19.55 ? 2072 HOH A O   1 
HETATM 1072 O O   . HOH E 5 .   ? -2.995  14.255  -10.448 1.00 41.01 ? 2073 HOH A O   1 
HETATM 1073 O O   . HOH E 5 .   ? -6.979  14.888  -17.844 1.00 26.62 ? 2074 HOH A O   1 
HETATM 1074 O O   . HOH E 5 .   ? -7.081  4.170   15.318  1.00 37.88 ? 2075 HOH A O   1 
HETATM 1075 O O   . HOH E 5 .   ? -7.314  7.723   9.690   1.00 35.47 ? 2076 HOH A O   1 
HETATM 1076 O O   . HOH E 5 .   ? 9.782   15.706  -1.557  1.00 38.78 ? 2077 HOH A O   1 
HETATM 1077 O O   . HOH E 5 .   ? 0.780   4.811   -18.814 1.00 39.79 ? 2078 HOH A O   1 
HETATM 1078 O O   . HOH E 5 .   ? 3.134   11.024  -13.767 1.00 43.15 ? 2079 HOH A O   1 
HETATM 1079 O O   . HOH E 5 .   ? 4.326   8.121   -5.384  1.00 17.23 ? 2080 HOH A O   1 
HETATM 1080 O O   . HOH E 5 .   ? 5.500   8.457   -7.878  1.00 28.47 ? 2081 HOH A O   1 
HETATM 1081 O O   . HOH E 5 .   ? 12.434  3.020   -5.802  1.00 30.02 ? 2082 HOH A O   1 
HETATM 1082 O O   . HOH E 5 .   ? -2.424  -15.771 7.901   1.00 36.59 ? 2083 HOH A O   1 
HETATM 1083 O O   . HOH E 5 .   ? 12.908  1.248   0.497   0.60 16.54 ? 2084 HOH A O   1 
HETATM 1084 O O   . HOH E 5 .   ? 11.755  -0.083  0.234   0.40 13.03 ? 2085 HOH A O   1 
HETATM 1085 O O   . HOH E 5 .   ? 11.834  1.809   7.704   1.00 36.23 ? 2086 HOH A O   1 
HETATM 1086 O O   . HOH E 5 .   ? 16.899  5.893   7.757   1.00 28.98 ? 2087 HOH A O   1 
HETATM 1087 O O   . HOH E 5 .   ? 15.241  6.199   10.038  1.00 27.10 ? 2088 HOH A O   1 
HETATM 1088 O O   . HOH E 5 .   ? -8.355  15.810  0.342   1.00 44.68 ? 2089 HOH A O   1 
HETATM 1089 O O   . HOH E 5 .   ? 5.694   -15.551 1.192   0.50 23.01 ? 2090 HOH A O   1 
HETATM 1090 O O   . HOH E 5 .   ? 10.398  -8.910  -8.085  1.00 25.20 ? 2091 HOH A O   1 
HETATM 1091 O O   . HOH E 5 .   ? 6.131   -8.950  -10.717 1.00 45.93 ? 2092 HOH A O   1 
HETATM 1092 O O   . HOH F 5 .   ? -13.998 -1.229  7.360   0.50 31.06 ? 2001 HOH L O   1 
HETATM 1093 O O   . HOH F 5 .   ? -12.304 5.790   5.436   1.00 39.44 ? 2002 HOH L O   1 
HETATM 1094 O O   . HOH F 5 .   ? -8.360  5.475   1.754   1.00 39.00 ? 2003 HOH L O   1 
HETATM 1095 O O   . HOH F 5 .   ? -7.145  8.655   -0.537  1.00 27.32 ? 2004 HOH L O   1 
HETATM 1096 O O   . HOH F 5 .   ? -7.615  -1.205  -2.457  1.00 16.37 ? 2005 HOH L O   1 
HETATM 1097 O O   . HOH F 5 .   ? -8.073  7.583   -4.411  1.00 34.62 ? 2006 HOH L O   1 
HETATM 1098 O O   . HOH F 5 .   ? -5.612  4.022   -9.731  1.00 35.66 ? 2007 HOH L O   1 
HETATM 1099 O O   . HOH F 5 .   ? -9.788  5.454   -5.551  1.00 28.80 ? 2008 HOH L O   1 
HETATM 1100 O O   . HOH F 5 .   ? -8.027  -2.102  -5.275  1.00 35.05 ? 2009 HOH L O   1 
HETATM 1101 O O   . HOH F 5 .   ? -2.740  -3.135  -10.239 1.00 28.64 ? 2010 HOH L O   1 
HETATM 1102 O O   . HOH F 5 .   ? -3.123  1.334   -17.066 1.00 35.84 ? 2011 HOH L O   1 
# 
